data_2EEA
#
_entry.id   2EEA
#
_entity_poly.entity_id   1
_entity_poly.type   'polypeptide(L)'
_entity_poly.pdbx_seq_one_letter_code
;GSSGSSGPESPLQFYVNYPNSGSVSAYGPGLVYGVANKTATFTIVTEDAGEGGLDLAIEGPSKAEISCIDNKDGTCTVTY
LPTLPGDYSILVKYNDKHIPGSPFTAKITDDSRRC
;
_entity_poly.pdbx_strand_id   A
#
# COMPACT_ATOMS: atom_id res chain seq x y z
N GLY A 1 2.64 45.79 8.53
CA GLY A 1 2.30 45.32 7.20
C GLY A 1 1.44 44.06 7.24
N SER A 2 0.61 43.89 6.20
CA SER A 2 -0.27 42.73 6.12
C SER A 2 -0.59 42.40 4.67
N SER A 3 -0.64 41.11 4.36
CA SER A 3 -0.94 40.66 3.00
C SER A 3 -1.75 39.37 3.02
N GLY A 4 -2.35 39.03 1.89
CA GLY A 4 -3.15 37.83 1.80
C GLY A 4 -4.23 37.92 0.73
N SER A 5 -4.21 36.98 -0.21
CA SER A 5 -5.18 36.96 -1.29
C SER A 5 -5.97 35.65 -1.28
N SER A 6 -7.25 35.73 -1.65
CA SER A 6 -8.12 34.55 -1.68
C SER A 6 -7.59 33.53 -2.68
N GLY A 7 -7.18 34.01 -3.85
CA GLY A 7 -6.66 33.12 -4.87
C GLY A 7 -7.58 33.01 -6.07
N PRO A 8 -7.03 32.59 -7.22
CA PRO A 8 -7.79 32.44 -8.45
C PRO A 8 -8.78 31.28 -8.40
N GLU A 9 -9.75 31.29 -9.31
CA GLU A 9 -10.77 30.23 -9.35
C GLU A 9 -11.48 30.23 -10.69
N SER A 10 -12.00 29.07 -11.08
CA SER A 10 -12.71 28.93 -12.34
C SER A 10 -13.89 27.96 -12.20
N PRO A 11 -14.91 28.14 -13.06
CA PRO A 11 -16.10 27.30 -13.05
C PRO A 11 -15.82 25.88 -13.54
N LEU A 12 -16.88 25.09 -13.69
CA LEU A 12 -16.74 23.71 -14.15
C LEU A 12 -15.44 23.10 -13.65
N GLN A 13 -15.09 23.39 -12.39
CA GLN A 13 -13.88 22.87 -11.79
C GLN A 13 -13.61 21.43 -12.27
N PHE A 14 -12.60 21.28 -13.12
CA PHE A 14 -12.23 19.97 -13.65
C PHE A 14 -10.72 19.84 -13.78
N TYR A 15 -10.17 18.79 -13.16
CA TYR A 15 -8.74 18.55 -13.20
C TYR A 15 -8.43 17.21 -13.85
N VAL A 16 -7.70 17.24 -14.95
CA VAL A 16 -7.34 16.02 -15.67
C VAL A 16 -5.87 15.67 -15.46
N ASN A 17 -5.59 14.39 -15.30
CA ASN A 17 -4.22 13.92 -15.09
C ASN A 17 -3.68 13.22 -16.33
N TYR A 18 -2.36 13.17 -16.46
CA TYR A 18 -1.72 12.52 -17.59
C TYR A 18 -1.07 11.22 -17.19
N PRO A 19 -1.05 10.25 -18.11
CA PRO A 19 -0.46 8.93 -17.87
C PRO A 19 1.06 8.99 -17.77
N ASN A 20 1.65 10.00 -18.40
CA ASN A 20 3.10 10.18 -18.38
C ASN A 20 3.67 9.87 -16.99
N SER A 21 3.10 10.51 -15.97
CA SER A 21 3.55 10.31 -14.60
C SER A 21 2.60 9.39 -13.84
N GLY A 22 3.00 8.13 -13.68
CA GLY A 22 2.18 7.18 -12.98
C GLY A 22 3.00 6.15 -12.21
N SER A 23 2.99 6.26 -10.88
CA SER A 23 3.74 5.34 -10.04
C SER A 23 2.92 4.95 -8.82
N VAL A 24 3.25 3.79 -8.24
CA VAL A 24 2.55 3.29 -7.06
C VAL A 24 3.52 3.03 -5.92
N SER A 25 3.23 3.62 -4.76
CA SER A 25 4.08 3.45 -3.58
C SER A 25 3.30 2.82 -2.44
N ALA A 26 4.03 2.32 -1.44
CA ALA A 26 3.41 1.69 -0.28
C ALA A 26 4.09 2.11 1.01
N TYR A 27 3.30 2.41 2.03
CA TYR A 27 3.83 2.84 3.32
C TYR A 27 2.88 2.46 4.46
N GLY A 28 3.40 2.47 5.67
CA GLY A 28 2.58 2.13 6.82
C GLY A 28 3.35 1.36 7.88
N PRO A 29 2.79 1.28 9.09
CA PRO A 29 3.42 0.58 10.21
C PRO A 29 3.41 -0.94 10.00
N GLY A 30 2.86 -1.38 8.88
CA GLY A 30 2.81 -2.80 8.59
C GLY A 30 3.94 -3.25 7.69
N LEU A 31 4.53 -2.30 6.95
CA LEU A 31 5.62 -2.61 6.04
C LEU A 31 6.97 -2.26 6.68
N VAL A 32 6.94 -1.39 7.68
CA VAL A 32 8.15 -0.98 8.38
C VAL A 32 8.52 -1.98 9.48
N TYR A 33 7.52 -2.42 10.23
CA TYR A 33 7.73 -3.37 11.31
C TYR A 33 6.40 -3.96 11.79
N GLY A 34 6.48 -4.88 12.74
CA GLY A 34 5.29 -5.50 13.27
C GLY A 34 5.56 -6.32 14.52
N VAL A 35 4.54 -7.02 15.01
CA VAL A 35 4.68 -7.84 16.20
C VAL A 35 4.11 -9.24 15.98
N ALA A 36 4.87 -10.25 16.37
CA ALA A 36 4.44 -11.63 16.21
C ALA A 36 3.00 -11.82 16.68
N ASN A 37 2.20 -12.49 15.86
CA ASN A 37 0.80 -12.73 16.19
C ASN A 37 0.09 -11.43 16.54
N LYS A 38 0.31 -10.40 15.73
CA LYS A 38 -0.30 -9.09 15.95
C LYS A 38 -0.85 -8.53 14.65
N THR A 39 -1.97 -7.81 14.75
CA THR A 39 -2.60 -7.21 13.57
C THR A 39 -1.72 -6.13 12.97
N ALA A 40 -1.44 -6.24 11.68
CA ALA A 40 -0.61 -5.26 10.98
C ALA A 40 -1.14 -4.99 9.57
N THR A 41 -1.37 -3.73 9.26
CA THR A 41 -1.88 -3.34 7.94
C THR A 41 -1.18 -2.09 7.43
N PHE A 42 -1.19 -1.91 6.11
CA PHE A 42 -0.55 -0.75 5.50
C PHE A 42 -1.41 -0.21 4.35
N THR A 43 -1.07 1.00 3.91
CA THR A 43 -1.81 1.64 2.82
C THR A 43 -0.97 1.72 1.55
N ILE A 44 -1.64 1.82 0.41
CA ILE A 44 -0.94 1.90 -0.87
C ILE A 44 -1.49 3.05 -1.72
N VAL A 45 -0.59 3.86 -2.27
CA VAL A 45 -0.98 4.99 -3.10
C VAL A 45 -1.20 4.55 -4.55
N THR A 46 -2.31 4.99 -5.14
CA THR A 46 -2.63 4.65 -6.52
C THR A 46 -3.85 5.42 -7.01
N GLU A 47 -3.62 6.30 -7.98
CA GLU A 47 -4.70 7.11 -8.54
C GLU A 47 -4.61 7.18 -10.07
N ASP A 48 -5.66 6.75 -10.74
CA ASP A 48 -5.69 6.76 -12.20
C ASP A 48 -4.48 6.03 -12.77
N ALA A 49 -4.12 4.91 -12.15
CA ALA A 49 -2.98 4.13 -12.61
C ALA A 49 -3.36 3.24 -13.79
N GLY A 50 -4.49 2.56 -13.67
CA GLY A 50 -4.96 1.69 -14.73
C GLY A 50 -5.45 0.34 -14.22
N GLU A 51 -6.71 0.02 -14.49
CA GLU A 51 -7.29 -1.23 -14.05
C GLU A 51 -6.58 -2.42 -14.70
N GLY A 52 -5.50 -2.88 -14.06
CA GLY A 52 -4.75 -4.00 -14.58
C GLY A 52 -4.85 -5.23 -13.70
N GLY A 53 -3.90 -5.36 -12.78
CA GLY A 53 -3.90 -6.50 -11.87
C GLY A 53 -2.84 -6.37 -10.79
N LEU A 54 -3.28 -6.10 -9.57
CA LEU A 54 -2.36 -5.96 -8.43
C LEU A 54 -2.12 -7.30 -7.76
N ASP A 55 -0.85 -7.65 -7.57
CA ASP A 55 -0.47 -8.90 -6.93
C ASP A 55 0.39 -8.65 -5.70
N LEU A 56 0.05 -9.31 -4.60
CA LEU A 56 0.79 -9.15 -3.35
C LEU A 56 1.23 -10.51 -2.81
N ALA A 57 2.47 -10.59 -2.34
CA ALA A 57 3.01 -11.82 -1.80
C ALA A 57 4.16 -11.54 -0.83
N ILE A 58 4.04 -12.05 0.39
CA ILE A 58 5.06 -11.85 1.41
C ILE A 58 5.75 -13.17 1.76
N GLU A 59 7.05 -13.10 2.01
CA GLU A 59 7.83 -14.29 2.35
C GLU A 59 8.59 -14.07 3.65
N GLY A 60 9.16 -15.15 4.18
CA GLY A 60 9.93 -15.07 5.41
C GLY A 60 10.11 -16.41 6.08
N PRO A 61 10.38 -16.40 7.39
CA PRO A 61 10.60 -17.62 8.17
C PRO A 61 9.31 -18.42 8.36
N SER A 62 8.18 -17.79 8.04
CA SER A 62 6.89 -18.44 8.18
C SER A 62 5.89 -17.88 7.17
N LYS A 63 5.07 -18.76 6.60
CA LYS A 63 4.07 -18.35 5.63
C LYS A 63 2.97 -17.52 6.29
N ALA A 64 2.71 -16.33 5.75
CA ALA A 64 1.69 -15.45 6.29
C ALA A 64 0.54 -15.27 5.30
N GLU A 65 -0.67 -15.19 5.82
CA GLU A 65 -1.85 -15.02 4.98
C GLU A 65 -2.06 -13.55 4.62
N ILE A 66 -2.74 -13.31 3.50
CA ILE A 66 -3.01 -11.96 3.05
C ILE A 66 -4.46 -11.80 2.61
N SER A 67 -5.09 -10.72 3.06
CA SER A 67 -6.49 -10.45 2.71
C SER A 67 -6.63 -9.07 2.08
N CYS A 68 -5.71 -8.75 1.17
CA CYS A 68 -5.74 -7.46 0.49
C CYS A 68 -7.16 -7.05 0.16
N ILE A 69 -7.45 -5.76 0.28
CA ILE A 69 -8.78 -5.24 -0.02
C ILE A 69 -8.71 -4.11 -1.05
N ASP A 70 -9.65 -4.13 -2.00
CA ASP A 70 -9.70 -3.10 -3.04
C ASP A 70 -10.77 -2.07 -2.72
N ASN A 71 -10.35 -0.82 -2.55
CA ASN A 71 -11.27 0.26 -2.24
C ASN A 71 -11.41 1.20 -3.43
N LYS A 72 -12.41 2.09 -3.37
CA LYS A 72 -12.66 3.04 -4.44
C LYS A 72 -12.71 4.46 -3.89
N ASP A 73 -11.87 4.74 -2.90
CA ASP A 73 -11.82 6.08 -2.29
C ASP A 73 -10.56 6.82 -2.73
N GLY A 74 -9.43 6.14 -2.69
CA GLY A 74 -8.17 6.74 -3.08
C GLY A 74 -6.99 5.82 -2.90
N THR A 75 -7.06 4.96 -1.89
CA THR A 75 -5.98 4.03 -1.60
C THR A 75 -6.53 2.65 -1.24
N CYS A 76 -5.67 1.64 -1.28
CA CYS A 76 -6.07 0.28 -0.96
C CYS A 76 -5.72 -0.06 0.49
N THR A 77 -6.37 -1.09 1.03
CA THR A 77 -6.13 -1.52 2.40
C THR A 77 -5.82 -3.02 2.46
N VAL A 78 -4.59 -3.35 2.85
CA VAL A 78 -4.18 -4.74 2.95
C VAL A 78 -3.87 -5.12 4.40
N THR A 79 -4.62 -6.07 4.93
CA THR A 79 -4.43 -6.52 6.30
C THR A 79 -3.83 -7.92 6.34
N TYR A 80 -2.92 -8.15 7.28
CA TYR A 80 -2.28 -9.46 7.42
C TYR A 80 -1.84 -9.70 8.86
N LEU A 81 -1.51 -10.94 9.17
CA LEU A 81 -1.08 -11.30 10.52
C LEU A 81 0.09 -12.27 10.47
N PRO A 82 1.23 -11.86 11.04
CA PRO A 82 2.45 -12.67 11.08
C PRO A 82 2.31 -13.87 12.01
N THR A 83 3.18 -14.87 11.82
CA THR A 83 3.16 -16.07 12.64
C THR A 83 4.42 -16.18 13.49
N LEU A 84 5.52 -15.66 12.97
CA LEU A 84 6.80 -15.71 13.68
C LEU A 84 7.61 -14.44 13.41
N PRO A 85 8.34 -13.98 14.43
CA PRO A 85 9.18 -12.78 14.33
C PRO A 85 10.39 -13.01 13.44
N GLY A 86 10.66 -12.05 12.55
CA GLY A 86 11.79 -12.16 11.65
C GLY A 86 11.65 -11.29 10.42
N ASP A 87 12.74 -11.11 9.70
CA ASP A 87 12.73 -10.28 8.49
C ASP A 87 11.83 -10.88 7.42
N TYR A 88 10.75 -10.18 7.11
CA TYR A 88 9.80 -10.66 6.10
C TYR A 88 10.06 -9.99 4.75
N SER A 89 10.24 -10.81 3.72
CA SER A 89 10.49 -10.30 2.38
C SER A 89 9.18 -10.01 1.65
N ILE A 90 8.72 -8.77 1.74
CA ILE A 90 7.49 -8.37 1.08
C ILE A 90 7.71 -8.12 -0.41
N LEU A 91 6.84 -8.71 -1.23
CA LEU A 91 6.94 -8.55 -2.68
C LEU A 91 5.62 -8.05 -3.26
N VAL A 92 5.69 -6.98 -4.05
CA VAL A 92 4.50 -6.41 -4.67
C VAL A 92 4.77 -6.06 -6.13
N LYS A 93 3.88 -6.52 -7.01
CA LYS A 93 4.01 -6.26 -8.43
C LYS A 93 2.78 -5.52 -8.96
N TYR A 94 2.99 -4.73 -10.02
CA TYR A 94 1.90 -3.97 -10.62
C TYR A 94 1.92 -4.09 -12.15
N ASN A 95 0.90 -4.71 -12.70
CA ASN A 95 0.81 -4.90 -14.14
C ASN A 95 2.05 -5.58 -14.69
N ASP A 96 2.51 -6.62 -14.00
CA ASP A 96 3.70 -7.35 -14.41
C ASP A 96 4.95 -6.49 -14.30
N LYS A 97 4.95 -5.60 -13.30
CA LYS A 97 6.08 -4.70 -13.08
C LYS A 97 6.22 -4.37 -11.60
N HIS A 98 7.31 -4.82 -11.00
CA HIS A 98 7.57 -4.57 -9.58
C HIS A 98 7.50 -3.08 -9.27
N ILE A 99 7.17 -2.74 -8.03
CA ILE A 99 7.07 -1.35 -7.62
C ILE A 99 8.44 -0.78 -7.25
N PRO A 100 8.60 0.54 -7.43
CA PRO A 100 9.86 1.24 -7.13
C PRO A 100 10.13 1.30 -5.63
N GLY A 101 11.02 0.44 -5.16
CA GLY A 101 11.37 0.43 -3.75
C GLY A 101 11.39 -0.97 -3.18
N SER A 102 10.77 -1.92 -3.88
CA SER A 102 10.73 -3.30 -3.43
C SER A 102 11.92 -4.08 -3.96
N PRO A 103 12.22 -5.22 -3.32
CA PRO A 103 11.44 -5.71 -2.18
C PRO A 103 11.65 -4.85 -0.93
N PHE A 104 10.71 -4.94 0.00
CA PHE A 104 10.78 -4.16 1.23
C PHE A 104 11.21 -5.05 2.41
N THR A 105 11.86 -4.44 3.39
CA THR A 105 12.32 -5.17 4.56
C THR A 105 11.69 -4.63 5.84
N ALA A 106 11.00 -5.50 6.57
CA ALA A 106 10.35 -5.10 7.81
C ALA A 106 10.97 -5.81 9.00
N LYS A 107 11.10 -5.07 10.11
CA LYS A 107 11.68 -5.63 11.33
C LYS A 107 10.60 -5.98 12.35
N ILE A 108 10.23 -7.26 12.40
CA ILE A 108 9.21 -7.71 13.33
C ILE A 108 9.83 -8.37 14.56
N THR A 109 9.20 -8.17 15.72
CA THR A 109 9.69 -8.74 16.96
C THR A 109 8.61 -9.56 17.66
N ASP A 110 8.93 -10.06 18.85
CA ASP A 110 7.98 -10.87 19.62
C ASP A 110 7.87 -10.34 21.04
N ASP A 111 6.65 -10.10 21.49
CA ASP A 111 6.41 -9.60 22.84
C ASP A 111 5.41 -10.50 23.57
N SER A 112 5.94 -11.49 24.29
CA SER A 112 5.10 -12.42 25.03
C SER A 112 5.19 -12.15 26.53
N ARG A 113 6.41 -12.20 27.06
CA ARG A 113 6.63 -11.97 28.48
C ARG A 113 6.11 -10.60 28.90
N ARG A 114 5.37 -10.55 30.00
CA ARG A 114 4.80 -9.30 30.50
C ARG A 114 5.84 -8.54 31.32
N CYS A 115 6.54 -7.62 30.67
CA CYS A 115 7.56 -6.82 31.35
C CYS A 115 6.92 -5.81 32.28
N GLY A 1 0.13 18.17 1.49
CA GLY A 1 0.26 18.28 2.92
C GLY A 1 -0.90 17.64 3.66
N SER A 2 -0.68 16.45 4.19
CA SER A 2 -1.71 15.73 4.93
C SER A 2 -1.95 16.36 6.29
N SER A 3 -0.87 16.58 7.04
CA SER A 3 -0.97 17.19 8.36
C SER A 3 -1.34 18.66 8.26
N GLY A 4 -2.27 19.09 9.12
CA GLY A 4 -2.70 20.47 9.10
C GLY A 4 -3.59 20.80 10.28
N SER A 5 -4.46 21.81 10.10
CA SER A 5 -5.37 22.23 11.16
C SER A 5 -6.81 21.93 10.78
N SER A 6 -7.21 22.38 9.59
CA SER A 6 -8.56 22.17 9.11
C SER A 6 -8.98 20.70 9.26
N GLY A 7 -8.28 19.82 8.55
CA GLY A 7 -8.58 18.41 8.62
C GLY A 7 -9.94 18.08 8.03
N PRO A 8 -9.99 17.95 6.70
CA PRO A 8 -11.24 17.64 5.98
C PRO A 8 -11.70 16.20 6.23
N GLU A 9 -12.95 15.92 5.87
CA GLU A 9 -13.51 14.58 6.06
C GLU A 9 -13.59 13.84 4.73
N SER A 10 -13.48 14.58 3.63
CA SER A 10 -13.54 13.99 2.30
C SER A 10 -12.73 14.81 1.30
N PRO A 11 -12.05 14.11 0.38
CA PRO A 11 -11.23 14.75 -0.64
C PRO A 11 -12.05 15.50 -1.67
N LEU A 12 -12.01 16.82 -1.61
CA LEU A 12 -12.76 17.66 -2.55
C LEU A 12 -11.90 18.80 -3.08
N GLN A 13 -11.12 18.52 -4.11
CA GLN A 13 -10.24 19.52 -4.70
C GLN A 13 -9.94 19.18 -6.16
N PHE A 14 -10.46 20.00 -7.07
CA PHE A 14 -10.25 19.79 -8.50
C PHE A 14 -9.23 20.79 -9.05
N TYR A 15 -8.53 20.38 -10.11
CA TYR A 15 -7.53 21.24 -10.73
C TYR A 15 -6.31 21.40 -9.82
N VAL A 16 -5.88 20.30 -9.21
CA VAL A 16 -4.72 20.32 -8.32
C VAL A 16 -3.64 19.35 -8.79
N ASN A 17 -2.42 19.84 -8.88
CA ASN A 17 -1.30 19.01 -9.33
C ASN A 17 -0.66 18.29 -8.15
N TYR A 18 0.11 17.24 -8.44
CA TYR A 18 0.78 16.46 -7.40
C TYR A 18 2.27 16.32 -7.71
N PRO A 19 3.07 16.15 -6.64
CA PRO A 19 4.52 16.00 -6.77
C PRO A 19 4.91 14.66 -7.39
N ASN A 20 4.03 13.67 -7.28
CA ASN A 20 4.28 12.35 -7.84
C ASN A 20 3.53 12.17 -9.16
N SER A 21 4.21 12.43 -10.26
CA SER A 21 3.61 12.29 -11.58
C SER A 21 3.49 10.82 -11.98
N GLY A 22 2.28 10.29 -11.94
CA GLY A 22 2.05 8.90 -12.30
C GLY A 22 3.08 7.97 -11.68
N SER A 23 2.74 7.38 -10.54
CA SER A 23 3.65 6.48 -9.85
C SER A 23 2.96 5.84 -8.64
N VAL A 24 3.47 4.68 -8.22
CA VAL A 24 2.90 3.97 -7.09
C VAL A 24 3.82 4.07 -5.87
N SER A 25 3.22 4.01 -4.68
CA SER A 25 3.97 4.10 -3.44
C SER A 25 3.24 3.38 -2.30
N ALA A 26 4.00 2.62 -1.52
CA ALA A 26 3.42 1.89 -0.40
C ALA A 26 4.03 2.33 0.93
N TYR A 27 3.17 2.71 1.87
CA TYR A 27 3.63 3.17 3.18
C TYR A 27 2.70 2.68 4.27
N GLY A 28 3.27 2.38 5.44
CA GLY A 28 2.47 1.90 6.56
C GLY A 28 3.31 1.21 7.62
N PRO A 29 2.77 1.13 8.83
CA PRO A 29 3.46 0.49 9.96
C PRO A 29 3.56 -1.02 9.80
N GLY A 30 2.98 -1.53 8.72
CA GLY A 30 3.02 -2.96 8.46
C GLY A 30 4.15 -3.36 7.53
N LEU A 31 4.70 -2.39 6.83
CA LEU A 31 5.80 -2.63 5.90
C LEU A 31 7.14 -2.37 6.57
N VAL A 32 7.17 -1.39 7.47
CA VAL A 32 8.39 -1.05 8.18
C VAL A 32 8.76 -2.12 9.20
N TYR A 33 7.78 -2.52 10.00
CA TYR A 33 8.00 -3.54 11.03
C TYR A 33 6.68 -4.03 11.59
N GLY A 34 6.75 -4.95 12.56
CA GLY A 34 5.55 -5.49 13.17
C GLY A 34 5.85 -6.29 14.43
N VAL A 35 4.91 -7.13 14.82
CA VAL A 35 5.08 -7.96 16.01
C VAL A 35 4.40 -9.31 15.85
N ALA A 36 5.04 -10.35 16.37
CA ALA A 36 4.51 -11.71 16.28
C ALA A 36 3.03 -11.74 16.69
N ASN A 37 2.19 -12.28 15.82
CA ASN A 37 0.76 -12.38 16.10
C ASN A 37 0.18 -11.00 16.42
N LYS A 38 0.58 -10.00 15.63
CA LYS A 38 0.10 -8.63 15.83
C LYS A 38 -0.49 -8.08 14.53
N THR A 39 -1.52 -7.25 14.68
CA THR A 39 -2.17 -6.65 13.52
C THR A 39 -1.23 -5.68 12.80
N ALA A 40 -0.98 -5.95 11.53
CA ALA A 40 -0.10 -5.11 10.71
C ALA A 40 -0.67 -4.90 9.32
N THR A 41 -0.95 -3.65 8.97
CA THR A 41 -1.50 -3.32 7.67
C THR A 41 -0.84 -2.07 7.09
N PHE A 42 -1.09 -1.81 5.82
CA PHE A 42 -0.52 -0.65 5.14
C PHE A 42 -1.46 -0.13 4.06
N THR A 43 -1.20 1.09 3.59
CA THR A 43 -2.02 1.70 2.55
C THR A 43 -1.22 1.92 1.28
N ILE A 44 -1.76 1.48 0.15
CA ILE A 44 -1.10 1.63 -1.13
C ILE A 44 -1.77 2.71 -1.97
N VAL A 45 -0.99 3.69 -2.40
CA VAL A 45 -1.50 4.78 -3.22
C VAL A 45 -1.69 4.34 -4.66
N THR A 46 -2.95 4.33 -5.11
CA THR A 46 -3.27 3.93 -6.47
C THR A 46 -4.10 5.00 -7.18
N GLU A 47 -3.71 6.26 -6.99
CA GLU A 47 -4.39 7.38 -7.61
C GLU A 47 -4.19 7.38 -9.13
N ASP A 48 -3.02 6.90 -9.55
CA ASP A 48 -2.69 6.84 -10.97
C ASP A 48 -2.26 5.44 -11.37
N ALA A 49 -3.01 4.44 -10.91
CA ALA A 49 -2.71 3.04 -11.22
C ALA A 49 -3.68 2.49 -12.26
N GLY A 50 -4.96 2.85 -12.11
CA GLY A 50 -5.96 2.37 -13.04
C GLY A 50 -6.49 1.00 -12.67
N GLU A 51 -6.47 0.08 -13.64
CA GLU A 51 -6.95 -1.27 -13.43
C GLU A 51 -6.24 -2.25 -14.36
N GLY A 52 -5.62 -3.27 -13.77
CA GLY A 52 -4.92 -4.26 -14.57
C GLY A 52 -4.80 -5.60 -13.85
N GLY A 53 -3.72 -5.76 -13.10
CA GLY A 53 -3.51 -7.00 -12.37
C GLY A 53 -2.44 -6.87 -11.30
N LEU A 54 -2.89 -6.67 -10.06
CA LEU A 54 -1.96 -6.53 -8.94
C LEU A 54 -1.71 -7.87 -8.27
N ASP A 55 -0.53 -8.02 -7.66
CA ASP A 55 -0.17 -9.25 -6.98
C ASP A 55 0.56 -8.96 -5.68
N LEU A 56 0.36 -9.81 -4.68
CA LEU A 56 1.00 -9.65 -3.38
C LEU A 56 1.45 -10.99 -2.82
N ALA A 57 2.65 -11.02 -2.25
CA ALA A 57 3.20 -12.23 -1.68
C ALA A 57 4.32 -11.92 -0.69
N ILE A 58 4.14 -12.34 0.56
CA ILE A 58 5.13 -12.10 1.59
C ILE A 58 5.88 -13.39 1.95
N GLU A 59 7.19 -13.28 2.11
CA GLU A 59 8.02 -14.43 2.45
C GLU A 59 8.67 -14.25 3.81
N GLY A 60 9.30 -15.31 4.32
CA GLY A 60 9.95 -15.24 5.61
C GLY A 60 9.97 -16.58 6.31
N PRO A 61 10.14 -16.54 7.65
CA PRO A 61 10.18 -17.75 8.48
C PRO A 61 8.81 -18.43 8.57
N SER A 62 7.78 -17.75 8.07
CA SER A 62 6.42 -18.29 8.10
C SER A 62 5.56 -17.66 7.02
N LYS A 63 4.70 -18.46 6.41
CA LYS A 63 3.81 -17.98 5.36
C LYS A 63 2.61 -17.24 5.94
N ALA A 64 2.65 -15.91 5.89
CA ALA A 64 1.57 -15.09 6.41
C ALA A 64 0.48 -14.88 5.36
N GLU A 65 -0.77 -14.91 5.78
CA GLU A 65 -1.90 -14.73 4.89
C GLU A 65 -2.04 -13.25 4.50
N ILE A 66 -2.64 -13.01 3.33
CA ILE A 66 -2.84 -11.66 2.84
C ILE A 66 -4.29 -11.43 2.43
N SER A 67 -4.89 -10.38 2.96
CA SER A 67 -6.27 -10.05 2.66
C SER A 67 -6.38 -8.65 2.04
N CYS A 68 -6.41 -8.60 0.72
CA CYS A 68 -6.51 -7.32 0.01
C CYS A 68 -7.96 -6.89 -0.11
N ILE A 69 -8.21 -5.62 0.21
CA ILE A 69 -9.56 -5.07 0.14
C ILE A 69 -9.58 -3.74 -0.62
N ASP A 70 -10.66 -3.48 -1.33
CA ASP A 70 -10.80 -2.25 -2.09
C ASP A 70 -11.44 -1.15 -1.25
N ASN A 71 -11.06 0.09 -1.51
CA ASN A 71 -11.59 1.23 -0.76
C ASN A 71 -12.20 2.26 -1.71
N LYS A 72 -12.97 3.18 -1.15
CA LYS A 72 -13.61 4.23 -1.94
C LYS A 72 -12.68 5.43 -2.12
N ASP A 73 -11.53 5.38 -1.45
CA ASP A 73 -10.56 6.46 -1.53
C ASP A 73 -9.45 6.11 -2.53
N GLY A 74 -9.81 5.31 -3.54
CA GLY A 74 -8.83 4.92 -4.53
C GLY A 74 -7.58 4.32 -3.92
N THR A 75 -7.74 3.67 -2.76
CA THR A 75 -6.62 3.05 -2.07
C THR A 75 -6.91 1.58 -1.77
N CYS A 76 -5.91 0.89 -1.23
CA CYS A 76 -6.05 -0.52 -0.90
C CYS A 76 -5.59 -0.78 0.54
N THR A 77 -6.39 -1.55 1.28
CA THR A 77 -6.06 -1.88 2.65
C THR A 77 -5.64 -3.33 2.79
N VAL A 78 -4.33 -3.56 2.81
CA VAL A 78 -3.79 -4.91 2.93
C VAL A 78 -3.46 -5.24 4.39
N THR A 79 -4.23 -6.14 4.98
CA THR A 79 -4.02 -6.55 6.36
C THR A 79 -3.44 -7.95 6.44
N TYR A 80 -2.50 -8.15 7.37
CA TYR A 80 -1.87 -9.44 7.55
C TYR A 80 -1.43 -9.64 9.00
N LEU A 81 -1.23 -10.90 9.37
CA LEU A 81 -0.81 -11.22 10.73
C LEU A 81 0.37 -12.19 10.73
N PRO A 82 1.49 -11.76 11.33
CA PRO A 82 2.71 -12.58 11.41
C PRO A 82 2.55 -13.76 12.35
N THR A 83 3.19 -14.87 12.00
CA THR A 83 3.12 -16.08 12.81
C THR A 83 4.41 -16.29 13.61
N LEU A 84 5.48 -15.64 13.17
CA LEU A 84 6.77 -15.75 13.83
C LEU A 84 7.64 -14.53 13.55
N PRO A 85 8.41 -14.09 14.56
CA PRO A 85 9.30 -12.94 14.43
C PRO A 85 10.49 -13.21 13.52
N GLY A 86 10.63 -12.37 12.49
CA GLY A 86 11.74 -12.55 11.55
C GLY A 86 11.56 -11.71 10.30
N ASP A 87 12.67 -11.39 9.65
CA ASP A 87 12.64 -10.59 8.43
C ASP A 87 11.57 -11.10 7.47
N TYR A 88 10.71 -10.20 7.01
CA TYR A 88 9.64 -10.56 6.09
C TYR A 88 9.82 -9.87 4.74
N SER A 89 10.33 -10.63 3.77
CA SER A 89 10.56 -10.10 2.43
C SER A 89 9.24 -9.89 1.70
N ILE A 90 8.72 -8.67 1.76
CA ILE A 90 7.47 -8.34 1.09
C ILE A 90 7.67 -8.13 -0.41
N LEU A 91 6.93 -8.87 -1.21
CA LEU A 91 7.02 -8.76 -2.66
C LEU A 91 5.70 -8.31 -3.28
N VAL A 92 5.71 -7.17 -3.95
CA VAL A 92 4.51 -6.64 -4.58
C VAL A 92 4.77 -6.23 -6.02
N LYS A 93 3.95 -6.72 -6.94
CA LYS A 93 4.09 -6.40 -8.35
C LYS A 93 2.83 -5.73 -8.89
N TYR A 94 3.01 -4.84 -9.85
CA TYR A 94 1.89 -4.13 -10.46
C TYR A 94 2.11 -3.94 -11.96
N ASN A 95 1.18 -4.49 -12.75
CA ASN A 95 1.28 -4.38 -14.20
C ASN A 95 2.46 -5.18 -14.74
N ASP A 96 2.81 -6.25 -14.02
CA ASP A 96 3.92 -7.10 -14.44
C ASP A 96 5.25 -6.39 -14.23
N LYS A 97 5.44 -5.82 -13.04
CA LYS A 97 6.68 -5.11 -12.72
C LYS A 97 6.75 -4.80 -11.23
N HIS A 98 7.97 -4.78 -10.70
CA HIS A 98 8.18 -4.49 -9.28
C HIS A 98 8.18 -2.99 -9.03
N ILE A 99 7.35 -2.57 -8.08
CA ILE A 99 7.26 -1.15 -7.73
C ILE A 99 8.57 -0.63 -7.15
N PRO A 100 8.77 0.69 -7.24
CA PRO A 100 9.98 1.34 -6.72
C PRO A 100 10.03 1.33 -5.19
N GLY A 101 10.97 0.56 -4.64
CA GLY A 101 11.11 0.48 -3.20
C GLY A 101 10.96 -0.94 -2.68
N SER A 102 10.45 -1.83 -3.54
CA SER A 102 10.25 -3.22 -3.15
C SER A 102 11.39 -4.10 -3.69
N PRO A 103 11.54 -5.30 -3.10
CA PRO A 103 10.67 -5.75 -2.00
C PRO A 103 10.92 -4.98 -0.71
N PHE A 104 9.90 -4.89 0.12
CA PHE A 104 10.00 -4.19 1.40
C PHE A 104 10.45 -5.12 2.51
N THR A 105 11.04 -4.55 3.55
CA THR A 105 11.52 -5.33 4.69
C THR A 105 10.89 -4.85 5.98
N ALA A 106 10.14 -5.74 6.64
CA ALA A 106 9.48 -5.42 7.89
C ALA A 106 10.20 -6.05 9.07
N LYS A 107 10.76 -5.23 9.94
CA LYS A 107 11.48 -5.70 11.12
C LYS A 107 10.51 -6.09 12.22
N ILE A 108 10.06 -7.34 12.20
CA ILE A 108 9.12 -7.82 13.21
C ILE A 108 9.86 -8.45 14.39
N THR A 109 9.30 -8.32 15.58
CA THR A 109 9.90 -8.87 16.78
C THR A 109 8.94 -9.79 17.52
N ASP A 110 9.36 -10.29 18.67
CA ASP A 110 8.53 -11.18 19.47
C ASP A 110 7.95 -10.44 20.68
N ASP A 111 6.80 -10.91 21.16
CA ASP A 111 6.14 -10.29 22.30
C ASP A 111 5.66 -11.35 23.28
N SER A 112 4.73 -12.18 22.85
CA SER A 112 4.19 -13.25 23.70
C SER A 112 5.31 -14.15 24.22
N ARG A 113 5.91 -13.75 25.34
CA ARG A 113 6.98 -14.53 25.94
C ARG A 113 6.46 -15.40 27.07
N ARG A 114 6.14 -16.66 26.74
CA ARG A 114 5.64 -17.60 27.72
C ARG A 114 6.72 -17.96 28.74
N CYS A 115 6.29 -18.35 29.93
CA CYS A 115 7.21 -18.72 30.99
C CYS A 115 6.82 -20.07 31.61
N GLY A 1 -46.56 15.52 -32.83
CA GLY A 1 -47.45 14.54 -33.41
C GLY A 1 -46.83 13.16 -33.47
N SER A 2 -45.69 13.05 -34.15
CA SER A 2 -44.99 11.78 -34.28
C SER A 2 -43.48 11.99 -34.29
N SER A 3 -42.74 10.90 -34.15
CA SER A 3 -41.28 10.95 -34.13
C SER A 3 -40.71 10.38 -35.43
N GLY A 4 -39.42 10.63 -35.64
CA GLY A 4 -38.76 10.14 -36.85
C GLY A 4 -37.56 10.97 -37.23
N SER A 5 -37.78 12.27 -37.44
CA SER A 5 -36.71 13.18 -37.82
C SER A 5 -35.45 12.92 -36.98
N SER A 6 -34.37 12.54 -37.65
CA SER A 6 -33.11 12.26 -36.97
C SER A 6 -32.22 13.50 -36.96
N GLY A 7 -31.39 13.61 -35.93
CA GLY A 7 -30.49 14.73 -35.82
C GLY A 7 -29.03 14.33 -35.87
N PRO A 8 -28.53 14.00 -37.07
CA PRO A 8 -27.15 13.58 -37.27
C PRO A 8 -26.16 14.73 -37.06
N GLU A 9 -25.68 14.89 -35.84
CA GLU A 9 -24.74 15.95 -35.51
C GLU A 9 -23.47 15.37 -34.87
N SER A 10 -22.36 15.49 -35.57
CA SER A 10 -21.08 14.98 -35.07
C SER A 10 -20.82 15.47 -33.64
N PRO A 11 -20.37 14.55 -32.78
CA PRO A 11 -20.07 14.86 -31.37
C PRO A 11 -18.84 15.76 -31.23
N LEU A 12 -18.81 16.53 -30.15
CA LEU A 12 -17.69 17.42 -29.88
C LEU A 12 -17.08 17.15 -28.51
N GLN A 13 -17.44 16.01 -27.93
CA GLN A 13 -16.93 15.64 -26.62
C GLN A 13 -15.68 14.76 -26.75
N PHE A 14 -14.53 15.34 -26.46
CA PHE A 14 -13.27 14.62 -26.55
C PHE A 14 -12.76 14.23 -25.16
N TYR A 15 -11.79 13.31 -25.12
CA TYR A 15 -11.23 12.85 -23.87
C TYR A 15 -9.71 12.88 -23.90
N VAL A 16 -9.16 13.98 -24.42
CA VAL A 16 -7.71 14.12 -24.52
C VAL A 16 -7.01 13.46 -23.35
N ASN A 17 -5.86 12.84 -23.62
CA ASN A 17 -5.09 12.16 -22.59
C ASN A 17 -3.64 12.64 -22.59
N TYR A 18 -3.11 12.89 -21.40
CA TYR A 18 -1.73 13.36 -21.26
C TYR A 18 -0.82 12.23 -20.81
N PRO A 19 0.44 12.24 -21.30
CA PRO A 19 1.43 11.23 -20.96
C PRO A 19 1.89 11.33 -19.51
N ASN A 20 1.30 12.26 -18.77
CA ASN A 20 1.65 12.47 -17.37
C ASN A 20 2.01 11.15 -16.70
N SER A 21 3.14 11.13 -16.00
CA SER A 21 3.60 9.93 -15.31
C SER A 21 2.56 9.45 -14.31
N GLY A 22 2.79 8.26 -13.76
CA GLY A 22 1.86 7.70 -12.78
C GLY A 22 2.29 6.34 -12.28
N SER A 23 2.35 6.18 -10.96
CA SER A 23 2.75 4.91 -10.37
C SER A 23 2.04 4.68 -9.04
N VAL A 24 2.40 3.60 -8.36
CA VAL A 24 1.79 3.27 -7.08
C VAL A 24 2.85 3.20 -5.98
N SER A 25 2.57 3.86 -4.86
CA SER A 25 3.50 3.87 -3.74
C SER A 25 2.92 3.11 -2.54
N ALA A 26 3.74 2.25 -1.94
CA ALA A 26 3.31 1.46 -0.79
C ALA A 26 4.03 1.91 0.48
N TYR A 27 3.24 2.21 1.51
CA TYR A 27 3.80 2.65 2.78
C TYR A 27 2.89 2.25 3.94
N GLY A 28 3.42 2.32 5.16
CA GLY A 28 2.66 1.95 6.34
C GLY A 28 3.51 1.31 7.41
N PRO A 29 2.97 1.25 8.64
CA PRO A 29 3.68 0.65 9.78
C PRO A 29 3.81 -0.86 9.65
N GLY A 30 3.26 -1.41 8.58
CA GLY A 30 3.33 -2.85 8.36
C GLY A 30 4.47 -3.24 7.45
N LEU A 31 4.96 -2.28 6.67
CA LEU A 31 6.05 -2.53 5.74
C LEU A 31 7.41 -2.30 6.41
N VAL A 32 7.47 -1.27 7.26
CA VAL A 32 8.70 -0.95 7.97
C VAL A 32 9.02 -2.01 9.03
N TYR A 33 7.99 -2.44 9.74
CA TYR A 33 8.17 -3.45 10.79
C TYR A 33 6.81 -3.94 11.30
N GLY A 34 6.84 -4.89 12.23
CA GLY A 34 5.62 -5.43 12.78
C GLY A 34 5.85 -6.19 14.07
N VAL A 35 4.81 -6.85 14.57
CA VAL A 35 4.90 -7.61 15.81
C VAL A 35 4.28 -8.99 15.65
N ALA A 36 5.02 -10.01 16.04
CA ALA A 36 4.54 -11.39 15.94
C ALA A 36 3.15 -11.52 16.53
N ASN A 37 2.27 -12.19 15.79
CA ASN A 37 0.89 -12.40 16.24
C ASN A 37 0.23 -11.07 16.58
N LYS A 38 0.40 -10.08 15.70
CA LYS A 38 -0.17 -8.76 15.91
C LYS A 38 -0.79 -8.23 14.63
N THR A 39 -1.81 -7.39 14.76
CA THR A 39 -2.50 -6.82 13.61
C THR A 39 -1.61 -5.79 12.91
N ALA A 40 -1.31 -6.04 11.65
CA ALA A 40 -0.47 -5.14 10.86
C ALA A 40 -0.99 -5.02 9.43
N THR A 41 -1.19 -3.79 8.99
CA THR A 41 -1.68 -3.53 7.64
C THR A 41 -1.04 -2.29 7.04
N PHE A 42 -0.87 -2.29 5.72
CA PHE A 42 -0.26 -1.16 5.03
C PHE A 42 -1.23 -0.56 4.03
N THR A 43 -1.04 0.73 3.74
CA THR A 43 -1.91 1.44 2.79
C THR A 43 -1.18 1.70 1.48
N ILE A 44 -1.95 1.81 0.40
CA ILE A 44 -1.38 2.06 -0.92
C ILE A 44 -2.19 3.11 -1.67
N VAL A 45 -1.49 4.07 -2.27
CA VAL A 45 -2.15 5.13 -3.03
C VAL A 45 -2.20 4.78 -4.51
N THR A 46 -3.37 4.35 -4.98
CA THR A 46 -3.55 3.99 -6.37
C THR A 46 -3.06 5.09 -7.30
N GLU A 47 -3.26 6.34 -6.89
CA GLU A 47 -2.82 7.49 -7.67
C GLU A 47 -3.36 7.39 -9.10
N ASP A 48 -4.66 7.16 -9.23
CA ASP A 48 -5.28 7.05 -10.54
C ASP A 48 -4.53 6.06 -11.42
N ALA A 49 -4.00 5.01 -10.81
CA ALA A 49 -3.25 3.99 -11.54
C ALA A 49 -4.14 3.25 -12.52
N GLY A 50 -4.99 2.37 -11.99
CA GLY A 50 -5.89 1.59 -12.83
C GLY A 50 -5.84 0.11 -12.54
N GLU A 51 -6.76 -0.64 -13.14
CA GLU A 51 -6.81 -2.08 -12.93
C GLU A 51 -6.04 -2.82 -14.02
N GLY A 52 -4.77 -3.10 -13.76
CA GLY A 52 -3.95 -3.80 -14.72
C GLY A 52 -3.59 -5.20 -14.27
N GLY A 53 -2.85 -5.30 -13.17
CA GLY A 53 -2.45 -6.60 -12.65
C GLY A 53 -1.58 -6.49 -11.42
N LEU A 54 -2.21 -6.46 -10.25
CA LEU A 54 -1.48 -6.36 -8.99
C LEU A 54 -1.08 -7.74 -8.48
N ASP A 55 0.16 -7.85 -8.02
CA ASP A 55 0.67 -9.12 -7.50
C ASP A 55 1.09 -8.97 -6.04
N LEU A 56 0.78 -9.99 -5.24
CA LEU A 56 1.11 -9.98 -3.82
C LEU A 56 1.76 -11.29 -3.40
N ALA A 57 2.82 -11.20 -2.60
CA ALA A 57 3.52 -12.38 -2.13
C ALA A 57 4.54 -12.02 -1.04
N ILE A 58 4.35 -12.59 0.15
CA ILE A 58 5.24 -12.32 1.26
C ILE A 58 6.01 -13.58 1.66
N GLU A 59 7.28 -13.39 2.02
CA GLU A 59 8.12 -14.51 2.42
C GLU A 59 8.71 -14.28 3.81
N GLY A 60 9.12 -15.37 4.46
CA GLY A 60 9.70 -15.26 5.78
C GLY A 60 9.85 -16.61 6.46
N PRO A 61 10.13 -16.59 7.77
CA PRO A 61 10.30 -17.82 8.56
C PRO A 61 8.99 -18.58 8.75
N SER A 62 7.88 -17.89 8.53
CA SER A 62 6.56 -18.49 8.68
C SER A 62 5.59 -17.95 7.65
N LYS A 63 4.58 -18.74 7.30
CA LYS A 63 3.58 -18.33 6.32
C LYS A 63 2.56 -17.40 6.96
N ALA A 64 2.15 -16.38 6.20
CA ALA A 64 1.17 -15.41 6.69
C ALA A 64 0.11 -15.14 5.64
N GLU A 65 -1.16 -15.18 6.05
CA GLU A 65 -2.27 -14.93 5.13
C GLU A 65 -2.37 -13.45 4.79
N ILE A 66 -3.13 -13.14 3.75
CA ILE A 66 -3.31 -11.76 3.31
C ILE A 66 -4.76 -11.49 2.91
N SER A 67 -5.24 -10.30 3.22
CA SER A 67 -6.61 -9.91 2.89
C SER A 67 -6.66 -8.52 2.29
N CYS A 68 -6.65 -8.45 0.96
CA CYS A 68 -6.68 -7.17 0.25
C CYS A 68 -8.12 -6.67 0.13
N ILE A 69 -8.29 -5.37 0.29
CA ILE A 69 -9.62 -4.75 0.19
C ILE A 69 -9.54 -3.36 -0.43
N ASP A 70 -10.50 -3.04 -1.28
CA ASP A 70 -10.54 -1.74 -1.95
C ASP A 70 -11.37 -0.75 -1.13
N ASN A 71 -10.97 0.52 -1.17
CA ASN A 71 -11.67 1.57 -0.44
C ASN A 71 -12.33 2.56 -1.41
N LYS A 72 -12.92 3.61 -0.85
CA LYS A 72 -13.58 4.62 -1.65
C LYS A 72 -12.62 5.74 -2.04
N ASP A 73 -11.56 5.88 -1.24
CA ASP A 73 -10.56 6.91 -1.50
C ASP A 73 -9.46 6.39 -2.43
N GLY A 74 -9.81 5.40 -3.25
CA GLY A 74 -8.84 4.83 -4.17
C GLY A 74 -7.59 4.33 -3.46
N THR A 75 -7.79 3.57 -2.39
CA THR A 75 -6.67 3.03 -1.62
C THR A 75 -6.89 1.55 -1.30
N CYS A 76 -5.81 0.79 -1.32
CA CYS A 76 -5.88 -0.65 -1.03
C CYS A 76 -5.39 -0.94 0.39
N THR A 77 -6.29 -1.51 1.20
CA THR A 77 -5.95 -1.84 2.57
C THR A 77 -5.66 -3.33 2.72
N VAL A 78 -4.38 -3.69 2.66
CA VAL A 78 -3.97 -5.08 2.80
C VAL A 78 -3.63 -5.41 4.24
N THR A 79 -4.48 -6.23 4.87
CA THR A 79 -4.26 -6.62 6.26
C THR A 79 -3.70 -8.04 6.35
N TYR A 80 -2.82 -8.26 7.31
CA TYR A 80 -2.21 -9.56 7.50
C TYR A 80 -1.71 -9.73 8.93
N LEU A 81 -1.52 -10.99 9.34
CA LEU A 81 -1.06 -11.28 10.70
C LEU A 81 0.11 -12.27 10.66
N PRO A 82 1.24 -11.87 11.24
CA PRO A 82 2.45 -12.71 11.29
C PRO A 82 2.28 -13.91 12.22
N THR A 83 3.21 -14.86 12.13
CA THR A 83 3.16 -16.05 12.96
C THR A 83 4.41 -16.17 13.83
N LEU A 84 5.52 -15.66 13.32
CA LEU A 84 6.79 -15.71 14.04
C LEU A 84 7.63 -14.47 13.75
N PRO A 85 8.37 -14.01 14.77
CA PRO A 85 9.25 -12.83 14.65
C PRO A 85 10.44 -13.09 13.75
N GLY A 86 10.55 -12.31 12.67
CA GLY A 86 11.66 -12.46 11.75
C GLY A 86 11.53 -11.59 10.52
N ASP A 87 12.64 -11.29 9.88
CA ASP A 87 12.63 -10.46 8.68
C ASP A 87 11.71 -11.04 7.62
N TYR A 88 10.69 -10.27 7.25
CA TYR A 88 9.74 -10.70 6.24
C TYR A 88 9.93 -9.94 4.93
N SER A 89 10.42 -10.64 3.91
CA SER A 89 10.65 -10.01 2.61
C SER A 89 9.34 -9.88 1.83
N ILE A 90 8.77 -8.68 1.85
CA ILE A 90 7.53 -8.41 1.15
C ILE A 90 7.77 -8.20 -0.34
N LEU A 91 6.97 -8.87 -1.16
CA LEU A 91 7.10 -8.75 -2.62
C LEU A 91 5.78 -8.34 -3.24
N VAL A 92 5.76 -7.18 -3.89
CA VAL A 92 4.55 -6.68 -4.55
C VAL A 92 4.88 -6.08 -5.92
N LYS A 93 4.18 -6.57 -6.94
CA LYS A 93 4.38 -6.08 -8.30
C LYS A 93 3.12 -5.41 -8.83
N TYR A 94 3.31 -4.38 -9.64
CA TYR A 94 2.19 -3.64 -10.21
C TYR A 94 2.26 -3.65 -11.73
N ASN A 95 1.10 -3.70 -12.38
CA ASN A 95 1.02 -3.71 -13.83
C ASN A 95 2.20 -4.47 -14.43
N ASP A 96 2.59 -5.57 -13.77
CA ASP A 96 3.71 -6.38 -14.24
C ASP A 96 5.01 -5.59 -14.20
N LYS A 97 5.31 -5.03 -13.03
CA LYS A 97 6.53 -4.26 -12.85
C LYS A 97 6.75 -3.90 -11.38
N HIS A 98 7.85 -4.38 -10.81
CA HIS A 98 8.16 -4.10 -9.42
C HIS A 98 8.16 -2.60 -9.14
N ILE A 99 7.56 -2.22 -8.01
CA ILE A 99 7.48 -0.82 -7.64
C ILE A 99 8.81 -0.31 -7.10
N PRO A 100 9.04 1.00 -7.18
CA PRO A 100 10.27 1.64 -6.71
C PRO A 100 10.38 1.62 -5.19
N GLY A 101 11.18 0.70 -4.66
CA GLY A 101 11.37 0.59 -3.23
C GLY A 101 11.34 -0.84 -2.75
N SER A 102 10.69 -1.71 -3.51
CA SER A 102 10.59 -3.12 -3.15
C SER A 102 11.78 -3.91 -3.70
N PRO A 103 12.01 -5.10 -3.13
CA PRO A 103 11.18 -5.63 -2.04
C PRO A 103 11.38 -4.86 -0.74
N PHE A 104 10.43 -5.02 0.18
CA PHE A 104 10.50 -4.33 1.46
C PHE A 104 10.93 -5.29 2.58
N THR A 105 11.59 -4.76 3.60
CA THR A 105 12.05 -5.57 4.72
C THR A 105 11.38 -5.13 6.02
N ALA A 106 10.45 -5.95 6.51
CA ALA A 106 9.74 -5.64 7.74
C ALA A 106 10.42 -6.30 8.94
N LYS A 107 11.08 -5.50 9.76
CA LYS A 107 11.77 -6.00 10.95
C LYS A 107 10.78 -6.28 12.07
N ILE A 108 10.13 -7.43 12.01
CA ILE A 108 9.17 -7.82 13.03
C ILE A 108 9.87 -8.41 14.26
N THR A 109 9.24 -8.24 15.42
CA THR A 109 9.81 -8.74 16.67
C THR A 109 8.81 -9.63 17.40
N ASP A 110 9.28 -10.37 18.39
CA ASP A 110 8.43 -11.26 19.17
C ASP A 110 7.47 -10.46 20.03
N ASP A 111 6.30 -11.05 20.29
CA ASP A 111 5.28 -10.39 21.10
C ASP A 111 5.29 -10.92 22.53
N SER A 112 4.94 -12.20 22.68
CA SER A 112 4.90 -12.83 24.00
C SER A 112 3.95 -12.09 24.93
N ARG A 113 2.84 -11.62 24.37
CA ARG A 113 1.85 -10.88 25.15
C ARG A 113 0.44 -11.21 24.66
N ARG A 114 -0.45 -11.50 25.60
CA ARG A 114 -1.84 -11.82 25.28
C ARG A 114 -2.68 -10.55 25.19
N CYS A 115 -3.98 -10.74 24.97
CA CYS A 115 -4.91 -9.61 24.88
C CYS A 115 -6.35 -10.07 25.05
N GLY A 1 24.00 42.28 -4.62
CA GLY A 1 22.93 42.87 -3.84
C GLY A 1 21.67 42.03 -3.87
N SER A 2 20.60 42.57 -3.28
CA SER A 2 19.32 41.87 -3.24
C SER A 2 18.22 42.79 -2.70
N SER A 3 16.99 42.29 -2.73
CA SER A 3 15.84 43.06 -2.25
C SER A 3 14.69 42.14 -1.86
N GLY A 4 13.68 42.71 -1.21
CA GLY A 4 12.54 41.92 -0.79
C GLY A 4 11.22 42.50 -1.28
N SER A 5 10.13 41.78 -1.05
CA SER A 5 8.80 42.24 -1.48
C SER A 5 7.71 41.46 -0.76
N SER A 6 6.61 42.14 -0.47
CA SER A 6 5.48 41.51 0.22
C SER A 6 4.77 40.52 -0.69
N GLY A 7 3.72 39.89 -0.17
CA GLY A 7 2.96 38.92 -0.95
C GLY A 7 1.55 39.39 -1.25
N PRO A 8 1.41 40.21 -2.30
CA PRO A 8 0.11 40.74 -2.71
C PRO A 8 -0.81 39.67 -3.29
N GLU A 9 -2.03 40.05 -3.61
CA GLU A 9 -3.01 39.12 -4.17
C GLU A 9 -3.08 39.27 -5.69
N SER A 10 -2.44 38.34 -6.41
CA SER A 10 -2.44 38.36 -7.86
C SER A 10 -3.00 37.06 -8.43
N PRO A 11 -4.33 36.98 -8.49
CA PRO A 11 -5.03 35.80 -9.01
C PRO A 11 -4.85 35.63 -10.52
N LEU A 12 -3.91 34.78 -10.91
CA LEU A 12 -3.63 34.53 -12.32
C LEU A 12 -4.09 33.14 -12.73
N GLN A 13 -4.41 32.98 -14.00
CA GLN A 13 -4.87 31.69 -14.53
C GLN A 13 -3.90 30.57 -14.16
N PHE A 14 -4.35 29.33 -14.28
CA PHE A 14 -3.52 28.18 -13.97
C PHE A 14 -3.71 27.07 -14.99
N TYR A 15 -2.64 26.33 -15.27
CA TYR A 15 -2.69 25.24 -16.23
C TYR A 15 -3.18 23.95 -15.58
N VAL A 16 -3.41 22.93 -16.39
CA VAL A 16 -3.87 21.65 -15.89
C VAL A 16 -2.72 20.85 -15.27
N ASN A 17 -3.00 20.24 -14.13
CA ASN A 17 -1.98 19.44 -13.43
C ASN A 17 -1.60 18.21 -14.24
N TYR A 18 -0.31 17.91 -14.27
CA TYR A 18 0.20 16.76 -15.02
C TYR A 18 0.43 15.57 -14.09
N PRO A 19 0.36 14.36 -14.65
CA PRO A 19 0.55 13.12 -13.91
C PRO A 19 2.01 12.93 -13.46
N ASN A 20 2.86 13.87 -13.87
CA ASN A 20 4.28 13.81 -13.52
C ASN A 20 4.47 13.25 -12.11
N SER A 21 3.69 13.78 -11.17
CA SER A 21 3.79 13.34 -9.78
C SER A 21 2.68 12.34 -9.46
N GLY A 22 2.87 11.10 -9.91
CA GLY A 22 1.88 10.06 -9.66
C GLY A 22 2.44 8.67 -9.83
N SER A 23 2.91 8.08 -8.73
CA SER A 23 3.47 6.74 -8.77
C SER A 23 2.93 5.88 -7.62
N VAL A 24 2.80 4.58 -7.88
CA VAL A 24 2.29 3.66 -6.87
C VAL A 24 3.33 3.42 -5.77
N SER A 25 3.05 3.93 -4.58
CA SER A 25 3.96 3.77 -3.44
C SER A 25 3.27 3.03 -2.30
N ALA A 26 4.05 2.25 -1.57
CA ALA A 26 3.53 1.48 -0.44
C ALA A 26 4.14 1.95 0.87
N TYR A 27 3.28 2.29 1.83
CA TYR A 27 3.74 2.76 3.13
C TYR A 27 2.76 2.36 4.23
N GLY A 28 3.28 2.13 5.43
CA GLY A 28 2.45 1.74 6.55
C GLY A 28 3.22 1.05 7.65
N PRO A 29 2.62 0.96 8.84
CA PRO A 29 3.24 0.32 10.00
C PRO A 29 3.35 -1.19 9.83
N GLY A 30 2.88 -1.70 8.70
CA GLY A 30 2.93 -3.12 8.44
C GLY A 30 4.05 -3.50 7.50
N LEU A 31 4.61 -2.50 6.81
CA LEU A 31 5.70 -2.74 5.87
C LEU A 31 7.05 -2.51 6.55
N VAL A 32 7.21 -1.33 7.16
CA VAL A 32 8.45 -0.99 7.83
C VAL A 32 8.80 -2.01 8.90
N TYR A 33 7.78 -2.45 9.64
CA TYR A 33 7.98 -3.44 10.70
C TYR A 33 6.65 -4.01 11.17
N GLY A 34 6.70 -4.94 12.12
CA GLY A 34 5.50 -5.54 12.65
C GLY A 34 5.72 -6.24 13.97
N VAL A 35 4.68 -6.89 14.48
CA VAL A 35 4.77 -7.60 15.75
C VAL A 35 4.21 -9.02 15.62
N ALA A 36 4.94 -9.99 16.15
CA ALA A 36 4.51 -11.38 16.11
C ALA A 36 3.10 -11.54 16.64
N ASN A 37 2.30 -12.37 15.97
CA ASN A 37 0.92 -12.61 16.38
C ASN A 37 0.24 -11.30 16.77
N LYS A 38 0.35 -10.30 15.88
CA LYS A 38 -0.26 -9.00 16.12
C LYS A 38 -0.66 -8.35 14.81
N THR A 39 -1.94 -7.97 14.70
CA THR A 39 -2.44 -7.33 13.50
C THR A 39 -1.43 -6.37 12.91
N ALA A 40 -1.45 -6.21 11.59
CA ALA A 40 -0.52 -5.31 10.91
C ALA A 40 -0.94 -5.10 9.46
N THR A 41 -1.38 -3.88 9.14
CA THR A 41 -1.80 -3.55 7.79
C THR A 41 -1.13 -2.27 7.30
N PHE A 42 -1.22 -2.02 6.00
CA PHE A 42 -0.62 -0.84 5.40
C PHE A 42 -1.52 -0.25 4.33
N THR A 43 -1.18 0.95 3.86
CA THR A 43 -1.97 1.62 2.83
C THR A 43 -1.15 1.82 1.56
N ILE A 44 -1.81 1.82 0.41
CA ILE A 44 -1.15 2.00 -0.87
C ILE A 44 -1.85 3.07 -1.71
N VAL A 45 -1.06 3.94 -2.32
CA VAL A 45 -1.60 5.02 -3.15
C VAL A 45 -1.61 4.62 -4.62
N THR A 46 -2.74 4.07 -5.07
CA THR A 46 -2.89 3.65 -6.45
C THR A 46 -3.21 4.82 -7.36
N GLU A 47 -2.29 5.78 -7.43
CA GLU A 47 -2.48 6.97 -8.26
C GLU A 47 -1.71 6.83 -9.57
N ASP A 48 -2.42 7.00 -10.68
CA ASP A 48 -1.81 6.91 -12.00
C ASP A 48 -1.16 5.54 -12.20
N ALA A 49 -1.78 4.51 -11.63
CA ALA A 49 -1.27 3.15 -11.75
C ALA A 49 -1.68 2.52 -13.07
N GLY A 50 -2.99 2.44 -13.30
CA GLY A 50 -3.49 1.85 -14.53
C GLY A 50 -4.24 0.55 -14.29
N GLU A 51 -5.09 0.18 -15.24
CA GLU A 51 -5.87 -1.05 -15.13
C GLU A 51 -5.10 -2.23 -15.69
N GLY A 52 -4.32 -2.89 -14.84
CA GLY A 52 -3.55 -4.04 -15.27
C GLY A 52 -3.78 -5.25 -14.40
N GLY A 53 -2.95 -5.41 -13.37
CA GLY A 53 -3.08 -6.54 -12.48
C GLY A 53 -2.05 -6.53 -11.37
N LEU A 54 -2.49 -6.23 -10.15
CA LEU A 54 -1.59 -6.19 -9.00
C LEU A 54 -1.45 -7.57 -8.36
N ASP A 55 -0.30 -7.83 -7.77
CA ASP A 55 -0.05 -9.11 -7.11
C ASP A 55 0.66 -8.90 -5.77
N LEU A 56 0.19 -9.59 -4.75
CA LEU A 56 0.77 -9.49 -3.42
C LEU A 56 1.28 -10.85 -2.94
N ALA A 57 2.51 -10.86 -2.42
CA ALA A 57 3.11 -12.09 -1.92
C ALA A 57 4.24 -11.80 -0.94
N ILE A 58 4.12 -12.32 0.27
CA ILE A 58 5.13 -12.10 1.29
C ILE A 58 5.86 -13.40 1.63
N GLU A 59 7.15 -13.31 1.90
CA GLU A 59 7.96 -14.46 2.24
C GLU A 59 8.66 -14.28 3.59
N GLY A 60 9.28 -15.35 4.07
CA GLY A 60 9.98 -15.27 5.34
C GLY A 60 10.09 -16.63 6.02
N PRO A 61 10.39 -16.62 7.32
CA PRO A 61 10.54 -17.85 8.11
C PRO A 61 9.20 -18.56 8.33
N SER A 62 8.11 -17.85 8.08
CA SER A 62 6.78 -18.41 8.25
C SER A 62 5.82 -17.85 7.20
N LYS A 63 4.75 -18.61 6.93
CA LYS A 63 3.76 -18.19 5.94
C LYS A 63 2.72 -17.27 6.58
N ALA A 64 2.50 -16.11 5.95
CA ALA A 64 1.54 -15.14 6.45
C ALA A 64 0.43 -14.90 5.44
N GLU A 65 -0.81 -14.97 5.90
CA GLU A 65 -1.96 -14.76 5.01
C GLU A 65 -2.05 -13.31 4.58
N ILE A 66 -2.83 -13.05 3.53
CA ILE A 66 -3.00 -11.71 3.01
C ILE A 66 -4.45 -11.44 2.62
N SER A 67 -4.92 -10.22 2.88
CA SER A 67 -6.29 -9.85 2.56
C SER A 67 -6.35 -8.40 2.07
N CYS A 68 -6.75 -8.23 0.82
CA CYS A 68 -6.86 -6.90 0.22
C CYS A 68 -8.30 -6.40 0.25
N ILE A 69 -8.47 -5.09 0.40
CA ILE A 69 -9.79 -4.49 0.44
C ILE A 69 -9.77 -3.07 -0.11
N ASP A 70 -10.54 -2.83 -1.17
CA ASP A 70 -10.61 -1.52 -1.79
C ASP A 70 -11.27 -0.51 -0.85
N ASN A 71 -10.98 0.77 -1.06
CA ASN A 71 -11.54 1.82 -0.24
C ASN A 71 -12.27 2.86 -1.10
N LYS A 72 -12.77 3.91 -0.45
CA LYS A 72 -13.48 4.97 -1.16
C LYS A 72 -12.49 5.93 -1.84
N ASP A 73 -11.36 6.16 -1.19
CA ASP A 73 -10.34 7.05 -1.73
C ASP A 73 -9.42 6.30 -2.69
N GLY A 74 -10.01 5.43 -3.51
CA GLY A 74 -9.23 4.67 -4.46
C GLY A 74 -7.97 4.09 -3.86
N THR A 75 -8.00 3.85 -2.56
CA THR A 75 -6.85 3.29 -1.86
C THR A 75 -7.04 1.81 -1.56
N CYS A 76 -5.95 1.09 -1.39
CA CYS A 76 -5.99 -0.33 -1.09
C CYS A 76 -5.52 -0.62 0.33
N THR A 77 -6.36 -1.28 1.11
CA THR A 77 -6.03 -1.61 2.49
C THR A 77 -5.82 -3.11 2.65
N VAL A 78 -4.56 -3.53 2.62
CA VAL A 78 -4.21 -4.94 2.76
C VAL A 78 -3.85 -5.27 4.21
N THR A 79 -4.62 -6.16 4.82
CA THR A 79 -4.39 -6.57 6.20
C THR A 79 -3.78 -7.96 6.27
N TYR A 80 -2.86 -8.15 7.20
CA TYR A 80 -2.20 -9.45 7.38
C TYR A 80 -1.74 -9.64 8.83
N LEU A 81 -1.49 -10.89 9.20
CA LEU A 81 -1.06 -11.21 10.55
C LEU A 81 0.09 -12.22 10.52
N PRO A 82 1.25 -11.80 11.06
CA PRO A 82 2.44 -12.65 11.11
C PRO A 82 2.28 -13.82 12.10
N THR A 83 3.13 -14.82 11.95
CA THR A 83 3.09 -15.99 12.83
C THR A 83 4.36 -16.10 13.66
N LEU A 84 5.47 -15.63 13.10
CA LEU A 84 6.76 -15.67 13.79
C LEU A 84 7.58 -14.43 13.49
N PRO A 85 8.33 -13.95 14.49
CA PRO A 85 9.18 -12.77 14.35
C PRO A 85 10.38 -13.02 13.45
N GLY A 86 10.71 -12.04 12.62
CA GLY A 86 11.83 -12.17 11.71
C GLY A 86 11.72 -11.25 10.51
N ASP A 87 12.85 -11.04 9.83
CA ASP A 87 12.87 -10.17 8.65
C ASP A 87 12.02 -10.75 7.53
N TYR A 88 10.87 -10.13 7.28
CA TYR A 88 9.97 -10.59 6.23
C TYR A 88 10.28 -9.91 4.90
N SER A 89 10.22 -10.68 3.82
CA SER A 89 10.50 -10.16 2.49
C SER A 89 9.22 -9.99 1.69
N ILE A 90 8.69 -8.76 1.67
CA ILE A 90 7.47 -8.46 0.94
C ILE A 90 7.74 -8.25 -0.54
N LEU A 91 6.93 -8.88 -1.38
CA LEU A 91 7.09 -8.76 -2.83
C LEU A 91 5.77 -8.36 -3.49
N VAL A 92 5.72 -7.13 -3.98
CA VAL A 92 4.52 -6.61 -4.63
C VAL A 92 4.81 -6.25 -6.09
N LYS A 93 4.05 -6.83 -7.00
CA LYS A 93 4.21 -6.57 -8.42
C LYS A 93 2.93 -5.99 -9.02
N TYR A 94 3.09 -5.16 -10.04
CA TYR A 94 1.95 -4.53 -10.71
C TYR A 94 2.12 -4.56 -12.22
N ASN A 95 1.31 -5.38 -12.88
CA ASN A 95 1.37 -5.49 -14.34
C ASN A 95 2.71 -6.07 -14.79
N ASP A 96 3.16 -7.11 -14.10
CA ASP A 96 4.43 -7.76 -14.43
C ASP A 96 5.59 -6.79 -14.21
N LYS A 97 5.57 -6.09 -13.09
CA LYS A 97 6.62 -5.14 -12.76
C LYS A 97 6.75 -4.97 -11.25
N HIS A 98 7.92 -4.51 -10.81
CA HIS A 98 8.17 -4.30 -9.39
C HIS A 98 8.08 -2.83 -9.02
N ILE A 99 7.40 -2.53 -7.92
CA ILE A 99 7.24 -1.16 -7.46
C ILE A 99 8.56 -0.60 -6.96
N PRO A 100 8.71 0.74 -7.04
CA PRO A 100 9.91 1.44 -6.59
C PRO A 100 10.05 1.43 -5.08
N GLY A 101 10.96 0.60 -4.58
CA GLY A 101 11.18 0.51 -3.15
C GLY A 101 11.12 -0.92 -2.64
N SER A 102 10.75 -1.85 -3.52
CA SER A 102 10.65 -3.25 -3.15
C SER A 102 11.84 -4.05 -3.68
N PRO A 103 12.06 -5.23 -3.10
CA PRO A 103 11.22 -5.75 -2.02
C PRO A 103 11.40 -4.97 -0.72
N PHE A 104 10.38 -5.02 0.13
CA PHE A 104 10.41 -4.31 1.41
C PHE A 104 10.92 -5.23 2.52
N THR A 105 11.58 -4.64 3.51
CA THR A 105 12.12 -5.40 4.64
C THR A 105 11.45 -5.00 5.94
N ALA A 106 10.40 -5.71 6.31
CA ALA A 106 9.67 -5.43 7.54
C ALA A 106 10.37 -6.05 8.74
N LYS A 107 10.81 -5.21 9.67
CA LYS A 107 11.50 -5.67 10.87
C LYS A 107 10.50 -5.99 11.97
N ILE A 108 10.19 -7.28 12.13
CA ILE A 108 9.25 -7.71 13.16
C ILE A 108 9.98 -8.28 14.37
N THR A 109 9.49 -7.95 15.55
CA THR A 109 10.10 -8.42 16.80
C THR A 109 9.18 -9.40 17.51
N ASP A 110 9.60 -9.84 18.70
CA ASP A 110 8.81 -10.78 19.49
C ASP A 110 8.38 -10.15 20.80
N ASP A 111 7.07 -10.11 21.04
CA ASP A 111 6.53 -9.54 22.27
C ASP A 111 5.82 -10.60 23.10
N SER A 112 6.58 -11.28 23.95
CA SER A 112 6.02 -12.33 24.80
C SER A 112 5.83 -11.82 26.23
N ARG A 113 6.33 -10.63 26.51
CA ARG A 113 6.22 -10.02 27.83
C ARG A 113 5.06 -9.04 27.87
N ARG A 114 4.55 -8.67 26.70
CA ARG A 114 3.43 -7.73 26.61
C ARG A 114 3.53 -6.67 27.69
N CYS A 115 4.73 -6.10 27.85
CA CYS A 115 4.96 -5.07 28.86
C CYS A 115 4.54 -3.69 28.34
N GLY A 1 -19.63 20.77 -44.22
CA GLY A 1 -20.65 20.61 -43.20
C GLY A 1 -20.32 21.35 -41.92
N SER A 2 -20.72 20.78 -40.79
CA SER A 2 -20.46 21.40 -39.49
C SER A 2 -21.24 22.71 -39.36
N SER A 3 -22.49 22.70 -39.79
CA SER A 3 -23.32 23.89 -39.73
C SER A 3 -24.13 23.92 -38.43
N GLY A 4 -24.73 25.07 -38.14
CA GLY A 4 -25.52 25.20 -36.92
C GLY A 4 -26.04 26.60 -36.72
N SER A 5 -25.18 27.59 -36.97
CA SER A 5 -25.56 29.00 -36.80
C SER A 5 -26.33 29.20 -35.50
N SER A 6 -25.88 28.54 -34.44
CA SER A 6 -26.53 28.66 -33.14
C SER A 6 -25.51 28.54 -32.01
N GLY A 7 -25.53 29.52 -31.11
CA GLY A 7 -24.60 29.51 -30.00
C GLY A 7 -25.27 29.86 -28.68
N PRO A 8 -25.79 28.82 -27.99
CA PRO A 8 -26.47 28.99 -26.70
C PRO A 8 -25.51 29.38 -25.59
N GLU A 9 -26.06 29.84 -24.48
CA GLU A 9 -25.26 30.25 -23.33
C GLU A 9 -24.20 29.21 -23.02
N SER A 10 -22.94 29.51 -23.35
CA SER A 10 -21.84 28.61 -23.11
C SER A 10 -21.40 28.66 -21.65
N PRO A 11 -20.89 27.53 -21.13
CA PRO A 11 -20.42 27.43 -19.75
C PRO A 11 -19.14 28.23 -19.51
N LEU A 12 -18.61 28.14 -18.30
CA LEU A 12 -17.38 28.85 -17.95
C LEU A 12 -16.16 27.94 -18.11
N GLN A 13 -14.98 28.54 -18.04
CA GLN A 13 -13.74 27.79 -18.18
C GLN A 13 -13.59 26.77 -17.06
N PHE A 14 -13.19 25.55 -17.41
CA PHE A 14 -13.00 24.49 -16.43
C PHE A 14 -11.92 24.86 -15.42
N TYR A 15 -12.09 24.41 -14.18
CA TYR A 15 -11.13 24.70 -13.13
C TYR A 15 -9.71 24.42 -13.60
N VAL A 16 -8.73 24.93 -12.84
CA VAL A 16 -7.33 24.72 -13.17
C VAL A 16 -6.92 23.26 -12.99
N ASN A 17 -6.11 22.76 -13.92
CA ASN A 17 -5.65 21.38 -13.87
C ASN A 17 -4.15 21.32 -13.62
N TYR A 18 -3.63 20.11 -13.47
CA TYR A 18 -2.21 19.91 -13.23
C TYR A 18 -1.75 18.54 -13.72
N PRO A 19 -0.47 18.45 -14.13
CA PRO A 19 0.10 17.20 -14.63
C PRO A 19 0.29 16.16 -13.52
N ASN A 20 0.67 14.95 -13.91
CA ASN A 20 0.87 13.88 -12.95
C ASN A 20 2.11 13.05 -13.31
N SER A 21 2.66 12.36 -12.33
CA SER A 21 3.85 11.54 -12.54
C SER A 21 3.47 10.10 -12.88
N GLY A 22 2.76 9.45 -11.95
CA GLY A 22 2.33 8.08 -12.17
C GLY A 22 3.26 7.08 -11.51
N SER A 23 2.85 6.58 -10.35
CA SER A 23 3.65 5.61 -9.61
C SER A 23 2.89 5.10 -8.38
N VAL A 24 3.31 3.95 -7.87
CA VAL A 24 2.67 3.35 -6.70
C VAL A 24 3.62 3.32 -5.52
N SER A 25 3.28 4.09 -4.48
CA SER A 25 4.11 4.15 -3.28
C SER A 25 3.40 3.53 -2.09
N ALA A 26 4.11 2.70 -1.34
CA ALA A 26 3.55 2.03 -0.17
C ALA A 26 4.16 2.56 1.11
N TYR A 27 3.32 2.81 2.11
CA TYR A 27 3.78 3.33 3.39
C TYR A 27 2.84 2.91 4.52
N GLY A 28 3.41 2.74 5.71
CA GLY A 28 2.61 2.33 6.85
C GLY A 28 3.42 1.56 7.88
N PRO A 29 2.91 1.51 9.13
CA PRO A 29 3.58 0.81 10.22
C PRO A 29 3.55 -0.71 10.05
N GLY A 30 2.92 -1.16 8.96
CA GLY A 30 2.83 -2.59 8.69
C GLY A 30 3.98 -3.08 7.83
N LEU A 31 4.60 -2.15 7.10
CA LEU A 31 5.72 -2.51 6.22
C LEU A 31 7.06 -2.25 6.91
N VAL A 32 7.13 -1.15 7.66
CA VAL A 32 8.35 -0.80 8.38
C VAL A 32 8.72 -1.86 9.39
N TYR A 33 7.73 -2.30 10.18
CA TYR A 33 7.95 -3.32 11.19
C TYR A 33 6.63 -3.88 11.69
N GLY A 34 6.71 -4.91 12.53
CA GLY A 34 5.51 -5.53 13.07
C GLY A 34 5.79 -6.39 14.28
N VAL A 35 4.79 -7.10 14.75
CA VAL A 35 4.92 -7.97 15.91
C VAL A 35 4.34 -9.35 15.65
N ALA A 36 4.91 -10.37 16.29
CA ALA A 36 4.44 -11.74 16.13
C ALA A 36 2.98 -11.88 16.56
N ASN A 37 2.20 -12.59 15.77
CA ASN A 37 0.79 -12.79 16.07
C ASN A 37 0.10 -11.46 16.40
N LYS A 38 0.30 -10.47 15.54
CA LYS A 38 -0.29 -9.16 15.74
C LYS A 38 -0.71 -8.54 14.40
N THR A 39 -1.86 -7.86 14.41
CA THR A 39 -2.36 -7.22 13.20
C THR A 39 -1.38 -6.19 12.67
N ALA A 40 -1.28 -6.10 11.35
CA ALA A 40 -0.38 -5.15 10.71
C ALA A 40 -0.82 -4.84 9.28
N THR A 41 -1.31 -3.62 9.07
CA THR A 41 -1.76 -3.20 7.75
C THR A 41 -1.16 -1.86 7.35
N PHE A 42 -1.01 -1.66 6.05
CA PHE A 42 -0.44 -0.42 5.54
C PHE A 42 -1.37 0.24 4.51
N THR A 43 -1.06 1.48 4.15
CA THR A 43 -1.87 2.21 3.18
C THR A 43 -1.09 2.48 1.90
N ILE A 44 -1.75 2.28 0.77
CA ILE A 44 -1.12 2.51 -0.53
C ILE A 44 -1.90 3.53 -1.35
N VAL A 45 -1.19 4.21 -2.26
CA VAL A 45 -1.81 5.22 -3.11
C VAL A 45 -1.90 4.73 -4.55
N THR A 46 -2.95 3.96 -4.85
CA THR A 46 -3.15 3.44 -6.19
C THR A 46 -3.75 4.50 -7.11
N GLU A 47 -2.92 5.44 -7.54
CA GLU A 47 -3.38 6.51 -8.42
C GLU A 47 -3.16 6.14 -9.88
N ASP A 48 -2.09 5.40 -10.15
CA ASP A 48 -1.77 4.98 -11.50
C ASP A 48 -1.57 3.45 -11.57
N ALA A 49 -2.38 2.73 -10.80
CA ALA A 49 -2.30 1.27 -10.77
C ALA A 49 -3.62 0.64 -11.19
N GLY A 50 -3.84 0.56 -12.50
CA GLY A 50 -5.07 -0.03 -13.01
C GLY A 50 -4.85 -0.79 -14.30
N GLU A 51 -3.88 -1.70 -14.30
CA GLU A 51 -3.57 -2.49 -15.48
C GLU A 51 -4.16 -3.90 -15.35
N GLY A 52 -5.19 -4.04 -14.53
CA GLY A 52 -5.81 -5.34 -14.33
C GLY A 52 -4.80 -6.44 -14.08
N GLY A 53 -3.76 -6.11 -13.32
CA GLY A 53 -2.73 -7.09 -13.02
C GLY A 53 -2.06 -6.84 -11.68
N LEU A 54 -2.81 -7.03 -10.60
CA LEU A 54 -2.29 -6.83 -9.26
C LEU A 54 -1.78 -8.14 -8.66
N ASP A 55 -0.47 -8.24 -8.51
CA ASP A 55 0.14 -9.44 -7.94
C ASP A 55 0.77 -9.14 -6.59
N LEU A 56 0.18 -9.68 -5.53
CA LEU A 56 0.68 -9.48 -4.17
C LEU A 56 1.17 -10.79 -3.57
N ALA A 57 2.35 -10.75 -2.94
CA ALA A 57 2.93 -11.93 -2.32
C ALA A 57 3.90 -11.54 -1.21
N ILE A 58 3.90 -12.31 -0.13
CA ILE A 58 4.78 -12.05 1.00
C ILE A 58 5.58 -13.30 1.38
N GLU A 59 6.86 -13.10 1.67
CA GLU A 59 7.73 -14.21 2.04
C GLU A 59 8.36 -13.97 3.41
N GLY A 60 9.00 -15.00 3.95
CA GLY A 60 9.64 -14.88 5.25
C GLY A 60 9.89 -16.23 5.89
N PRO A 61 10.18 -16.22 7.20
CA PRO A 61 10.46 -17.44 7.97
C PRO A 61 9.21 -18.29 8.15
N SER A 62 8.05 -17.70 7.91
CA SER A 62 6.77 -18.40 8.06
C SER A 62 5.72 -17.80 7.14
N LYS A 63 4.83 -18.65 6.65
CA LYS A 63 3.75 -18.22 5.75
C LYS A 63 2.68 -17.46 6.52
N ALA A 64 2.31 -16.29 6.00
CA ALA A 64 1.29 -15.46 6.64
C ALA A 64 0.20 -15.08 5.65
N GLU A 65 -1.06 -15.27 6.06
CA GLU A 65 -2.19 -14.95 5.20
C GLU A 65 -2.27 -13.45 4.93
N ILE A 66 -2.96 -13.09 3.85
CA ILE A 66 -3.10 -11.68 3.49
C ILE A 66 -4.55 -11.34 3.18
N SER A 67 -5.10 -10.40 3.95
CA SER A 67 -6.49 -9.99 3.76
C SER A 67 -6.56 -8.64 3.05
N CYS A 68 -6.25 -8.64 1.77
CA CYS A 68 -6.27 -7.40 0.97
C CYS A 68 -7.71 -6.95 0.74
N ILE A 69 -7.90 -5.63 0.64
CA ILE A 69 -9.22 -5.06 0.41
C ILE A 69 -9.15 -3.90 -0.58
N ASP A 70 -9.83 -4.06 -1.72
CA ASP A 70 -9.85 -3.03 -2.74
C ASP A 70 -10.81 -1.91 -2.35
N ASN A 71 -10.28 -0.69 -2.23
CA ASN A 71 -11.09 0.46 -1.87
C ASN A 71 -11.31 1.38 -3.08
N LYS A 72 -12.53 1.89 -3.20
CA LYS A 72 -12.86 2.79 -4.31
C LYS A 72 -12.58 4.24 -3.95
N ASP A 73 -11.77 4.43 -2.91
CA ASP A 73 -11.41 5.78 -2.46
C ASP A 73 -10.09 6.22 -3.08
N GLY A 74 -9.52 5.38 -3.94
CA GLY A 74 -8.27 5.70 -4.58
C GLY A 74 -7.08 5.03 -3.92
N THR A 75 -7.27 4.61 -2.68
CA THR A 75 -6.21 3.94 -1.92
C THR A 75 -6.48 2.45 -1.79
N CYS A 76 -5.61 1.75 -1.07
CA CYS A 76 -5.75 0.31 -0.87
C CYS A 76 -5.37 -0.08 0.56
N THR A 77 -5.99 -1.14 1.06
CA THR A 77 -5.72 -1.61 2.40
C THR A 77 -5.27 -3.07 2.40
N VAL A 78 -4.07 -3.32 2.89
CA VAL A 78 -3.52 -4.67 2.95
C VAL A 78 -3.17 -5.06 4.38
N THR A 79 -3.97 -5.96 4.94
CA THR A 79 -3.75 -6.43 6.31
C THR A 79 -3.22 -7.86 6.32
N TYR A 80 -2.39 -8.17 7.31
CA TYR A 80 -1.82 -9.50 7.44
C TYR A 80 -1.42 -9.79 8.88
N LEU A 81 -1.28 -11.07 9.21
CA LEU A 81 -0.91 -11.48 10.56
C LEU A 81 0.30 -12.43 10.51
N PRO A 82 1.41 -11.99 11.08
CA PRO A 82 2.65 -12.77 11.14
C PRO A 82 2.53 -13.98 12.07
N THR A 83 3.35 -14.99 11.84
CA THR A 83 3.34 -16.20 12.65
C THR A 83 4.60 -16.28 13.51
N LEU A 84 5.71 -15.78 12.98
CA LEU A 84 6.98 -15.80 13.70
C LEU A 84 7.77 -14.52 13.46
N PRO A 85 8.47 -14.05 14.50
CA PRO A 85 9.27 -12.84 14.42
C PRO A 85 10.52 -13.01 13.55
N GLY A 86 10.62 -12.20 12.51
CA GLY A 86 11.77 -12.29 11.62
C GLY A 86 11.68 -11.32 10.45
N ASP A 87 12.76 -11.21 9.69
CA ASP A 87 12.79 -10.32 8.54
C ASP A 87 11.94 -10.86 7.40
N TYR A 88 10.74 -10.30 7.24
CA TYR A 88 9.83 -10.73 6.19
C TYR A 88 10.17 -10.05 4.86
N SER A 89 10.07 -10.81 3.77
CA SER A 89 10.37 -10.28 2.45
C SER A 89 9.09 -10.05 1.65
N ILE A 90 8.59 -8.82 1.69
CA ILE A 90 7.37 -8.47 0.97
C ILE A 90 7.65 -8.24 -0.51
N LEU A 91 6.83 -8.86 -1.36
CA LEU A 91 6.99 -8.72 -2.81
C LEU A 91 5.69 -8.24 -3.46
N VAL A 92 5.74 -7.05 -4.06
CA VAL A 92 4.57 -6.49 -4.71
C VAL A 92 4.86 -6.20 -6.19
N LYS A 93 4.14 -6.89 -7.07
CA LYS A 93 4.31 -6.71 -8.50
C LYS A 93 2.98 -6.34 -9.16
N TYR A 94 3.06 -5.47 -10.17
CA TYR A 94 1.86 -5.03 -10.89
C TYR A 94 2.09 -5.08 -12.39
N ASN A 95 1.32 -5.91 -13.08
CA ASN A 95 1.43 -6.04 -14.53
C ASN A 95 2.86 -6.41 -14.93
N ASP A 96 3.45 -7.36 -14.20
CA ASP A 96 4.80 -7.81 -14.48
C ASP A 96 5.79 -6.66 -14.30
N LYS A 97 5.59 -5.86 -13.26
CA LYS A 97 6.47 -4.73 -12.98
C LYS A 97 6.54 -4.46 -11.48
N HIS A 98 7.74 -4.54 -10.92
CA HIS A 98 7.93 -4.30 -9.50
C HIS A 98 7.75 -2.82 -9.17
N ILE A 99 7.18 -2.55 -8.00
CA ILE A 99 6.94 -1.18 -7.55
C ILE A 99 8.21 -0.56 -6.97
N PRO A 100 8.32 0.78 -7.06
CA PRO A 100 9.46 1.52 -6.55
C PRO A 100 9.53 1.51 -5.02
N GLY A 101 10.36 0.64 -4.46
CA GLY A 101 10.49 0.55 -3.03
C GLY A 101 10.55 -0.88 -2.53
N SER A 102 10.26 -1.82 -3.42
CA SER A 102 10.28 -3.24 -3.07
C SER A 102 11.54 -3.92 -3.61
N PRO A 103 11.86 -5.09 -3.04
CA PRO A 103 11.07 -5.70 -1.97
C PRO A 103 11.18 -4.91 -0.66
N PHE A 104 10.10 -4.93 0.12
CA PHE A 104 10.06 -4.23 1.39
C PHE A 104 10.50 -5.15 2.53
N THR A 105 11.05 -4.56 3.59
CA THR A 105 11.50 -5.32 4.74
C THR A 105 10.88 -4.78 6.04
N ALA A 106 10.11 -5.64 6.71
CA ALA A 106 9.47 -5.25 7.96
C ALA A 106 10.15 -5.91 9.15
N LYS A 107 10.84 -5.10 9.94
CA LYS A 107 11.54 -5.61 11.12
C LYS A 107 10.56 -6.04 12.20
N ILE A 108 10.10 -7.30 12.11
CA ILE A 108 9.15 -7.82 13.08
C ILE A 108 9.88 -8.47 14.25
N THR A 109 9.27 -8.40 15.43
CA THR A 109 9.84 -8.97 16.64
C THR A 109 8.80 -9.74 17.45
N ASP A 110 9.24 -10.38 18.52
CA ASP A 110 8.35 -11.15 19.38
C ASP A 110 7.79 -10.27 20.49
N ASP A 111 6.64 -10.68 21.03
CA ASP A 111 6.00 -9.93 22.12
C ASP A 111 6.09 -10.71 23.43
N SER A 112 5.67 -11.96 23.41
CA SER A 112 5.69 -12.80 24.59
C SER A 112 4.82 -12.22 25.70
N ARG A 113 3.64 -11.75 25.31
CA ARG A 113 2.71 -11.16 26.26
C ARG A 113 2.54 -12.06 27.49
N ARG A 114 2.56 -11.44 28.67
CA ARG A 114 2.40 -12.19 29.92
C ARG A 114 1.66 -11.36 30.96
N CYS A 115 0.94 -12.04 31.84
CA CYS A 115 0.18 -11.37 32.89
C CYS A 115 1.11 -10.86 33.99
N GLY A 1 25.50 45.04 11.04
CA GLY A 1 24.11 45.41 11.24
C GLY A 1 23.35 44.38 12.05
N SER A 2 22.03 44.45 11.98
CA SER A 2 21.18 43.51 12.72
C SER A 2 19.74 43.60 12.24
N SER A 3 18.92 42.64 12.66
CA SER A 3 17.52 42.59 12.28
C SER A 3 16.73 41.65 13.18
N GLY A 4 15.42 41.88 13.27
CA GLY A 4 14.58 41.05 14.11
C GLY A 4 13.11 41.15 13.73
N SER A 5 12.49 40.01 13.48
CA SER A 5 11.08 39.97 13.11
C SER A 5 10.54 38.55 13.11
N SER A 6 9.36 38.36 13.65
CA SER A 6 8.74 37.04 13.72
C SER A 6 7.23 37.12 13.44
N GLY A 7 6.64 35.99 13.10
CA GLY A 7 5.22 35.95 12.81
C GLY A 7 4.88 35.03 11.67
N PRO A 8 4.97 33.71 11.91
CA PRO A 8 4.68 32.70 10.90
C PRO A 8 3.19 32.64 10.56
N GLU A 9 2.79 33.35 9.50
CA GLU A 9 1.40 33.36 9.07
C GLU A 9 1.27 33.86 7.65
N SER A 10 0.42 33.21 6.87
CA SER A 10 0.21 33.58 5.47
C SER A 10 -1.05 32.94 4.93
N PRO A 11 -1.64 33.57 3.89
CA PRO A 11 -2.87 33.08 3.25
C PRO A 11 -2.64 31.79 2.46
N LEU A 12 -2.96 30.66 3.08
CA LEU A 12 -2.79 29.36 2.43
C LEU A 12 -4.05 28.95 1.70
N GLN A 13 -3.92 28.67 0.40
CA GLN A 13 -5.06 28.26 -0.40
C GLN A 13 -4.62 27.85 -1.80
N PHE A 14 -4.79 26.58 -2.13
CA PHE A 14 -4.40 26.06 -3.44
C PHE A 14 -4.88 24.62 -3.62
N TYR A 15 -4.72 24.10 -4.82
CA TYR A 15 -5.13 22.74 -5.12
C TYR A 15 -4.02 21.97 -5.83
N VAL A 16 -3.56 20.89 -5.21
CA VAL A 16 -2.49 20.07 -5.78
C VAL A 16 -2.98 19.31 -7.01
N ASN A 17 -2.36 19.57 -8.15
CA ASN A 17 -2.73 18.91 -9.39
C ASN A 17 -1.57 18.94 -10.39
N TYR A 18 -1.39 17.84 -11.13
CA TYR A 18 -0.33 17.75 -12.11
C TYR A 18 -0.88 17.34 -13.47
N PRO A 19 -0.21 17.78 -14.55
CA PRO A 19 -0.62 17.47 -15.92
C PRO A 19 -0.40 16.01 -16.27
N ASN A 20 0.32 15.30 -15.41
CA ASN A 20 0.59 13.88 -15.63
C ASN A 20 0.89 13.17 -14.31
N SER A 21 0.14 12.10 -14.04
CA SER A 21 0.32 11.33 -12.82
C SER A 21 -0.12 9.88 -13.01
N GLY A 22 0.40 9.00 -12.17
CA GLY A 22 0.04 7.58 -12.27
C GLY A 22 1.13 6.68 -11.73
N SER A 23 1.38 6.76 -10.42
CA SER A 23 2.40 5.94 -9.79
C SER A 23 1.84 5.21 -8.58
N VAL A 24 2.58 4.23 -8.09
CA VAL A 24 2.16 3.44 -6.93
C VAL A 24 3.22 3.47 -5.83
N SER A 25 2.78 3.70 -4.60
CA SER A 25 3.68 3.76 -3.46
C SER A 25 3.05 3.13 -2.23
N ALA A 26 3.81 2.29 -1.53
CA ALA A 26 3.32 1.62 -0.33
C ALA A 26 3.94 2.23 0.93
N TYR A 27 3.09 2.64 1.86
CA TYR A 27 3.56 3.23 3.10
C TYR A 27 2.65 2.85 4.27
N GLY A 28 3.24 2.54 5.41
CA GLY A 28 2.48 2.17 6.58
C GLY A 28 3.29 1.43 7.60
N PRO A 29 2.79 1.38 8.85
CA PRO A 29 3.48 0.70 9.95
C PRO A 29 3.47 -0.81 9.79
N GLY A 30 2.83 -1.29 8.73
CA GLY A 30 2.76 -2.72 8.48
C GLY A 30 3.91 -3.21 7.63
N LEU A 31 4.51 -2.31 6.87
CA LEU A 31 5.63 -2.66 6.00
C LEU A 31 6.97 -2.34 6.68
N VAL A 32 7.00 -1.24 7.42
CA VAL A 32 8.21 -0.82 8.12
C VAL A 32 8.62 -1.86 9.15
N TYR A 33 7.67 -2.31 9.96
CA TYR A 33 7.94 -3.30 10.99
C TYR A 33 6.64 -3.79 11.63
N GLY A 34 6.76 -4.75 12.54
CA GLY A 34 5.60 -5.29 13.22
C GLY A 34 5.96 -6.12 14.44
N VAL A 35 5.04 -6.99 14.85
CA VAL A 35 5.27 -7.85 16.00
C VAL A 35 4.67 -9.23 15.78
N ALA A 36 5.19 -10.23 16.49
CA ALA A 36 4.70 -11.59 16.37
C ALA A 36 3.31 -11.74 16.97
N ASN A 37 2.40 -12.34 16.22
CA ASN A 37 1.03 -12.54 16.68
C ASN A 37 0.32 -11.20 16.84
N LYS A 38 0.66 -10.25 15.98
CA LYS A 38 0.04 -8.92 16.02
C LYS A 38 -0.46 -8.52 14.64
N THR A 39 -1.43 -7.62 14.62
CA THR A 39 -2.01 -7.13 13.37
C THR A 39 -1.13 -6.07 12.73
N ALA A 40 -0.86 -6.23 11.44
CA ALA A 40 -0.03 -5.27 10.71
C ALA A 40 -0.60 -5.00 9.32
N THR A 41 -1.01 -3.76 9.09
CA THR A 41 -1.58 -3.38 7.80
C THR A 41 -0.97 -2.07 7.30
N PHE A 42 -1.00 -1.87 5.99
CA PHE A 42 -0.45 -0.67 5.38
C PHE A 42 -1.35 -0.15 4.26
N THR A 43 -1.07 1.05 3.79
CA THR A 43 -1.85 1.65 2.71
C THR A 43 -1.00 1.87 1.46
N ILE A 44 -1.67 1.91 0.31
CA ILE A 44 -0.97 2.11 -0.96
C ILE A 44 -1.78 3.01 -1.89
N VAL A 45 -1.12 4.04 -2.43
CA VAL A 45 -1.78 4.96 -3.34
C VAL A 45 -1.97 4.35 -4.72
N THR A 46 -3.08 3.64 -4.90
CA THR A 46 -3.38 3.00 -6.18
C THR A 46 -4.03 3.98 -7.14
N GLU A 47 -3.21 4.82 -7.76
CA GLU A 47 -3.70 5.81 -8.71
C GLU A 47 -3.93 5.17 -10.09
N ASP A 48 -5.19 5.05 -10.47
CA ASP A 48 -5.55 4.46 -11.76
C ASP A 48 -4.87 3.11 -11.94
N ALA A 49 -4.59 2.43 -10.83
CA ALA A 49 -3.94 1.13 -10.87
C ALA A 49 -4.92 0.02 -10.48
N GLY A 50 -6.12 0.08 -11.06
CA GLY A 50 -7.12 -0.93 -10.77
C GLY A 50 -7.56 -1.69 -12.00
N GLU A 51 -7.67 -0.98 -13.12
CA GLU A 51 -8.08 -1.61 -14.38
C GLU A 51 -6.87 -2.18 -15.12
N GLY A 52 -5.91 -2.72 -14.36
CA GLY A 52 -4.73 -3.29 -14.95
C GLY A 52 -4.40 -4.65 -14.40
N GLY A 53 -3.24 -4.77 -13.75
CA GLY A 53 -2.83 -6.04 -13.17
C GLY A 53 -1.94 -5.86 -11.96
N LEU A 54 -2.49 -6.14 -10.78
CA LEU A 54 -1.74 -6.00 -9.54
C LEU A 54 -1.41 -7.38 -8.96
N ASP A 55 -0.18 -7.54 -8.50
CA ASP A 55 0.27 -8.80 -7.90
C ASP A 55 0.74 -8.60 -6.47
N LEU A 56 0.37 -9.53 -5.59
CA LEU A 56 0.75 -9.45 -4.19
C LEU A 56 1.25 -10.80 -3.69
N ALA A 57 2.38 -10.79 -2.98
CA ALA A 57 2.96 -12.01 -2.44
C ALA A 57 3.94 -11.70 -1.32
N ILE A 58 3.71 -12.30 -0.16
CA ILE A 58 4.58 -12.09 1.00
C ILE A 58 5.34 -13.35 1.35
N GLU A 59 6.59 -13.20 1.76
CA GLU A 59 7.43 -14.33 2.13
C GLU A 59 8.12 -14.08 3.47
N GLY A 60 8.80 -15.10 3.98
CA GLY A 60 9.50 -14.98 5.24
C GLY A 60 9.73 -16.33 5.91
N PRO A 61 9.95 -16.30 7.23
CA PRO A 61 10.20 -17.52 8.01
C PRO A 61 8.95 -18.39 8.13
N SER A 62 7.80 -17.80 7.88
CA SER A 62 6.53 -18.52 7.96
C SER A 62 5.46 -17.84 7.10
N LYS A 63 4.39 -18.57 6.84
CA LYS A 63 3.28 -18.04 6.03
C LYS A 63 2.36 -17.17 6.87
N ALA A 64 1.96 -16.04 6.31
CA ALA A 64 1.07 -15.11 7.01
C ALA A 64 -0.12 -14.73 6.14
N GLU A 65 -1.32 -15.08 6.59
CA GLU A 65 -2.53 -14.78 5.85
C GLU A 65 -2.49 -13.35 5.30
N ILE A 66 -3.29 -13.10 4.28
CA ILE A 66 -3.35 -11.78 3.66
C ILE A 66 -4.78 -11.40 3.30
N SER A 67 -5.36 -10.49 4.07
CA SER A 67 -6.73 -10.05 3.83
C SER A 67 -6.75 -8.61 3.32
N CYS A 68 -6.47 -8.44 2.03
CA CYS A 68 -6.46 -7.12 1.43
C CYS A 68 -7.87 -6.63 1.15
N ILE A 69 -8.07 -5.31 1.22
CA ILE A 69 -9.38 -4.72 0.98
C ILE A 69 -9.35 -3.81 -0.25
N ASP A 70 -10.08 -4.20 -1.28
CA ASP A 70 -10.14 -3.41 -2.51
C ASP A 70 -11.07 -2.22 -2.34
N ASN A 71 -10.52 -1.01 -2.50
CA ASN A 71 -11.29 0.21 -2.36
C ASN A 71 -12.06 0.51 -3.65
N LYS A 72 -12.71 1.67 -3.67
CA LYS A 72 -13.49 2.08 -4.84
C LYS A 72 -12.58 2.70 -5.90
N ASP A 73 -11.41 2.10 -6.09
CA ASP A 73 -10.46 2.59 -7.08
C ASP A 73 -9.79 3.87 -6.60
N GLY A 74 -9.63 3.99 -5.29
CA GLY A 74 -9.00 5.17 -4.73
C GLY A 74 -7.80 4.84 -3.86
N THR A 75 -7.80 3.64 -3.30
CA THR A 75 -6.70 3.21 -2.44
C THR A 75 -6.60 1.68 -2.40
N CYS A 76 -5.71 1.18 -1.57
CA CYS A 76 -5.51 -0.27 -1.44
C CYS A 76 -4.98 -0.62 -0.06
N THR A 77 -5.69 -1.53 0.62
CA THR A 77 -5.30 -1.95 1.95
C THR A 77 -4.87 -3.42 1.96
N VAL A 78 -3.79 -3.71 2.67
CA VAL A 78 -3.28 -5.07 2.77
C VAL A 78 -3.06 -5.48 4.21
N THR A 79 -4.01 -6.22 4.77
CA THR A 79 -3.92 -6.67 6.16
C THR A 79 -3.30 -8.07 6.23
N TYR A 80 -2.42 -8.27 7.21
CA TYR A 80 -1.77 -9.56 7.39
C TYR A 80 -1.31 -9.74 8.83
N LEU A 81 -1.22 -10.99 9.27
CA LEU A 81 -0.79 -11.29 10.63
C LEU A 81 0.29 -12.37 10.63
N PRO A 82 1.51 -11.97 11.03
CA PRO A 82 2.66 -12.90 11.10
C PRO A 82 2.51 -13.93 12.20
N THR A 83 3.14 -15.08 12.01
CA THR A 83 3.09 -16.17 12.99
C THR A 83 4.42 -16.32 13.71
N LEU A 84 5.48 -15.76 13.13
CA LEU A 84 6.81 -15.85 13.71
C LEU A 84 7.60 -14.58 13.43
N PRO A 85 8.38 -14.14 14.43
CA PRO A 85 9.21 -12.93 14.32
C PRO A 85 10.37 -13.12 13.36
N GLY A 86 10.43 -12.29 12.33
CA GLY A 86 11.51 -12.38 11.36
C GLY A 86 11.31 -11.43 10.18
N ASP A 87 12.39 -11.12 9.49
CA ASP A 87 12.33 -10.22 8.34
C ASP A 87 11.49 -10.82 7.22
N TYR A 88 10.27 -10.33 7.08
CA TYR A 88 9.36 -10.82 6.05
C TYR A 88 9.61 -10.13 4.71
N SER A 89 10.09 -10.91 3.74
CA SER A 89 10.38 -10.38 2.41
C SER A 89 9.10 -10.18 1.61
N ILE A 90 8.52 -8.99 1.71
CA ILE A 90 7.29 -8.67 0.99
C ILE A 90 7.59 -8.31 -0.47
N LEU A 91 6.82 -8.91 -1.38
CA LEU A 91 7.00 -8.65 -2.81
C LEU A 91 5.71 -8.14 -3.43
N VAL A 92 5.78 -6.98 -4.06
CA VAL A 92 4.62 -6.38 -4.71
C VAL A 92 4.95 -5.92 -6.13
N LYS A 93 4.16 -6.38 -7.09
CA LYS A 93 4.36 -6.02 -8.49
C LYS A 93 3.07 -5.48 -9.11
N TYR A 94 3.21 -4.64 -10.12
CA TYR A 94 2.05 -4.06 -10.80
C TYR A 94 2.21 -4.14 -12.31
N ASN A 95 1.59 -5.15 -12.91
CA ASN A 95 1.66 -5.34 -14.36
C ASN A 95 3.05 -5.81 -14.79
N ASP A 96 3.59 -6.77 -14.03
CA ASP A 96 4.91 -7.31 -14.34
C ASP A 96 5.99 -6.26 -14.09
N LYS A 97 5.86 -5.53 -12.99
CA LYS A 97 6.84 -4.49 -12.65
C LYS A 97 6.93 -4.33 -11.14
N HIS A 98 8.16 -4.25 -10.63
CA HIS A 98 8.39 -4.09 -9.21
C HIS A 98 8.35 -2.60 -8.81
N ILE A 99 7.59 -2.30 -7.76
CA ILE A 99 7.46 -0.93 -7.29
C ILE A 99 8.78 -0.43 -6.69
N PRO A 100 8.98 0.89 -6.69
CA PRO A 100 10.17 1.53 -6.15
C PRO A 100 10.24 1.42 -4.63
N GLY A 101 11.15 0.58 -4.13
CA GLY A 101 11.30 0.41 -2.70
C GLY A 101 11.14 -1.04 -2.27
N SER A 102 10.79 -1.89 -3.22
CA SER A 102 10.60 -3.32 -2.94
C SER A 102 11.78 -4.13 -3.44
N PRO A 103 11.92 -5.36 -2.90
CA PRO A 103 11.00 -5.90 -1.90
C PRO A 103 11.13 -5.19 -0.55
N PHE A 104 10.00 -4.94 0.10
CA PHE A 104 9.99 -4.27 1.38
C PHE A 104 10.44 -5.21 2.49
N THR A 105 11.04 -4.64 3.53
CA THR A 105 11.53 -5.44 4.66
C THR A 105 10.89 -4.99 5.97
N ALA A 106 10.08 -5.85 6.56
CA ALA A 106 9.42 -5.53 7.82
C ALA A 106 10.17 -6.14 9.01
N LYS A 107 10.80 -5.28 9.79
CA LYS A 107 11.56 -5.73 10.95
C LYS A 107 10.62 -6.06 12.11
N ILE A 108 10.12 -7.29 12.13
CA ILE A 108 9.21 -7.73 13.18
C ILE A 108 9.98 -8.33 14.36
N THR A 109 9.52 -8.06 15.58
CA THR A 109 10.17 -8.57 16.77
C THR A 109 9.33 -9.67 17.41
N ASP A 110 9.82 -10.20 18.53
CA ASP A 110 9.12 -11.26 19.24
C ASP A 110 8.67 -10.79 20.62
N ASP A 111 7.36 -10.89 20.87
CA ASP A 111 6.80 -10.47 22.15
C ASP A 111 6.57 -11.66 23.06
N SER A 112 7.46 -12.65 22.97
CA SER A 112 7.34 -13.86 23.78
C SER A 112 7.68 -13.57 25.25
N ARG A 113 6.70 -13.02 25.97
CA ARG A 113 6.89 -12.68 27.37
C ARG A 113 6.81 -13.94 28.25
N ARG A 114 5.60 -14.46 28.41
CA ARG A 114 5.40 -15.65 29.23
C ARG A 114 4.65 -16.72 28.43
N CYS A 115 5.38 -17.73 27.95
CA CYS A 115 4.79 -18.81 27.18
C CYS A 115 3.80 -19.62 28.04
N GLY A 1 -27.79 34.61 17.25
CA GLY A 1 -27.80 33.30 16.61
C GLY A 1 -26.54 33.04 15.81
N SER A 2 -26.41 31.81 15.31
CA SER A 2 -25.24 31.43 14.53
C SER A 2 -25.49 31.64 13.04
N SER A 3 -26.55 31.02 12.53
CA SER A 3 -26.90 31.12 11.12
C SER A 3 -25.64 31.18 10.25
N GLY A 4 -24.66 30.35 10.60
CA GLY A 4 -23.42 30.31 9.84
C GLY A 4 -23.39 29.18 8.84
N SER A 5 -23.74 29.47 7.59
CA SER A 5 -23.74 28.47 6.54
C SER A 5 -23.38 29.10 5.19
N SER A 6 -23.01 28.24 4.24
CA SER A 6 -22.64 28.69 2.91
C SER A 6 -22.83 27.59 1.88
N GLY A 7 -23.18 27.98 0.66
CA GLY A 7 -23.39 27.02 -0.41
C GLY A 7 -24.05 27.63 -1.63
N PRO A 8 -23.35 28.59 -2.26
CA PRO A 8 -23.84 29.26 -3.46
C PRO A 8 -23.88 28.36 -4.68
N GLU A 9 -24.40 28.88 -5.78
CA GLU A 9 -24.49 28.10 -7.02
C GLU A 9 -24.42 29.02 -8.24
N SER A 10 -23.41 28.79 -9.08
CA SER A 10 -23.23 29.60 -10.28
C SER A 10 -22.79 28.72 -11.46
N PRO A 11 -23.28 29.07 -12.66
CA PRO A 11 -22.95 28.33 -13.89
C PRO A 11 -21.50 28.51 -14.31
N LEU A 12 -20.68 27.50 -14.04
CA LEU A 12 -19.26 27.55 -14.39
C LEU A 12 -18.72 26.14 -14.60
N GLN A 13 -18.46 25.80 -15.86
CA GLN A 13 -17.93 24.49 -16.20
C GLN A 13 -16.73 24.60 -17.14
N PHE A 14 -15.54 24.34 -16.62
CA PHE A 14 -14.33 24.42 -17.41
C PHE A 14 -13.68 23.05 -17.56
N TYR A 15 -13.74 22.50 -18.77
CA TYR A 15 -13.17 21.20 -19.05
C TYR A 15 -11.80 21.05 -18.40
N VAL A 16 -11.64 20.04 -17.56
CA VAL A 16 -10.38 19.79 -16.87
C VAL A 16 -9.29 19.41 -17.87
N ASN A 17 -8.11 20.00 -17.69
CA ASN A 17 -6.98 19.73 -18.57
C ASN A 17 -5.69 19.57 -17.77
N TYR A 18 -5.15 18.36 -17.75
CA TYR A 18 -3.92 18.08 -17.03
C TYR A 18 -3.10 17.01 -17.73
N PRO A 19 -1.77 17.16 -17.69
CA PRO A 19 -0.84 16.21 -18.33
C PRO A 19 -0.80 14.87 -17.60
N ASN A 20 -0.11 13.90 -18.18
CA ASN A 20 0.01 12.58 -17.60
C ASN A 20 1.12 12.54 -16.55
N SER A 21 0.79 12.07 -15.36
CA SER A 21 1.76 11.99 -14.27
C SER A 21 1.19 11.21 -13.09
N GLY A 22 2.00 10.31 -12.54
CA GLY A 22 1.56 9.51 -11.42
C GLY A 22 2.35 8.23 -11.26
N SER A 23 2.47 7.75 -10.03
CA SER A 23 3.22 6.53 -9.75
C SER A 23 2.58 5.74 -8.61
N VAL A 24 3.02 4.51 -8.44
CA VAL A 24 2.49 3.65 -7.38
C VAL A 24 3.48 3.52 -6.22
N SER A 25 3.03 3.83 -5.02
CA SER A 25 3.86 3.75 -3.84
C SER A 25 3.16 3.00 -2.71
N ALA A 26 3.93 2.57 -1.72
CA ALA A 26 3.38 1.83 -0.58
C ALA A 26 4.10 2.21 0.70
N TYR A 27 3.33 2.61 1.72
CA TYR A 27 3.90 3.00 3.00
C TYR A 27 2.95 2.64 4.14
N GLY A 28 3.51 2.48 5.34
CA GLY A 28 2.70 2.14 6.49
C GLY A 28 3.51 1.48 7.59
N PRO A 29 2.95 1.44 8.81
CA PRO A 29 3.61 0.85 9.97
C PRO A 29 3.71 -0.67 9.86
N GLY A 30 3.08 -1.23 8.83
CA GLY A 30 3.12 -2.67 8.64
C GLY A 30 4.27 -3.10 7.76
N LEU A 31 4.89 -2.14 7.08
CA LEU A 31 6.03 -2.44 6.20
C LEU A 31 7.35 -2.14 6.90
N VAL A 32 7.34 -1.15 7.78
CA VAL A 32 8.54 -0.77 8.51
C VAL A 32 8.88 -1.80 9.58
N TYR A 33 7.88 -2.18 10.37
CA TYR A 33 8.07 -3.15 11.44
C TYR A 33 6.73 -3.73 11.89
N GLY A 34 6.80 -4.82 12.66
CA GLY A 34 5.59 -5.45 13.16
C GLY A 34 5.85 -6.33 14.36
N VAL A 35 4.82 -7.04 14.80
CA VAL A 35 4.93 -7.92 15.96
C VAL A 35 4.28 -9.27 15.68
N ALA A 36 4.92 -10.34 16.12
CA ALA A 36 4.40 -11.69 15.92
C ALA A 36 2.92 -11.77 16.30
N ASN A 37 2.14 -12.41 15.45
CA ASN A 37 0.71 -12.55 15.69
C ASN A 37 0.07 -11.20 16.02
N LYS A 38 0.51 -10.16 15.32
CA LYS A 38 -0.01 -8.82 15.55
C LYS A 38 -0.63 -8.26 14.26
N THR A 39 -1.71 -7.50 14.42
CA THR A 39 -2.38 -6.90 13.28
C THR A 39 -1.50 -5.86 12.59
N ALA A 40 -1.25 -6.06 11.30
CA ALA A 40 -0.43 -5.15 10.53
C ALA A 40 -1.07 -4.82 9.19
N THR A 41 -1.48 -3.57 9.02
CA THR A 41 -2.11 -3.13 7.78
C THR A 41 -1.41 -1.92 7.21
N PHE A 42 -1.19 -1.92 5.89
CA PHE A 42 -0.52 -0.82 5.22
C PHE A 42 -1.39 -0.26 4.10
N THR A 43 -1.13 0.98 3.72
CA THR A 43 -1.89 1.64 2.66
C THR A 43 -1.07 1.73 1.37
N ILE A 44 -1.70 1.38 0.26
CA ILE A 44 -1.03 1.43 -1.04
C ILE A 44 -1.58 2.57 -1.90
N VAL A 45 -0.77 3.60 -2.08
CA VAL A 45 -1.17 4.75 -2.87
C VAL A 45 -1.44 4.35 -4.32
N THR A 46 -2.59 4.77 -4.84
CA THR A 46 -2.97 4.46 -6.21
C THR A 46 -4.01 5.44 -6.74
N GLU A 47 -3.63 6.20 -7.77
CA GLU A 47 -4.53 7.17 -8.37
C GLU A 47 -4.65 6.95 -9.87
N ASP A 48 -5.89 6.99 -10.37
CA ASP A 48 -6.14 6.80 -11.79
C ASP A 48 -5.25 5.69 -12.35
N ALA A 49 -5.12 4.61 -11.60
CA ALA A 49 -4.31 3.47 -12.03
C ALA A 49 -5.17 2.33 -12.55
N GLY A 50 -6.14 1.92 -11.73
CA GLY A 50 -7.03 0.84 -12.12
C GLY A 50 -6.67 -0.47 -11.44
N GLU A 51 -7.61 -1.41 -11.45
CA GLU A 51 -7.39 -2.71 -10.83
C GLU A 51 -7.32 -3.81 -11.88
N GLY A 52 -6.14 -3.97 -12.47
CA GLY A 52 -5.96 -5.00 -13.49
C GLY A 52 -5.36 -6.26 -12.94
N GLY A 53 -4.04 -6.28 -12.78
CA GLY A 53 -3.36 -7.46 -12.26
C GLY A 53 -2.48 -7.13 -11.07
N LEU A 54 -3.11 -6.77 -9.95
CA LEU A 54 -2.37 -6.44 -8.74
C LEU A 54 -2.04 -7.70 -7.94
N ASP A 55 -0.76 -8.07 -7.95
CA ASP A 55 -0.31 -9.25 -7.22
C ASP A 55 0.35 -8.86 -5.90
N LEU A 56 0.07 -9.64 -4.86
CA LEU A 56 0.65 -9.38 -3.54
C LEU A 56 1.05 -10.67 -2.85
N ALA A 57 2.30 -10.73 -2.40
CA ALA A 57 2.81 -11.91 -1.72
C ALA A 57 3.87 -11.53 -0.68
N ILE A 58 4.01 -12.36 0.35
CA ILE A 58 4.98 -12.11 1.40
C ILE A 58 5.72 -13.39 1.78
N GLU A 59 7.02 -13.26 2.04
CA GLU A 59 7.84 -14.41 2.40
C GLU A 59 8.51 -14.19 3.76
N GLY A 60 9.23 -15.20 4.23
CA GLY A 60 9.91 -15.10 5.50
C GLY A 60 10.02 -16.44 6.21
N PRO A 61 10.19 -16.40 7.53
CA PRO A 61 10.33 -17.61 8.35
C PRO A 61 9.01 -18.38 8.46
N SER A 62 7.93 -17.75 8.03
CA SER A 62 6.61 -18.38 8.08
C SER A 62 5.73 -17.86 6.95
N LYS A 63 4.74 -18.66 6.57
CA LYS A 63 3.82 -18.29 5.50
C LYS A 63 2.59 -17.57 6.07
N ALA A 64 2.55 -16.25 5.89
CA ALA A 64 1.45 -15.44 6.38
C ALA A 64 0.42 -15.19 5.27
N GLU A 65 -0.83 -15.03 5.67
CA GLU A 65 -1.91 -14.78 4.71
C GLU A 65 -1.98 -13.30 4.34
N ILE A 66 -2.52 -13.02 3.16
CA ILE A 66 -2.64 -11.64 2.68
C ILE A 66 -4.07 -11.34 2.25
N SER A 67 -4.74 -10.48 3.00
CA SER A 67 -6.12 -10.10 2.70
C SER A 67 -6.16 -8.77 1.95
N CYS A 68 -6.05 -8.84 0.64
CA CYS A 68 -6.07 -7.64 -0.20
C CYS A 68 -7.49 -7.06 -0.28
N ILE A 69 -7.60 -5.75 -0.10
CA ILE A 69 -8.90 -5.09 -0.16
C ILE A 69 -8.80 -3.75 -0.90
N ASP A 70 -9.68 -3.57 -1.87
CA ASP A 70 -9.70 -2.34 -2.66
C ASP A 70 -10.78 -1.39 -2.15
N ASN A 71 -10.46 -0.09 -2.14
CA ASN A 71 -11.41 0.91 -1.68
C ASN A 71 -12.06 1.63 -2.86
N LYS A 72 -12.94 2.58 -2.56
CA LYS A 72 -13.64 3.33 -3.59
C LYS A 72 -13.15 4.78 -3.63
N ASP A 73 -12.29 5.14 -2.67
CA ASP A 73 -11.76 6.49 -2.59
C ASP A 73 -10.57 6.66 -3.52
N GLY A 74 -9.66 5.68 -3.52
CA GLY A 74 -8.50 5.74 -4.37
C GLY A 74 -7.27 5.14 -3.73
N THR A 75 -7.49 4.10 -2.91
CA THR A 75 -6.39 3.43 -2.23
C THR A 75 -6.65 1.93 -2.11
N CYS A 76 -5.73 1.23 -1.46
CA CYS A 76 -5.86 -0.22 -1.28
C CYS A 76 -5.45 -0.64 0.12
N THR A 77 -6.34 -1.34 0.81
CA THR A 77 -6.07 -1.81 2.17
C THR A 77 -5.63 -3.26 2.18
N VAL A 78 -4.45 -3.51 2.75
CA VAL A 78 -3.92 -4.87 2.82
C VAL A 78 -3.53 -5.22 4.25
N THR A 79 -4.22 -6.21 4.82
CA THR A 79 -3.95 -6.64 6.19
C THR A 79 -3.29 -8.01 6.21
N TYR A 80 -2.34 -8.19 7.12
CA TYR A 80 -1.62 -9.46 7.24
C TYR A 80 -1.22 -9.72 8.69
N LEU A 81 -1.23 -10.98 9.07
CA LEU A 81 -0.86 -11.38 10.43
C LEU A 81 0.37 -12.28 10.43
N PRO A 82 1.43 -11.83 11.10
CA PRO A 82 2.69 -12.60 11.19
C PRO A 82 2.54 -13.84 12.06
N THR A 83 3.27 -14.89 11.69
CA THR A 83 3.23 -16.15 12.43
C THR A 83 4.48 -16.33 13.28
N LEU A 84 5.56 -15.65 12.90
CA LEU A 84 6.82 -15.74 13.62
C LEU A 84 7.66 -14.48 13.41
N PRO A 85 8.36 -14.06 14.47
CA PRO A 85 9.21 -12.86 14.43
C PRO A 85 10.45 -13.08 13.57
N GLY A 86 10.57 -12.29 12.50
CA GLY A 86 11.71 -12.40 11.62
C GLY A 86 11.58 -11.53 10.38
N ASP A 87 12.72 -11.20 9.77
CA ASP A 87 12.72 -10.37 8.57
C ASP A 87 11.75 -10.91 7.54
N TYR A 88 10.73 -10.12 7.22
CA TYR A 88 9.72 -10.51 6.24
C TYR A 88 9.95 -9.82 4.91
N SER A 89 10.10 -10.60 3.86
CA SER A 89 10.33 -10.05 2.52
C SER A 89 9.01 -9.87 1.78
N ILE A 90 8.48 -8.66 1.80
CA ILE A 90 7.21 -8.36 1.13
C ILE A 90 7.43 -8.18 -0.37
N LEU A 91 6.71 -8.96 -1.17
CA LEU A 91 6.83 -8.88 -2.62
C LEU A 91 5.54 -8.34 -3.23
N VAL A 92 5.55 -7.06 -3.60
CA VAL A 92 4.39 -6.42 -4.19
C VAL A 92 4.65 -6.06 -5.65
N LYS A 93 3.68 -6.36 -6.51
CA LYS A 93 3.81 -6.07 -7.94
C LYS A 93 2.52 -5.46 -8.48
N TYR A 94 2.64 -4.73 -9.58
CA TYR A 94 1.49 -4.08 -10.20
C TYR A 94 1.52 -4.26 -11.71
N ASN A 95 0.58 -5.06 -12.23
CA ASN A 95 0.50 -5.31 -13.66
C ASN A 95 1.80 -5.91 -14.18
N ASP A 96 2.40 -6.79 -13.39
CA ASP A 96 3.65 -7.44 -13.78
C ASP A 96 4.81 -6.46 -13.70
N LYS A 97 4.92 -5.76 -12.58
CA LYS A 97 6.00 -4.79 -12.37
C LYS A 97 6.24 -4.55 -10.88
N HIS A 98 7.51 -4.57 -10.49
CA HIS A 98 7.88 -4.34 -9.10
C HIS A 98 7.94 -2.85 -8.78
N ILE A 99 7.32 -2.47 -7.67
CA ILE A 99 7.30 -1.07 -7.26
C ILE A 99 8.69 -0.62 -6.79
N PRO A 100 8.96 0.69 -6.93
CA PRO A 100 10.25 1.27 -6.52
C PRO A 100 10.41 1.30 -5.01
N GLY A 101 11.11 0.31 -4.47
CA GLY A 101 11.34 0.24 -3.03
C GLY A 101 11.15 -1.16 -2.49
N SER A 102 10.69 -2.07 -3.34
CA SER A 102 10.47 -3.45 -2.93
C SER A 102 11.59 -4.36 -3.45
N PRO A 103 11.72 -5.54 -2.84
CA PRO A 103 10.86 -5.96 -1.73
C PRO A 103 11.12 -5.17 -0.46
N PHE A 104 10.10 -5.06 0.39
CA PHE A 104 10.23 -4.32 1.64
C PHE A 104 10.72 -5.23 2.76
N THR A 105 11.27 -4.63 3.81
CA THR A 105 11.79 -5.39 4.95
C THR A 105 11.16 -4.90 6.25
N ALA A 106 10.20 -5.67 6.76
CA ALA A 106 9.53 -5.32 8.00
C ALA A 106 10.23 -5.95 9.20
N LYS A 107 10.95 -5.13 9.96
CA LYS A 107 11.66 -5.60 11.14
C LYS A 107 10.69 -5.98 12.26
N ILE A 108 10.27 -7.24 12.26
CA ILE A 108 9.34 -7.73 13.27
C ILE A 108 10.09 -8.32 14.46
N THR A 109 9.54 -8.13 15.65
CA THR A 109 10.15 -8.65 16.87
C THR A 109 9.22 -9.62 17.58
N ASP A 110 9.74 -10.28 18.62
CA ASP A 110 8.96 -11.24 19.39
C ASP A 110 8.27 -10.56 20.57
N ASP A 111 7.17 -9.86 20.29
CA ASP A 111 6.42 -9.17 21.32
C ASP A 111 7.36 -8.59 22.38
N SER A 112 8.50 -8.06 21.93
CA SER A 112 9.49 -7.49 22.84
C SER A 112 9.15 -6.03 23.16
N ARG A 113 8.24 -5.84 24.10
CA ARG A 113 7.82 -4.49 24.51
C ARG A 113 7.64 -4.42 26.02
N ARG A 114 7.95 -3.25 26.58
CA ARG A 114 7.82 -3.04 28.02
C ARG A 114 7.15 -1.70 28.32
N CYS A 115 6.74 -1.52 29.56
CA CYS A 115 6.07 -0.29 29.97
C CYS A 115 7.09 0.72 30.51
N GLY A 1 25.84 23.54 4.20
CA GLY A 1 24.90 22.62 4.81
C GLY A 1 23.48 23.13 4.76
N SER A 2 22.54 22.33 5.24
CA SER A 2 21.12 22.71 5.24
C SER A 2 20.42 22.17 6.49
N SER A 3 19.15 22.54 6.64
CA SER A 3 18.37 22.09 7.78
C SER A 3 16.87 22.26 7.52
N GLY A 4 16.05 21.81 8.46
CA GLY A 4 14.61 21.92 8.31
C GLY A 4 13.86 20.89 9.14
N SER A 5 12.55 21.02 9.19
CA SER A 5 11.71 20.10 9.95
C SER A 5 10.25 20.19 9.50
N SER A 6 9.50 19.14 9.79
CA SER A 6 8.09 19.08 9.41
C SER A 6 7.25 18.49 10.53
N GLY A 7 6.04 19.04 10.71
CA GLY A 7 5.16 18.55 11.75
C GLY A 7 3.76 18.27 11.24
N PRO A 8 2.93 17.63 12.09
CA PRO A 8 1.55 17.29 11.73
C PRO A 8 0.66 18.52 11.65
N GLU A 9 1.21 19.68 11.99
CA GLU A 9 0.47 20.93 11.95
C GLU A 9 0.12 21.30 10.51
N SER A 10 -1.13 21.09 10.13
CA SER A 10 -1.58 21.41 8.77
C SER A 10 -2.84 22.27 8.81
N PRO A 11 -3.03 23.09 7.77
CA PRO A 11 -4.20 23.97 7.65
C PRO A 11 -5.49 23.20 7.41
N LEU A 12 -6.62 23.83 7.67
CA LEU A 12 -7.93 23.22 7.48
C LEU A 12 -8.25 23.09 5.99
N GLN A 13 -9.10 22.13 5.65
CA GLN A 13 -9.49 21.91 4.26
C GLN A 13 -8.27 21.82 3.36
N PHE A 14 -7.31 20.98 3.74
CA PHE A 14 -6.09 20.80 2.97
C PHE A 14 -6.15 19.51 2.15
N TYR A 15 -6.25 19.65 0.84
CA TYR A 15 -6.33 18.50 -0.05
C TYR A 15 -6.31 18.94 -1.51
N VAL A 16 -5.22 18.62 -2.20
CA VAL A 16 -5.08 18.98 -3.61
C VAL A 16 -4.62 17.79 -4.44
N ASN A 17 -5.31 17.52 -5.53
CA ASN A 17 -4.98 16.41 -6.41
C ASN A 17 -4.73 16.89 -7.84
N TYR A 18 -3.63 16.45 -8.43
CA TYR A 18 -3.28 16.84 -9.79
C TYR A 18 -2.55 15.71 -10.51
N PRO A 19 -2.67 15.68 -11.85
CA PRO A 19 -2.03 14.66 -12.68
C PRO A 19 -0.51 14.82 -12.72
N ASN A 20 0.00 15.78 -11.98
CA ASN A 20 1.43 16.04 -11.92
C ASN A 20 2.22 14.73 -12.05
N SER A 21 1.72 13.68 -11.40
CA SER A 21 2.37 12.37 -11.43
C SER A 21 1.39 11.27 -11.09
N GLY A 22 1.67 10.06 -11.58
CA GLY A 22 0.79 8.94 -11.30
C GLY A 22 1.57 7.64 -11.10
N SER A 23 1.69 7.21 -9.86
CA SER A 23 2.41 5.99 -9.54
C SER A 23 1.90 5.38 -8.23
N VAL A 24 2.21 4.11 -8.01
CA VAL A 24 1.78 3.41 -6.81
C VAL A 24 2.87 3.44 -5.74
N SER A 25 2.48 3.77 -4.51
CA SER A 25 3.41 3.84 -3.40
C SER A 25 2.89 3.07 -2.19
N ALA A 26 3.73 2.21 -1.63
CA ALA A 26 3.35 1.42 -0.47
C ALA A 26 4.01 1.95 0.79
N TYR A 27 3.19 2.23 1.81
CA TYR A 27 3.70 2.76 3.07
C TYR A 27 2.79 2.36 4.22
N GLY A 28 3.33 2.36 5.44
CA GLY A 28 2.55 2.00 6.61
C GLY A 28 3.37 1.25 7.65
N PRO A 29 2.86 1.20 8.89
CA PRO A 29 3.53 0.52 9.99
C PRO A 29 3.55 -1.00 9.81
N GLY A 30 2.95 -1.46 8.73
CA GLY A 30 2.90 -2.89 8.47
C GLY A 30 4.00 -3.35 7.53
N LEU A 31 4.59 -2.40 6.81
CA LEU A 31 5.66 -2.71 5.87
C LEU A 31 7.03 -2.45 6.49
N VAL A 32 7.11 -1.40 7.31
CA VAL A 32 8.36 -1.02 7.97
C VAL A 32 8.74 -2.07 9.00
N TYR A 33 7.79 -2.47 9.84
CA TYR A 33 8.04 -3.46 10.87
C TYR A 33 6.72 -4.01 11.43
N GLY A 34 6.83 -5.02 12.28
CA GLY A 34 5.65 -5.62 12.87
C GLY A 34 5.94 -6.29 14.19
N VAL A 35 5.06 -7.22 14.59
CA VAL A 35 5.23 -7.93 15.86
C VAL A 35 4.54 -9.28 15.82
N ALA A 36 5.20 -10.30 16.36
CA ALA A 36 4.65 -11.64 16.40
C ALA A 36 3.20 -11.64 16.84
N ASN A 37 2.34 -12.30 16.07
CA ASN A 37 0.92 -12.37 16.39
C ASN A 37 0.36 -10.98 16.70
N LYS A 38 0.69 -10.02 15.84
CA LYS A 38 0.22 -8.65 16.01
C LYS A 38 -0.45 -8.14 14.74
N THR A 39 -1.41 -7.23 14.90
CA THR A 39 -2.12 -6.67 13.76
C THR A 39 -1.25 -5.67 13.00
N ALA A 40 -0.97 -5.97 11.75
CA ALA A 40 -0.16 -5.10 10.92
C ALA A 40 -0.85 -4.78 9.60
N THR A 41 -1.27 -3.52 9.44
CA THR A 41 -1.95 -3.09 8.23
C THR A 41 -1.31 -1.83 7.66
N PHE A 42 -1.15 -1.80 6.34
CA PHE A 42 -0.54 -0.65 5.68
C PHE A 42 -1.48 -0.10 4.59
N THR A 43 -1.19 1.12 4.14
CA THR A 43 -2.01 1.76 3.12
C THR A 43 -1.24 1.88 1.81
N ILE A 44 -1.95 1.69 0.70
CA ILE A 44 -1.33 1.77 -0.62
C ILE A 44 -2.08 2.76 -1.51
N VAL A 45 -1.34 3.72 -2.06
CA VAL A 45 -1.92 4.73 -2.93
C VAL A 45 -2.33 4.14 -4.28
N THR A 46 -3.43 3.37 -4.26
CA THR A 46 -3.92 2.74 -5.48
C THR A 46 -4.77 3.70 -6.29
N GLU A 47 -4.12 4.68 -6.91
CA GLU A 47 -4.82 5.68 -7.72
C GLU A 47 -4.60 5.42 -9.20
N ASP A 48 -3.38 5.05 -9.56
CA ASP A 48 -3.02 4.77 -10.95
C ASP A 48 -2.90 3.27 -11.19
N ALA A 49 -3.80 2.50 -10.59
CA ALA A 49 -3.79 1.05 -10.73
C ALA A 49 -4.92 0.59 -11.64
N GLY A 50 -4.76 0.78 -12.94
CA GLY A 50 -5.78 0.38 -13.89
C GLY A 50 -5.97 -1.12 -13.93
N GLU A 51 -7.16 -1.56 -14.35
CA GLU A 51 -7.47 -2.98 -14.43
C GLU A 51 -6.48 -3.70 -15.34
N GLY A 52 -5.35 -4.13 -14.76
CA GLY A 52 -4.34 -4.83 -15.53
C GLY A 52 -3.97 -6.17 -14.93
N GLY A 53 -2.95 -6.17 -14.07
CA GLY A 53 -2.52 -7.40 -13.43
C GLY A 53 -1.66 -7.15 -12.21
N LEU A 54 -2.31 -6.90 -11.08
CA LEU A 54 -1.60 -6.64 -9.84
C LEU A 54 -1.36 -7.93 -9.06
N ASP A 55 -0.20 -8.03 -8.42
CA ASP A 55 0.14 -9.22 -7.64
C ASP A 55 0.59 -8.83 -6.23
N LEU A 56 0.25 -9.67 -5.26
CA LEU A 56 0.61 -9.41 -3.87
C LEU A 56 1.05 -10.70 -3.18
N ALA A 57 2.34 -10.79 -2.88
CA ALA A 57 2.88 -11.97 -2.21
C ALA A 57 3.90 -11.58 -1.15
N ILE A 58 3.86 -12.25 -0.01
CA ILE A 58 4.79 -11.97 1.08
C ILE A 58 5.54 -13.22 1.51
N GLU A 59 6.85 -13.10 1.64
CA GLU A 59 7.69 -14.24 2.03
C GLU A 59 8.33 -13.98 3.39
N GLY A 60 8.66 -15.07 4.09
CA GLY A 60 9.28 -14.94 5.41
C GLY A 60 9.50 -16.28 6.07
N PRO A 61 9.76 -16.27 7.38
CA PRO A 61 10.01 -17.48 8.16
C PRO A 61 8.75 -18.33 8.32
N SER A 62 7.59 -17.72 8.11
CA SER A 62 6.32 -18.41 8.23
C SER A 62 5.31 -17.87 7.23
N LYS A 63 4.63 -18.78 6.54
CA LYS A 63 3.63 -18.41 5.54
C LYS A 63 2.46 -17.66 6.19
N ALA A 64 2.38 -16.36 5.93
CA ALA A 64 1.31 -15.54 6.48
C ALA A 64 0.20 -15.31 5.46
N GLU A 65 -0.99 -14.99 5.96
CA GLU A 65 -2.13 -14.75 5.08
C GLU A 65 -2.17 -13.29 4.63
N ILE A 66 -2.94 -13.02 3.58
CA ILE A 66 -3.06 -11.67 3.05
C ILE A 66 -4.50 -11.38 2.62
N SER A 67 -5.06 -10.28 3.15
CA SER A 67 -6.42 -9.90 2.82
C SER A 67 -6.47 -8.49 2.25
N CYS A 68 -6.61 -8.39 0.94
CA CYS A 68 -6.66 -7.09 0.25
C CYS A 68 -8.11 -6.68 -0.02
N ILE A 69 -8.40 -5.40 0.14
CA ILE A 69 -9.74 -4.89 -0.09
C ILE A 69 -9.69 -3.48 -0.67
N ASP A 70 -10.61 -3.18 -1.58
CA ASP A 70 -10.68 -1.87 -2.21
C ASP A 70 -11.39 -0.87 -1.31
N ASN A 71 -10.82 0.33 -1.19
CA ASN A 71 -11.41 1.37 -0.36
C ASN A 71 -12.35 2.25 -1.17
N LYS A 72 -12.88 3.29 -0.52
CA LYS A 72 -13.80 4.21 -1.18
C LYS A 72 -13.06 5.44 -1.69
N ASP A 73 -11.98 5.80 -1.00
CA ASP A 73 -11.19 6.97 -1.37
C ASP A 73 -10.32 6.65 -2.60
N GLY A 74 -9.94 5.39 -2.74
CA GLY A 74 -9.11 4.99 -3.86
C GLY A 74 -7.84 4.30 -3.43
N THR A 75 -7.86 3.72 -2.22
CA THR A 75 -6.69 3.04 -1.69
C THR A 75 -7.00 1.57 -1.41
N CYS A 76 -5.99 0.84 -0.92
CA CYS A 76 -6.16 -0.57 -0.61
C CYS A 76 -5.69 -0.87 0.81
N THR A 77 -6.56 -1.53 1.58
CA THR A 77 -6.23 -1.88 2.97
C THR A 77 -5.85 -3.35 3.09
N VAL A 78 -4.56 -3.63 3.06
CA VAL A 78 -4.07 -5.00 3.17
C VAL A 78 -3.69 -5.34 4.61
N THR A 79 -4.47 -6.22 5.23
CA THR A 79 -4.22 -6.63 6.60
C THR A 79 -3.62 -8.03 6.67
N TYR A 80 -2.71 -8.24 7.61
CA TYR A 80 -2.05 -9.53 7.78
C TYR A 80 -1.63 -9.75 9.23
N LEU A 81 -1.36 -11.00 9.56
CA LEU A 81 -0.94 -11.34 10.92
C LEU A 81 0.23 -12.34 10.90
N PRO A 82 1.39 -11.88 11.38
CA PRO A 82 2.60 -12.71 11.42
C PRO A 82 2.50 -13.83 12.45
N THR A 83 3.14 -14.95 12.17
CA THR A 83 3.12 -16.10 13.07
C THR A 83 4.42 -16.19 13.87
N LEU A 84 5.51 -15.69 13.29
CA LEU A 84 6.81 -15.72 13.95
C LEU A 84 7.60 -14.45 13.64
N PRO A 85 8.36 -13.97 14.63
CA PRO A 85 9.18 -12.76 14.48
C PRO A 85 10.38 -13.00 13.55
N GLY A 86 10.47 -12.18 12.51
CA GLY A 86 11.57 -12.31 11.56
C GLY A 86 11.46 -11.33 10.41
N ASP A 87 12.51 -11.24 9.62
CA ASP A 87 12.53 -10.33 8.48
C ASP A 87 11.70 -10.89 7.32
N TYR A 88 10.53 -10.29 7.11
CA TYR A 88 9.63 -10.72 6.04
C TYR A 88 9.93 -9.99 4.74
N SER A 89 10.16 -10.74 3.67
CA SER A 89 10.47 -10.16 2.37
C SER A 89 9.19 -9.98 1.56
N ILE A 90 8.70 -8.74 1.52
CA ILE A 90 7.48 -8.43 0.78
C ILE A 90 7.77 -8.28 -0.71
N LEU A 91 7.00 -8.98 -1.53
CA LEU A 91 7.17 -8.91 -2.98
C LEU A 91 5.89 -8.46 -3.67
N VAL A 92 5.87 -7.21 -4.11
CA VAL A 92 4.70 -6.65 -4.79
C VAL A 92 5.04 -6.25 -6.22
N LYS A 93 4.27 -6.77 -7.17
CA LYS A 93 4.49 -6.45 -8.58
C LYS A 93 3.26 -5.76 -9.17
N TYR A 94 3.52 -4.81 -10.08
CA TYR A 94 2.43 -4.07 -10.72
C TYR A 94 2.72 -3.87 -12.21
N ASN A 95 1.94 -4.54 -13.05
CA ASN A 95 2.10 -4.44 -14.49
C ASN A 95 3.32 -5.22 -14.96
N ASP A 96 3.58 -6.35 -14.29
CA ASP A 96 4.71 -7.20 -14.64
C ASP A 96 6.03 -6.46 -14.41
N LYS A 97 6.06 -5.61 -13.40
CA LYS A 97 7.26 -4.83 -13.07
C LYS A 97 7.30 -4.51 -11.58
N HIS A 98 8.49 -4.58 -11.00
CA HIS A 98 8.67 -4.30 -9.59
C HIS A 98 8.66 -2.79 -9.33
N ILE A 99 8.12 -2.39 -8.19
CA ILE A 99 8.04 -0.98 -7.83
C ILE A 99 9.34 -0.51 -7.19
N PRO A 100 9.61 0.80 -7.28
CA PRO A 100 10.83 1.41 -6.70
C PRO A 100 10.79 1.41 -5.18
N GLY A 101 11.37 0.38 -4.58
CA GLY A 101 11.40 0.29 -3.13
C GLY A 101 11.25 -1.13 -2.63
N SER A 102 10.76 -2.01 -3.50
CA SER A 102 10.56 -3.41 -3.14
C SER A 102 11.72 -4.27 -3.64
N PRO A 103 11.86 -5.47 -3.05
CA PRO A 103 10.96 -5.94 -2.00
C PRO A 103 11.16 -5.18 -0.70
N PHE A 104 10.09 -5.08 0.09
CA PHE A 104 10.14 -4.37 1.37
C PHE A 104 10.50 -5.32 2.50
N THR A 105 11.21 -4.80 3.50
CA THR A 105 11.62 -5.60 4.65
C THR A 105 10.98 -5.09 5.93
N ALA A 106 10.22 -5.96 6.59
CA ALA A 106 9.54 -5.60 7.83
C ALA A 106 10.28 -6.19 9.04
N LYS A 107 10.97 -5.32 9.78
CA LYS A 107 11.72 -5.76 10.95
C LYS A 107 10.77 -6.08 12.11
N ILE A 108 10.24 -7.29 12.10
CA ILE A 108 9.32 -7.73 13.14
C ILE A 108 10.08 -8.19 14.39
N THR A 109 9.52 -7.89 15.56
CA THR A 109 10.14 -8.27 16.81
C THR A 109 9.20 -9.10 17.67
N ASP A 110 9.72 -9.66 18.76
CA ASP A 110 8.92 -10.47 19.66
C ASP A 110 8.71 -9.77 20.99
N ASP A 111 7.46 -9.77 21.47
CA ASP A 111 7.13 -9.13 22.74
C ASP A 111 6.43 -10.10 23.66
N SER A 112 6.95 -11.32 23.74
CA SER A 112 6.36 -12.35 24.60
C SER A 112 6.89 -12.23 26.03
N ARG A 113 6.86 -11.01 26.55
CA ARG A 113 7.33 -10.75 27.91
C ARG A 113 6.41 -11.41 28.93
N ARG A 114 5.14 -11.54 28.58
CA ARG A 114 4.16 -12.15 29.48
C ARG A 114 4.53 -13.59 29.78
N CYS A 115 4.50 -13.95 31.06
CA CYS A 115 4.83 -15.31 31.49
C CYS A 115 4.26 -15.59 32.87
N GLY A 1 -33.06 47.01 -11.82
CA GLY A 1 -33.83 45.86 -11.37
C GLY A 1 -33.38 44.57 -12.02
N SER A 2 -34.34 43.71 -12.34
CA SER A 2 -34.05 42.43 -12.96
C SER A 2 -34.35 42.46 -14.47
N SER A 3 -33.76 41.53 -15.21
CA SER A 3 -33.96 41.46 -16.65
C SER A 3 -34.88 40.30 -17.01
N GLY A 4 -34.52 39.10 -16.56
CA GLY A 4 -35.32 37.92 -16.85
C GLY A 4 -34.71 36.66 -16.27
N SER A 5 -34.86 35.55 -16.99
CA SER A 5 -34.32 34.26 -16.56
C SER A 5 -34.07 33.35 -17.74
N SER A 6 -33.49 32.18 -17.47
CA SER A 6 -33.18 31.21 -18.51
C SER A 6 -34.44 30.88 -19.32
N GLY A 7 -34.26 30.03 -20.34
CA GLY A 7 -35.38 29.65 -21.18
C GLY A 7 -35.40 28.17 -21.47
N PRO A 8 -34.74 27.77 -22.57
CA PRO A 8 -34.66 26.37 -22.99
C PRO A 8 -33.80 25.53 -22.04
N GLU A 9 -34.21 24.28 -21.83
CA GLU A 9 -33.49 23.37 -20.95
C GLU A 9 -32.02 23.27 -21.37
N SER A 10 -31.16 24.03 -20.69
CA SER A 10 -29.74 24.02 -20.99
C SER A 10 -29.25 22.61 -21.31
N PRO A 11 -28.28 22.51 -22.23
CA PRO A 11 -27.71 21.23 -22.64
C PRO A 11 -26.87 20.59 -21.55
N LEU A 12 -27.05 19.29 -21.32
CA LEU A 12 -26.30 18.57 -20.30
C LEU A 12 -25.30 17.62 -20.94
N GLN A 13 -24.06 17.65 -20.45
CA GLN A 13 -23.01 16.79 -20.97
C GLN A 13 -22.02 16.43 -19.87
N PHE A 14 -21.07 15.55 -20.20
CA PHE A 14 -20.05 15.13 -19.25
C PHE A 14 -18.68 15.68 -19.62
N TYR A 15 -17.91 16.07 -18.61
CA TYR A 15 -16.58 16.61 -18.83
C TYR A 15 -15.69 15.61 -19.55
N VAL A 16 -14.60 16.12 -20.14
CA VAL A 16 -13.66 15.26 -20.86
C VAL A 16 -12.48 14.87 -19.98
N ASN A 17 -12.07 13.62 -20.08
CA ASN A 17 -10.95 13.11 -19.29
C ASN A 17 -9.64 13.23 -20.07
N TYR A 18 -8.52 13.18 -19.36
CA TYR A 18 -7.21 13.29 -19.97
C TYR A 18 -6.26 12.22 -19.43
N PRO A 19 -5.32 11.78 -20.29
CA PRO A 19 -4.34 10.75 -19.92
C PRO A 19 -3.32 11.26 -18.89
N ASN A 20 -3.21 10.55 -17.78
CA ASN A 20 -2.28 10.93 -16.72
C ASN A 20 -1.47 9.73 -16.25
N SER A 21 -0.17 9.94 -16.05
CA SER A 21 0.72 8.88 -15.61
C SER A 21 1.29 9.19 -14.23
N GLY A 22 2.05 8.24 -13.69
CA GLY A 22 2.65 8.42 -12.37
C GLY A 22 3.35 7.18 -11.87
N SER A 23 3.28 6.93 -10.57
CA SER A 23 3.93 5.78 -9.96
C SER A 23 3.13 5.29 -8.76
N VAL A 24 3.56 4.16 -8.19
CA VAL A 24 2.90 3.59 -7.03
C VAL A 24 3.79 3.67 -5.80
N SER A 25 3.18 3.97 -4.66
CA SER A 25 3.92 4.09 -3.41
C SER A 25 3.19 3.36 -2.28
N ALA A 26 3.96 2.75 -1.38
CA ALA A 26 3.39 2.02 -0.26
C ALA A 26 4.03 2.44 1.06
N TYR A 27 3.21 2.76 2.06
CA TYR A 27 3.70 3.18 3.36
C TYR A 27 2.77 2.71 4.47
N GLY A 28 3.29 2.66 5.69
CA GLY A 28 2.50 2.23 6.83
C GLY A 28 3.32 1.53 7.88
N PRO A 29 2.79 1.47 9.11
CA PRO A 29 3.47 0.82 10.23
C PRO A 29 3.54 -0.70 10.08
N GLY A 30 2.81 -1.22 9.09
CA GLY A 30 2.80 -2.65 8.85
C GLY A 30 3.98 -3.11 8.01
N LEU A 31 4.51 -2.20 7.19
CA LEU A 31 5.63 -2.53 6.34
C LEU A 31 6.95 -2.21 7.03
N VAL A 32 6.95 -1.18 7.87
CA VAL A 32 8.14 -0.78 8.59
C VAL A 32 8.55 -1.84 9.62
N TYR A 33 7.55 -2.40 10.30
CA TYR A 33 7.80 -3.42 11.31
C TYR A 33 6.50 -4.06 11.77
N GLY A 34 6.61 -5.04 12.66
CA GLY A 34 5.42 -5.72 13.17
C GLY A 34 5.70 -6.51 14.43
N VAL A 35 4.70 -7.20 14.93
CA VAL A 35 4.83 -8.01 16.14
C VAL A 35 4.18 -9.38 15.97
N ALA A 36 4.91 -10.42 16.36
CA ALA A 36 4.39 -11.78 16.26
C ALA A 36 2.93 -11.85 16.68
N ASN A 37 2.09 -12.34 15.78
CA ASN A 37 0.65 -12.45 16.05
C ASN A 37 0.05 -11.09 16.39
N LYS A 38 0.41 -10.08 15.61
CA LYS A 38 -0.10 -8.73 15.82
C LYS A 38 -0.67 -8.16 14.52
N THR A 39 -1.65 -7.26 14.67
CA THR A 39 -2.27 -6.64 13.51
C THR A 39 -1.32 -5.67 12.82
N ALA A 40 -1.20 -5.79 11.50
CA ALA A 40 -0.33 -4.93 10.73
C ALA A 40 -0.88 -4.70 9.33
N THR A 41 -1.10 -3.44 8.98
CA THR A 41 -1.63 -3.08 7.67
C THR A 41 -1.05 -1.76 7.18
N PHE A 42 -1.02 -1.59 5.87
CA PHE A 42 -0.49 -0.38 5.26
C PHE A 42 -1.43 0.17 4.19
N THR A 43 -1.14 1.37 3.70
CA THR A 43 -1.97 2.00 2.68
C THR A 43 -1.20 2.16 1.38
N ILE A 44 -1.89 1.95 0.26
CA ILE A 44 -1.26 2.07 -1.06
C ILE A 44 -1.99 3.12 -1.91
N VAL A 45 -1.21 3.98 -2.55
CA VAL A 45 -1.77 5.02 -3.40
C VAL A 45 -2.19 4.47 -4.75
N THR A 46 -3.50 4.35 -4.96
CA THR A 46 -4.03 3.82 -6.21
C THR A 46 -5.18 4.68 -6.72
N GLU A 47 -5.02 6.00 -6.61
CA GLU A 47 -6.05 6.94 -7.06
C GLU A 47 -5.97 7.15 -8.58
N ASP A 48 -4.75 7.13 -9.11
CA ASP A 48 -4.53 7.32 -10.53
C ASP A 48 -3.76 6.14 -11.13
N ALA A 49 -4.14 4.93 -10.74
CA ALA A 49 -3.48 3.73 -11.23
C ALA A 49 -4.27 3.10 -12.37
N GLY A 50 -5.59 2.99 -12.19
CA GLY A 50 -6.43 2.41 -13.21
C GLY A 50 -6.69 0.94 -12.98
N GLU A 51 -7.69 0.40 -13.68
CA GLU A 51 -8.05 -1.01 -13.54
C GLU A 51 -7.06 -1.90 -14.30
N GLY A 52 -5.99 -2.30 -13.62
CA GLY A 52 -4.99 -3.14 -14.25
C GLY A 52 -4.86 -4.49 -13.57
N GLY A 53 -3.91 -4.59 -12.65
CA GLY A 53 -3.70 -5.84 -11.94
C GLY A 53 -2.66 -5.72 -10.84
N LEU A 54 -3.09 -5.86 -9.60
CA LEU A 54 -2.19 -5.76 -8.45
C LEU A 54 -1.77 -7.13 -7.97
N ASP A 55 -0.47 -7.31 -7.73
CA ASP A 55 0.06 -8.58 -7.25
C ASP A 55 0.87 -8.39 -5.98
N LEU A 56 0.67 -9.30 -5.02
CA LEU A 56 1.38 -9.23 -3.74
C LEU A 56 1.80 -10.62 -3.29
N ALA A 57 2.91 -10.69 -2.56
CA ALA A 57 3.43 -11.96 -2.06
C ALA A 57 4.54 -11.73 -1.04
N ILE A 58 4.31 -12.21 0.18
CA ILE A 58 5.29 -12.07 1.25
C ILE A 58 5.94 -13.40 1.59
N GLU A 59 7.24 -13.39 1.81
CA GLU A 59 7.98 -14.60 2.14
C GLU A 59 8.79 -14.41 3.42
N GLY A 60 9.24 -15.52 4.01
CA GLY A 60 10.03 -15.45 5.22
C GLY A 60 10.07 -16.78 5.95
N PRO A 61 10.36 -16.73 7.27
CA PRO A 61 10.44 -17.93 8.10
C PRO A 61 9.08 -18.59 8.32
N SER A 62 8.02 -17.85 7.99
CA SER A 62 6.66 -18.36 8.15
C SER A 62 5.73 -17.75 7.11
N LYS A 63 4.78 -18.55 6.63
CA LYS A 63 3.82 -18.09 5.63
C LYS A 63 2.68 -17.32 6.30
N ALA A 64 2.70 -16.00 6.16
CA ALA A 64 1.66 -15.15 6.74
C ALA A 64 0.57 -14.85 5.73
N GLU A 65 -0.68 -15.10 6.12
CA GLU A 65 -1.82 -14.86 5.25
C GLU A 65 -1.97 -13.38 4.95
N ILE A 66 -2.72 -13.06 3.89
CA ILE A 66 -2.95 -11.67 3.51
C ILE A 66 -4.40 -11.45 3.09
N SER A 67 -5.05 -10.51 3.75
CA SER A 67 -6.45 -10.20 3.45
C SER A 67 -6.55 -8.93 2.60
N CYS A 68 -6.21 -9.05 1.32
CA CYS A 68 -6.26 -7.91 0.41
C CYS A 68 -7.69 -7.41 0.25
N ILE A 69 -7.83 -6.09 0.13
CA ILE A 69 -9.15 -5.48 -0.03
C ILE A 69 -9.09 -4.30 -1.00
N ASP A 70 -9.96 -4.34 -2.00
CA ASP A 70 -10.03 -3.28 -3.00
C ASP A 70 -11.11 -2.26 -2.66
N ASN A 71 -10.79 -0.98 -2.83
CA ASN A 71 -11.74 0.08 -2.54
C ASN A 71 -12.08 0.87 -3.80
N LYS A 72 -11.30 0.67 -4.85
CA LYS A 72 -11.51 1.36 -6.11
C LYS A 72 -12.11 2.75 -5.88
N ASP A 73 -11.53 3.49 -4.95
CA ASP A 73 -12.01 4.83 -4.64
C ASP A 73 -10.84 5.82 -4.56
N GLY A 74 -9.74 5.39 -3.94
CA GLY A 74 -8.59 6.25 -3.82
C GLY A 74 -7.34 5.49 -3.40
N THR A 75 -7.47 4.64 -2.39
CA THR A 75 -6.35 3.85 -1.90
C THR A 75 -6.76 2.40 -1.67
N CYS A 76 -5.80 1.57 -1.31
CA CYS A 76 -6.05 0.15 -1.07
C CYS A 76 -5.72 -0.22 0.38
N THR A 77 -6.27 -1.35 0.82
CA THR A 77 -6.04 -1.81 2.19
C THR A 77 -5.53 -3.25 2.19
N VAL A 78 -4.29 -3.44 2.65
CA VAL A 78 -3.70 -4.76 2.71
C VAL A 78 -3.27 -5.10 4.14
N THR A 79 -4.05 -5.94 4.80
CA THR A 79 -3.75 -6.35 6.17
C THR A 79 -3.18 -7.76 6.21
N TYR A 80 -2.32 -8.02 7.19
CA TYR A 80 -1.70 -9.33 7.33
C TYR A 80 -1.29 -9.58 8.78
N LEU A 81 -1.33 -10.84 9.20
CA LEU A 81 -0.96 -11.21 10.56
C LEU A 81 0.20 -12.19 10.55
N PRO A 82 1.34 -11.74 11.10
CA PRO A 82 2.56 -12.57 11.18
C PRO A 82 2.42 -13.72 12.18
N THR A 83 3.11 -14.82 11.90
CA THR A 83 3.05 -15.98 12.78
C THR A 83 4.33 -16.10 13.60
N LEU A 84 5.47 -15.84 12.97
CA LEU A 84 6.76 -15.92 13.64
C LEU A 84 7.59 -14.68 13.38
N PRO A 85 8.31 -14.21 14.42
CA PRO A 85 9.15 -13.02 14.33
C PRO A 85 10.38 -13.25 13.45
N GLY A 86 10.61 -12.33 12.52
CA GLY A 86 11.75 -12.45 11.63
C GLY A 86 11.61 -11.60 10.39
N ASP A 87 12.72 -11.35 9.71
CA ASP A 87 12.73 -10.54 8.49
C ASP A 87 11.79 -11.14 7.45
N TYR A 88 10.78 -10.37 7.05
CA TYR A 88 9.82 -10.82 6.06
C TYR A 88 10.08 -10.17 4.70
N SER A 89 10.29 -11.00 3.69
CA SER A 89 10.56 -10.50 2.34
C SER A 89 9.26 -10.24 1.60
N ILE A 90 8.84 -8.97 1.59
CA ILE A 90 7.61 -8.58 0.91
C ILE A 90 7.85 -8.38 -0.58
N LEU A 91 6.95 -8.92 -1.40
CA LEU A 91 7.06 -8.80 -2.85
C LEU A 91 5.75 -8.31 -3.45
N VAL A 92 5.76 -7.07 -3.94
CA VAL A 92 4.57 -6.48 -4.56
C VAL A 92 4.86 -6.03 -5.99
N LYS A 93 4.11 -6.59 -6.93
CA LYS A 93 4.28 -6.24 -8.34
C LYS A 93 3.04 -5.54 -8.89
N TYR A 94 3.12 -5.07 -10.12
CA TYR A 94 2.00 -4.39 -10.76
C TYR A 94 2.01 -4.60 -12.27
N ASN A 95 0.99 -5.28 -12.77
CA ASN A 95 0.88 -5.54 -14.21
C ASN A 95 2.20 -6.06 -14.76
N ASP A 96 2.85 -6.95 -14.02
CA ASP A 96 4.13 -7.51 -14.43
C ASP A 96 5.25 -6.49 -14.28
N LYS A 97 5.20 -5.73 -13.20
CA LYS A 97 6.21 -4.71 -12.93
C LYS A 97 6.33 -4.43 -11.43
N HIS A 98 7.52 -4.64 -10.88
CA HIS A 98 7.76 -4.40 -9.46
C HIS A 98 7.64 -2.92 -9.13
N ILE A 99 7.08 -2.62 -7.96
CA ILE A 99 6.91 -1.24 -7.53
C ILE A 99 8.22 -0.67 -6.98
N PRO A 100 8.38 0.66 -7.08
CA PRO A 100 9.58 1.36 -6.61
C PRO A 100 9.67 1.37 -5.09
N GLY A 101 10.44 0.42 -4.55
CA GLY A 101 10.61 0.34 -3.11
C GLY A 101 10.58 -1.08 -2.60
N SER A 102 10.22 -2.02 -3.48
CA SER A 102 10.15 -3.42 -3.12
C SER A 102 11.32 -4.21 -3.71
N PRO A 103 11.59 -5.40 -3.15
CA PRO A 103 10.82 -5.93 -2.03
C PRO A 103 11.06 -5.16 -0.74
N PHE A 104 10.01 -5.02 0.08
CA PHE A 104 10.11 -4.30 1.33
C PHE A 104 10.60 -5.22 2.45
N THR A 105 11.10 -4.61 3.53
CA THR A 105 11.60 -5.38 4.66
C THR A 105 10.97 -4.91 5.97
N ALA A 106 10.19 -5.77 6.60
CA ALA A 106 9.53 -5.45 7.85
C ALA A 106 10.26 -6.06 9.04
N LYS A 107 10.69 -5.23 9.97
CA LYS A 107 11.41 -5.70 11.16
C LYS A 107 10.42 -6.10 12.25
N ILE A 108 10.10 -7.40 12.30
CA ILE A 108 9.17 -7.91 13.30
C ILE A 108 9.93 -8.52 14.48
N THR A 109 9.45 -8.23 15.69
CA THR A 109 10.08 -8.77 16.90
C THR A 109 9.18 -9.78 17.59
N ASP A 110 9.68 -10.37 18.67
CA ASP A 110 8.92 -11.36 19.42
C ASP A 110 8.30 -10.72 20.67
N ASP A 111 7.16 -11.26 21.09
CA ASP A 111 6.46 -10.74 22.27
C ASP A 111 6.31 -11.83 23.32
N SER A 112 5.98 -13.05 22.87
CA SER A 112 5.80 -14.18 23.78
C SER A 112 7.00 -14.33 24.71
N ARG A 113 8.17 -14.57 24.11
CA ARG A 113 9.40 -14.73 24.89
C ARG A 113 9.31 -15.97 25.78
N ARG A 114 8.84 -17.07 25.20
CA ARG A 114 8.71 -18.33 25.94
C ARG A 114 10.08 -18.89 26.31
N CYS A 115 11.00 -18.85 25.34
CA CYS A 115 12.35 -19.36 25.57
C CYS A 115 13.13 -18.45 26.52
N GLY A 1 -15.14 26.10 -33.51
CA GLY A 1 -15.57 26.85 -32.34
C GLY A 1 -14.42 27.18 -31.40
N SER A 2 -14.52 28.32 -30.73
CA SER A 2 -13.47 28.74 -29.80
C SER A 2 -14.04 29.71 -28.77
N SER A 3 -13.43 29.73 -27.59
CA SER A 3 -13.86 30.60 -26.50
C SER A 3 -12.78 30.73 -25.43
N GLY A 4 -13.00 31.64 -24.49
CA GLY A 4 -12.03 31.85 -23.42
C GLY A 4 -12.00 33.28 -22.94
N SER A 5 -12.70 33.56 -21.85
CA SER A 5 -12.75 34.90 -21.30
C SER A 5 -11.80 35.04 -20.11
N SER A 6 -11.16 36.20 -20.00
CA SER A 6 -10.22 36.45 -18.92
C SER A 6 -10.90 37.19 -17.76
N GLY A 7 -10.15 37.44 -16.70
CA GLY A 7 -10.69 38.14 -15.55
C GLY A 7 -9.64 38.43 -14.49
N PRO A 8 -9.81 39.55 -13.79
CA PRO A 8 -8.88 39.97 -12.73
C PRO A 8 -8.95 39.08 -11.50
N GLU A 9 -7.95 39.18 -10.64
CA GLU A 9 -7.89 38.39 -9.43
C GLU A 9 -9.23 38.40 -8.70
N SER A 10 -10.03 37.36 -8.94
CA SER A 10 -11.34 37.25 -8.31
C SER A 10 -11.65 35.81 -7.92
N PRO A 11 -12.49 35.63 -6.90
CA PRO A 11 -12.88 34.31 -6.40
C PRO A 11 -13.78 33.57 -7.39
N LEU A 12 -13.19 32.67 -8.17
CA LEU A 12 -13.94 31.89 -9.14
C LEU A 12 -13.59 30.41 -9.06
N GLN A 13 -14.34 29.59 -9.77
CA GLN A 13 -14.10 28.15 -9.78
C GLN A 13 -13.33 27.72 -11.02
N PHE A 14 -12.38 28.57 -11.44
CA PHE A 14 -11.57 28.28 -12.62
C PHE A 14 -10.65 27.10 -12.36
N TYR A 15 -10.22 26.45 -13.44
CA TYR A 15 -9.33 25.30 -13.33
C TYR A 15 -7.89 25.74 -13.11
N VAL A 16 -7.23 25.12 -12.13
CA VAL A 16 -5.84 25.46 -11.81
C VAL A 16 -4.90 24.31 -12.20
N ASN A 17 -3.97 24.61 -13.09
CA ASN A 17 -3.01 23.61 -13.54
C ASN A 17 -1.83 23.50 -12.58
N TYR A 18 -1.45 22.28 -12.26
CA TYR A 18 -0.34 22.05 -11.34
C TYR A 18 0.34 20.70 -11.63
N PRO A 19 1.63 20.60 -11.26
CA PRO A 19 2.41 19.38 -11.48
C PRO A 19 1.95 18.23 -10.59
N ASN A 20 2.26 17.01 -11.00
CA ASN A 20 1.88 15.82 -10.25
C ASN A 20 2.73 14.62 -10.65
N SER A 21 2.52 13.50 -9.97
CA SER A 21 3.27 12.28 -10.26
C SER A 21 2.36 11.07 -10.27
N GLY A 22 2.34 10.35 -11.39
CA GLY A 22 1.50 9.17 -11.50
C GLY A 22 2.27 7.89 -11.27
N SER A 23 2.46 7.54 -9.99
CA SER A 23 3.19 6.32 -9.64
C SER A 23 2.52 5.62 -8.47
N VAL A 24 2.98 4.40 -8.17
CA VAL A 24 2.42 3.62 -7.08
C VAL A 24 3.49 3.30 -6.04
N SER A 25 3.19 3.61 -4.78
CA SER A 25 4.12 3.36 -3.69
C SER A 25 3.41 2.71 -2.51
N ALA A 26 4.13 1.86 -1.79
CA ALA A 26 3.57 1.17 -0.63
C ALA A 26 4.15 1.72 0.67
N TYR A 27 3.28 2.09 1.59
CA TYR A 27 3.70 2.63 2.87
C TYR A 27 2.74 2.24 3.98
N GLY A 28 3.23 2.22 5.22
CA GLY A 28 2.40 1.85 6.35
C GLY A 28 3.20 1.26 7.49
N PRO A 29 2.62 1.26 8.70
CA PRO A 29 3.26 0.72 9.89
C PRO A 29 3.38 -0.80 9.85
N GLY A 30 2.88 -1.39 8.77
CA GLY A 30 2.93 -2.85 8.63
C GLY A 30 4.01 -3.28 7.64
N LEU A 31 4.52 -2.33 6.88
CA LEU A 31 5.56 -2.63 5.89
C LEU A 31 6.95 -2.40 6.48
N VAL A 32 7.10 -1.35 7.26
CA VAL A 32 8.38 -1.02 7.89
C VAL A 32 8.71 -2.01 8.99
N TYR A 33 7.72 -2.31 9.83
CA TYR A 33 7.91 -3.24 10.93
C TYR A 33 6.57 -3.74 11.47
N GLY A 34 6.63 -4.70 12.39
CA GLY A 34 5.41 -5.24 12.96
C GLY A 34 5.68 -6.07 14.21
N VAL A 35 4.76 -6.98 14.51
CA VAL A 35 4.91 -7.84 15.68
C VAL A 35 4.33 -9.23 15.42
N ALA A 36 4.97 -10.25 15.98
CA ALA A 36 4.53 -11.62 15.81
C ALA A 36 3.15 -11.83 16.44
N ASN A 37 2.31 -12.60 15.76
CA ASN A 37 0.96 -12.87 16.26
C ASN A 37 0.25 -11.58 16.64
N LYS A 38 0.25 -10.62 15.73
CA LYS A 38 -0.40 -9.33 15.98
C LYS A 38 -1.00 -8.78 14.70
N THR A 39 -1.66 -7.62 14.81
CA THR A 39 -2.28 -6.98 13.66
C THR A 39 -1.34 -5.97 13.01
N ALA A 40 -1.22 -6.02 11.69
CA ALA A 40 -0.35 -5.11 10.95
C ALA A 40 -0.93 -4.80 9.58
N THR A 41 -1.45 -3.59 9.43
CA THR A 41 -2.04 -3.17 8.15
C THR A 41 -1.31 -1.96 7.59
N PHE A 42 -1.20 -1.90 6.26
CA PHE A 42 -0.52 -0.81 5.60
C PHE A 42 -1.41 -0.19 4.52
N THR A 43 -1.05 1.01 4.09
CA THR A 43 -1.81 1.71 3.06
C THR A 43 -1.05 1.75 1.74
N ILE A 44 -1.78 1.53 0.64
CA ILE A 44 -1.16 1.54 -0.69
C ILE A 44 -1.71 2.69 -1.54
N VAL A 45 -0.81 3.52 -2.05
CA VAL A 45 -1.20 4.65 -2.88
C VAL A 45 -1.25 4.25 -4.35
N THR A 46 -2.47 4.08 -4.87
CA THR A 46 -2.65 3.71 -6.27
C THR A 46 -3.13 4.89 -7.09
N GLU A 47 -2.21 5.78 -7.45
CA GLU A 47 -2.54 6.96 -8.23
C GLU A 47 -3.27 6.56 -9.52
N ASP A 48 -4.57 6.78 -9.54
CA ASP A 48 -5.38 6.44 -10.71
C ASP A 48 -4.90 5.16 -11.36
N ALA A 49 -4.48 4.20 -10.53
CA ALA A 49 -4.00 2.91 -11.03
C ALA A 49 -5.10 1.87 -11.03
N GLY A 50 -5.94 1.90 -10.00
CA GLY A 50 -7.03 0.95 -9.89
C GLY A 50 -6.54 -0.48 -9.76
N GLU A 51 -6.81 -1.30 -10.76
CA GLU A 51 -6.40 -2.70 -10.75
C GLU A 51 -6.25 -3.23 -12.17
N GLY A 52 -5.05 -3.73 -12.48
CA GLY A 52 -4.79 -4.27 -13.80
C GLY A 52 -3.80 -5.42 -13.77
N GLY A 53 -2.86 -5.37 -12.84
CA GLY A 53 -1.86 -6.42 -12.73
C GLY A 53 -1.10 -6.37 -11.42
N LEU A 54 -1.83 -6.44 -10.31
CA LEU A 54 -1.21 -6.40 -8.98
C LEU A 54 -0.99 -7.80 -8.44
N ASP A 55 0.13 -8.00 -7.77
CA ASP A 55 0.46 -9.30 -7.19
C ASP A 55 1.07 -9.14 -5.80
N LEU A 56 0.35 -9.57 -4.78
CA LEU A 56 0.81 -9.48 -3.41
C LEU A 56 1.29 -10.83 -2.90
N ALA A 57 2.48 -10.85 -2.30
CA ALA A 57 3.05 -12.08 -1.77
C ALA A 57 4.12 -11.79 -0.73
N ILE A 58 3.89 -12.24 0.50
CA ILE A 58 4.84 -12.02 1.59
C ILE A 58 5.64 -13.29 1.88
N GLU A 59 6.93 -13.11 2.16
CA GLU A 59 7.79 -14.25 2.46
C GLU A 59 8.52 -14.03 3.79
N GLY A 60 9.17 -15.09 4.27
CA GLY A 60 9.89 -15.00 5.53
C GLY A 60 10.03 -16.35 6.23
N PRO A 61 10.25 -16.32 7.54
CA PRO A 61 10.40 -17.54 8.35
C PRO A 61 9.09 -18.30 8.49
N SER A 62 7.99 -17.67 8.10
CA SER A 62 6.68 -18.29 8.19
C SER A 62 5.73 -17.70 7.15
N LYS A 63 4.72 -18.47 6.77
CA LYS A 63 3.73 -18.02 5.80
C LYS A 63 2.64 -17.19 6.46
N ALA A 64 2.48 -15.96 6.01
CA ALA A 64 1.47 -15.07 6.55
C ALA A 64 0.36 -14.81 5.54
N GLU A 65 -0.89 -15.09 5.94
CA GLU A 65 -2.03 -14.89 5.08
C GLU A 65 -2.16 -13.43 4.66
N ILE A 66 -2.96 -13.18 3.63
CA ILE A 66 -3.17 -11.82 3.14
C ILE A 66 -4.62 -11.59 2.74
N SER A 67 -5.22 -10.54 3.30
CA SER A 67 -6.61 -10.22 3.01
C SER A 67 -6.72 -8.84 2.37
N CYS A 68 -6.57 -8.80 1.05
CA CYS A 68 -6.65 -7.55 0.31
C CYS A 68 -8.08 -7.00 0.30
N ILE A 69 -8.22 -5.74 0.66
CA ILE A 69 -9.54 -5.10 0.70
C ILE A 69 -9.55 -3.82 -0.12
N ASP A 70 -10.47 -3.73 -1.07
CA ASP A 70 -10.60 -2.56 -1.92
C ASP A 70 -11.50 -1.51 -1.28
N ASN A 71 -10.98 -0.30 -1.13
CA ASN A 71 -11.74 0.80 -0.52
C ASN A 71 -12.10 1.85 -1.56
N LYS A 72 -13.22 2.53 -1.34
CA LYS A 72 -13.68 3.57 -2.26
C LYS A 72 -13.38 4.96 -1.72
N ASP A 73 -12.16 5.12 -1.20
CA ASP A 73 -11.74 6.41 -0.64
C ASP A 73 -10.52 6.96 -1.39
N GLY A 74 -9.81 6.07 -2.07
CA GLY A 74 -8.63 6.48 -2.82
C GLY A 74 -7.48 5.52 -2.66
N THR A 75 -7.40 4.85 -1.50
CA THR A 75 -6.35 3.90 -1.23
C THR A 75 -6.91 2.53 -0.90
N CYS A 76 -6.04 1.52 -0.90
CA CYS A 76 -6.45 0.15 -0.60
C CYS A 76 -6.02 -0.24 0.81
N THR A 77 -6.68 -1.26 1.36
CA THR A 77 -6.35 -1.74 2.70
C THR A 77 -6.01 -3.22 2.68
N VAL A 78 -4.78 -3.54 3.08
CA VAL A 78 -4.32 -4.92 3.11
C VAL A 78 -3.81 -5.30 4.50
N THR A 79 -4.55 -6.17 5.18
CA THR A 79 -4.18 -6.61 6.52
C THR A 79 -3.57 -8.01 6.49
N TYR A 80 -2.62 -8.25 7.40
CA TYR A 80 -1.96 -9.55 7.47
C TYR A 80 -1.50 -9.85 8.89
N LEU A 81 -1.46 -11.13 9.24
CA LEU A 81 -1.03 -11.54 10.57
C LEU A 81 0.14 -12.53 10.49
N PRO A 82 1.31 -12.11 10.97
CA PRO A 82 2.52 -12.94 10.95
C PRO A 82 2.42 -14.11 11.94
N THR A 83 3.33 -15.07 11.79
CA THR A 83 3.35 -16.24 12.67
C THR A 83 4.66 -16.31 13.46
N LEU A 84 5.69 -15.64 12.94
CA LEU A 84 6.99 -15.64 13.61
C LEU A 84 7.75 -14.36 13.29
N PRO A 85 8.52 -13.87 14.27
CA PRO A 85 9.32 -12.65 14.12
C PRO A 85 10.49 -12.83 13.15
N GLY A 86 10.71 -11.83 12.30
CA GLY A 86 11.78 -11.90 11.33
C GLY A 86 11.59 -10.94 10.17
N ASP A 87 12.67 -10.65 9.46
CA ASP A 87 12.60 -9.74 8.32
C ASP A 87 11.73 -10.31 7.22
N TYR A 88 10.44 -9.99 7.27
CA TYR A 88 9.49 -10.48 6.28
C TYR A 88 9.74 -9.83 4.92
N SER A 89 9.99 -10.65 3.90
CA SER A 89 10.25 -10.16 2.56
C SER A 89 8.95 -9.96 1.80
N ILE A 90 8.42 -8.74 1.82
CA ILE A 90 7.18 -8.42 1.13
C ILE A 90 7.42 -8.18 -0.36
N LEU A 91 6.68 -8.88 -1.20
CA LEU A 91 6.82 -8.74 -2.64
C LEU A 91 5.52 -8.22 -3.26
N VAL A 92 5.63 -7.10 -3.98
CA VAL A 92 4.47 -6.49 -4.62
C VAL A 92 4.80 -6.05 -6.04
N LYS A 93 4.00 -6.51 -7.00
CA LYS A 93 4.20 -6.18 -8.40
C LYS A 93 3.01 -5.40 -8.95
N TYR A 94 3.27 -4.56 -9.95
CA TYR A 94 2.21 -3.76 -10.57
C TYR A 94 2.40 -3.69 -12.08
N ASN A 95 1.54 -4.38 -12.82
CA ASN A 95 1.62 -4.40 -14.27
C ASN A 95 2.81 -5.23 -14.75
N ASP A 96 3.13 -6.27 -14.01
CA ASP A 96 4.24 -7.15 -14.37
C ASP A 96 5.57 -6.42 -14.22
N LYS A 97 5.65 -5.55 -13.23
CA LYS A 97 6.87 -4.78 -12.98
C LYS A 97 6.96 -4.35 -11.52
N HIS A 98 7.91 -4.92 -10.79
CA HIS A 98 8.11 -4.60 -9.39
C HIS A 98 8.28 -3.09 -9.19
N ILE A 99 7.57 -2.53 -8.23
CA ILE A 99 7.64 -1.11 -7.95
C ILE A 99 9.03 -0.73 -7.44
N PRO A 100 9.36 0.57 -7.55
CA PRO A 100 10.66 1.10 -7.10
C PRO A 100 10.79 1.09 -5.58
N GLY A 101 11.54 0.12 -5.06
CA GLY A 101 11.73 0.02 -3.62
C GLY A 101 11.49 -1.39 -3.10
N SER A 102 10.93 -2.25 -3.95
CA SER A 102 10.64 -3.62 -3.56
C SER A 102 11.81 -4.53 -3.91
N PRO A 103 11.92 -5.65 -3.17
CA PRO A 103 10.98 -5.98 -2.10
C PRO A 103 11.12 -5.06 -0.89
N PHE A 104 10.35 -5.34 0.15
CA PHE A 104 10.39 -4.53 1.37
C PHE A 104 10.80 -5.38 2.57
N THR A 105 11.59 -4.78 3.46
CA THR A 105 12.05 -5.47 4.65
C THR A 105 11.35 -4.96 5.91
N ALA A 106 10.46 -5.77 6.46
CA ALA A 106 9.73 -5.40 7.67
C ALA A 106 10.41 -5.93 8.92
N LYS A 107 10.85 -5.03 9.78
CA LYS A 107 11.51 -5.41 11.02
C LYS A 107 10.50 -5.80 12.09
N ILE A 108 9.99 -7.03 11.98
CA ILE A 108 9.02 -7.54 12.94
C ILE A 108 9.70 -8.20 14.14
N THR A 109 9.11 -8.05 15.31
CA THR A 109 9.66 -8.62 16.53
C THR A 109 8.62 -9.45 17.26
N ASP A 110 9.00 -9.97 18.43
CA ASP A 110 8.09 -10.78 19.23
C ASP A 110 7.75 -10.09 20.54
N ASP A 111 6.46 -10.05 20.86
CA ASP A 111 6.00 -9.40 22.09
C ASP A 111 5.20 -10.38 22.95
N SER A 112 5.90 -11.31 23.59
CA SER A 112 5.25 -12.29 24.44
C SER A 112 5.54 -12.02 25.91
N ARG A 113 5.21 -10.81 26.36
CA ARG A 113 5.43 -10.42 27.74
C ARG A 113 4.50 -11.18 28.68
N ARG A 114 5.05 -12.20 29.36
CA ARG A 114 4.26 -13.01 30.29
C ARG A 114 5.05 -13.30 31.55
N CYS A 115 4.49 -12.93 32.70
CA CYS A 115 5.14 -13.15 33.98
C CYS A 115 4.88 -14.57 34.48
N GLY A 1 -18.55 22.83 -62.51
CA GLY A 1 -19.14 21.62 -63.05
C GLY A 1 -20.35 21.16 -62.28
N SER A 2 -20.36 19.89 -61.88
CA SER A 2 -21.47 19.34 -61.11
C SER A 2 -20.98 18.27 -60.14
N SER A 3 -21.90 17.75 -59.33
CA SER A 3 -21.56 16.73 -58.34
C SER A 3 -22.81 16.00 -57.88
N GLY A 4 -22.61 14.84 -57.24
CA GLY A 4 -23.73 14.06 -56.76
C GLY A 4 -23.33 13.09 -55.65
N SER A 5 -22.21 12.41 -55.84
CA SER A 5 -21.73 11.45 -54.85
C SER A 5 -22.01 11.94 -53.44
N SER A 6 -22.76 11.13 -52.68
CA SER A 6 -23.11 11.48 -51.31
C SER A 6 -23.03 10.26 -50.41
N GLY A 7 -23.15 10.49 -49.10
CA GLY A 7 -23.09 9.40 -48.14
C GLY A 7 -23.46 9.83 -46.74
N PRO A 8 -24.76 9.87 -46.46
CA PRO A 8 -25.28 10.27 -45.15
C PRO A 8 -24.97 9.24 -44.06
N GLU A 9 -24.23 9.67 -43.04
CA GLU A 9 -23.86 8.78 -41.94
C GLU A 9 -23.12 9.55 -40.85
N SER A 10 -23.57 9.39 -39.61
CA SER A 10 -22.96 10.06 -38.48
C SER A 10 -21.97 9.14 -37.76
N PRO A 11 -20.83 9.70 -37.33
CA PRO A 11 -19.80 8.94 -36.61
C PRO A 11 -20.25 8.53 -35.21
N LEU A 12 -20.03 7.26 -34.88
CA LEU A 12 -20.41 6.75 -33.58
C LEU A 12 -19.21 6.11 -32.88
N GLN A 13 -18.41 6.93 -32.22
CA GLN A 13 -17.23 6.45 -31.51
C GLN A 13 -17.01 7.24 -30.22
N PHE A 14 -15.94 6.91 -29.51
CA PHE A 14 -15.62 7.58 -28.26
C PHE A 14 -14.11 7.61 -28.03
N TYR A 15 -13.70 8.18 -26.90
CA TYR A 15 -12.29 8.29 -26.57
C TYR A 15 -12.10 8.86 -25.17
N VAL A 16 -11.23 8.23 -24.39
CA VAL A 16 -10.96 8.69 -23.02
C VAL A 16 -9.46 8.89 -22.81
N ASN A 17 -8.98 10.09 -23.12
CA ASN A 17 -7.57 10.41 -22.96
C ASN A 17 -7.35 11.31 -21.74
N TYR A 18 -8.12 11.07 -20.68
CA TYR A 18 -8.01 11.85 -19.46
C TYR A 18 -6.55 12.04 -19.07
N PRO A 19 -6.25 13.22 -18.49
CA PRO A 19 -4.89 13.55 -18.05
C PRO A 19 -4.46 12.74 -16.84
N ASN A 20 -5.43 12.26 -16.07
CA ASN A 20 -5.15 11.46 -14.88
C ASN A 20 -3.94 10.57 -15.11
N SER A 21 -2.98 10.62 -14.18
CA SER A 21 -1.77 9.81 -14.27
C SER A 21 -0.91 9.98 -13.02
N GLY A 22 -0.19 8.91 -12.67
CA GLY A 22 0.67 8.96 -11.50
C GLY A 22 1.47 7.68 -11.32
N SER A 23 1.89 7.42 -10.08
CA SER A 23 2.67 6.23 -9.78
C SER A 23 2.10 5.50 -8.57
N VAL A 24 2.72 4.38 -8.22
CA VAL A 24 2.29 3.59 -7.08
C VAL A 24 3.40 3.44 -6.05
N SER A 25 3.04 3.51 -4.78
CA SER A 25 4.01 3.39 -3.69
C SER A 25 3.38 2.76 -2.46
N ALA A 26 4.15 1.95 -1.74
CA ALA A 26 3.66 1.29 -0.53
C ALA A 26 4.24 1.94 0.72
N TYR A 27 3.37 2.32 1.64
CA TYR A 27 3.79 2.94 2.89
C TYR A 27 2.85 2.58 4.03
N GLY A 28 3.41 2.46 5.24
CA GLY A 28 2.62 2.12 6.39
C GLY A 28 3.42 1.42 7.47
N PRO A 29 2.88 1.38 8.70
CA PRO A 29 3.54 0.75 9.84
C PRO A 29 3.59 -0.77 9.71
N GLY A 30 2.95 -1.30 8.67
CA GLY A 30 2.94 -2.74 8.45
C GLY A 30 4.06 -3.19 7.53
N LEU A 31 4.67 -2.24 6.84
CA LEU A 31 5.77 -2.55 5.93
C LEU A 31 7.12 -2.35 6.61
N VAL A 32 7.22 -1.29 7.39
CA VAL A 32 8.46 -0.98 8.10
C VAL A 32 8.78 -2.06 9.14
N TYR A 33 7.76 -2.43 9.92
CA TYR A 33 7.93 -3.44 10.95
C TYR A 33 6.58 -3.98 11.42
N GLY A 34 6.62 -4.91 12.37
CA GLY A 34 5.39 -5.49 12.89
C GLY A 34 5.61 -6.25 14.18
N VAL A 35 4.55 -6.89 14.67
CA VAL A 35 4.64 -7.66 15.91
C VAL A 35 4.11 -9.08 15.71
N ALA A 36 4.92 -10.06 16.09
CA ALA A 36 4.53 -11.46 15.96
C ALA A 36 3.17 -11.73 16.62
N ASN A 37 2.27 -12.35 15.87
CA ASN A 37 0.93 -12.65 16.38
C ASN A 37 0.15 -11.38 16.66
N LYS A 38 0.23 -10.42 15.73
CA LYS A 38 -0.48 -9.16 15.88
C LYS A 38 -0.81 -8.56 14.51
N THR A 39 -2.06 -8.12 14.36
CA THR A 39 -2.52 -7.53 13.11
C THR A 39 -1.52 -6.49 12.59
N ALA A 40 -1.58 -6.22 11.29
CA ALA A 40 -0.69 -5.24 10.69
C ALA A 40 -1.07 -4.98 9.23
N THR A 41 -1.60 -3.79 8.97
CA THR A 41 -2.01 -3.43 7.61
C THR A 41 -1.29 -2.17 7.15
N PHE A 42 -1.23 -1.98 5.83
CA PHE A 42 -0.57 -0.82 5.25
C PHE A 42 -1.39 -0.26 4.09
N THR A 43 -1.16 1.02 3.78
CA THR A 43 -1.87 1.68 2.69
C THR A 43 -1.06 1.66 1.41
N ILE A 44 -1.74 1.58 0.28
CA ILE A 44 -1.07 1.55 -1.02
C ILE A 44 -1.71 2.54 -1.98
N VAL A 45 -0.97 3.59 -2.34
CA VAL A 45 -1.47 4.60 -3.26
C VAL A 45 -1.89 3.98 -4.58
N THR A 46 -3.19 3.90 -4.80
CA THR A 46 -3.73 3.33 -6.03
C THR A 46 -4.84 4.20 -6.60
N GLU A 47 -4.51 4.95 -7.65
CA GLU A 47 -5.48 5.84 -8.29
C GLU A 47 -5.67 5.45 -9.76
N ASP A 48 -6.93 5.25 -10.15
CA ASP A 48 -7.25 4.89 -11.53
C ASP A 48 -6.36 3.74 -12.01
N ALA A 49 -5.99 2.85 -11.08
CA ALA A 49 -5.14 1.72 -11.41
C ALA A 49 -5.78 0.84 -12.48
N GLY A 50 -7.11 0.74 -12.42
CA GLY A 50 -7.83 -0.08 -13.39
C GLY A 50 -7.57 -1.55 -13.21
N GLU A 51 -7.93 -2.34 -14.21
CA GLU A 51 -7.74 -3.79 -14.15
C GLU A 51 -6.32 -4.17 -14.60
N GLY A 52 -5.37 -3.29 -14.33
CA GLY A 52 -3.99 -3.54 -14.71
C GLY A 52 -3.50 -4.88 -14.20
N GLY A 53 -3.50 -5.06 -12.88
CA GLY A 53 -3.04 -6.30 -12.30
C GLY A 53 -2.26 -6.10 -11.03
N LEU A 54 -2.97 -5.78 -9.94
CA LEU A 54 -2.33 -5.55 -8.65
C LEU A 54 -2.12 -6.87 -7.90
N ASP A 55 -0.87 -7.34 -7.91
CA ASP A 55 -0.53 -8.59 -7.23
C ASP A 55 0.39 -8.33 -6.05
N LEU A 56 0.11 -8.98 -4.94
CA LEU A 56 0.92 -8.82 -3.72
C LEU A 56 1.42 -10.18 -3.22
N ALA A 57 2.58 -10.17 -2.58
CA ALA A 57 3.17 -11.39 -2.05
C ALA A 57 4.10 -11.09 -0.87
N ILE A 58 4.24 -12.06 0.03
CA ILE A 58 5.10 -11.89 1.19
C ILE A 58 5.79 -13.20 1.55
N GLU A 59 7.05 -13.09 1.97
CA GLU A 59 7.83 -14.27 2.35
C GLU A 59 8.52 -14.06 3.68
N GLY A 60 8.90 -15.16 4.33
CA GLY A 60 9.56 -15.08 5.62
C GLY A 60 9.76 -16.44 6.26
N PRO A 61 10.01 -16.44 7.58
CA PRO A 61 10.22 -17.67 8.34
C PRO A 61 8.94 -18.51 8.47
N SER A 62 7.80 -17.84 8.37
CA SER A 62 6.51 -18.51 8.48
C SER A 62 5.51 -17.93 7.49
N LYS A 63 4.57 -18.75 7.05
CA LYS A 63 3.54 -18.32 6.11
C LYS A 63 2.57 -17.35 6.77
N ALA A 64 2.36 -16.20 6.14
CA ALA A 64 1.44 -15.20 6.67
C ALA A 64 0.32 -14.91 5.68
N GLU A 65 -0.91 -15.19 6.10
CA GLU A 65 -2.08 -14.96 5.25
C GLU A 65 -2.21 -13.48 4.90
N ILE A 66 -3.00 -13.19 3.86
CA ILE A 66 -3.21 -11.81 3.44
C ILE A 66 -4.68 -11.56 3.15
N SER A 67 -5.28 -10.64 3.91
CA SER A 67 -6.69 -10.30 3.74
C SER A 67 -6.84 -8.98 3.01
N CYS A 68 -6.43 -8.96 1.74
CA CYS A 68 -6.53 -7.75 0.92
C CYS A 68 -7.97 -7.31 0.78
N ILE A 69 -8.17 -5.99 0.64
CA ILE A 69 -9.51 -5.44 0.48
C ILE A 69 -9.52 -4.29 -0.52
N ASP A 70 -10.34 -4.41 -1.55
CA ASP A 70 -10.44 -3.38 -2.58
C ASP A 70 -11.46 -2.32 -2.18
N ASN A 71 -11.09 -1.06 -2.30
CA ASN A 71 -11.97 0.05 -1.95
C ASN A 71 -12.38 0.82 -3.20
N LYS A 72 -11.49 0.89 -4.18
CA LYS A 72 -11.75 1.59 -5.42
C LYS A 72 -12.27 3.00 -5.14
N ASP A 73 -11.66 3.67 -4.16
CA ASP A 73 -12.06 5.02 -3.79
C ASP A 73 -10.86 5.96 -3.81
N GLY A 74 -9.74 5.48 -3.28
CA GLY A 74 -8.53 6.30 -3.25
C GLY A 74 -7.29 5.47 -3.02
N THR A 75 -7.43 4.39 -2.25
CA THR A 75 -6.30 3.52 -1.95
C THR A 75 -6.76 2.12 -1.60
N CYS A 76 -5.82 1.20 -1.49
CA CYS A 76 -6.13 -0.19 -1.16
C CYS A 76 -5.80 -0.49 0.30
N THR A 77 -6.45 -1.52 0.85
CA THR A 77 -6.22 -1.91 2.23
C THR A 77 -5.84 -3.39 2.32
N VAL A 78 -4.60 -3.66 2.72
CA VAL A 78 -4.12 -5.02 2.85
C VAL A 78 -3.72 -5.33 4.29
N THR A 79 -4.46 -6.22 4.94
CA THR A 79 -4.18 -6.60 6.32
C THR A 79 -3.64 -8.02 6.40
N TYR A 80 -2.63 -8.21 7.23
CA TYR A 80 -2.01 -9.53 7.40
C TYR A 80 -1.53 -9.73 8.83
N LEU A 81 -1.47 -10.97 9.27
CA LEU A 81 -1.03 -11.30 10.62
C LEU A 81 0.17 -12.25 10.59
N PRO A 82 1.29 -11.82 11.19
CA PRO A 82 2.52 -12.61 11.25
C PRO A 82 2.38 -13.83 12.15
N THR A 83 3.31 -14.77 12.01
CA THR A 83 3.28 -15.99 12.82
C THR A 83 4.54 -16.09 13.68
N LEU A 84 5.65 -15.56 13.17
CA LEU A 84 6.91 -15.60 13.90
C LEU A 84 7.74 -14.35 13.61
N PRO A 85 8.46 -13.88 14.63
CA PRO A 85 9.31 -12.68 14.51
C PRO A 85 10.53 -12.92 13.63
N GLY A 86 10.58 -12.23 12.49
CA GLY A 86 11.69 -12.38 11.57
C GLY A 86 11.61 -11.43 10.40
N ASP A 87 12.69 -11.35 9.63
CA ASP A 87 12.73 -10.46 8.47
C ASP A 87 11.86 -11.00 7.34
N TYR A 88 10.74 -10.32 7.09
CA TYR A 88 9.82 -10.74 6.04
C TYR A 88 10.09 -9.99 4.75
N SER A 89 10.31 -10.73 3.67
CA SER A 89 10.58 -10.13 2.37
C SER A 89 9.29 -9.90 1.59
N ILE A 90 8.77 -8.68 1.69
CA ILE A 90 7.53 -8.33 0.99
C ILE A 90 7.80 -8.04 -0.48
N LEU A 91 7.02 -8.67 -1.35
CA LEU A 91 7.16 -8.47 -2.79
C LEU A 91 5.86 -7.95 -3.40
N VAL A 92 5.91 -6.73 -3.92
CA VAL A 92 4.73 -6.13 -4.54
C VAL A 92 4.95 -5.91 -6.03
N LYS A 93 3.95 -6.26 -6.83
CA LYS A 93 4.03 -6.09 -8.28
C LYS A 93 2.82 -5.33 -8.81
N TYR A 94 3.07 -4.44 -9.77
CA TYR A 94 2.00 -3.64 -10.36
C TYR A 94 2.05 -3.71 -11.89
N ASN A 95 1.16 -4.50 -12.47
CA ASN A 95 1.10 -4.66 -13.92
C ASN A 95 2.38 -5.31 -14.45
N ASP A 96 2.80 -6.38 -13.80
CA ASP A 96 4.01 -7.10 -14.20
C ASP A 96 5.23 -6.20 -14.08
N LYS A 97 5.23 -5.33 -13.07
CA LYS A 97 6.34 -4.42 -12.84
C LYS A 97 6.50 -4.11 -11.36
N HIS A 98 7.59 -4.59 -10.77
CA HIS A 98 7.85 -4.36 -9.35
C HIS A 98 7.94 -2.87 -9.04
N ILE A 99 7.67 -2.51 -7.79
CA ILE A 99 7.73 -1.10 -7.38
C ILE A 99 9.14 -0.72 -6.94
N PRO A 100 9.46 0.58 -7.06
CA PRO A 100 10.77 1.10 -6.68
C PRO A 100 10.99 1.09 -5.17
N GLY A 101 11.77 0.13 -4.70
CA GLY A 101 12.04 0.03 -3.27
C GLY A 101 11.96 -1.39 -2.77
N SER A 102 11.19 -2.23 -3.47
CA SER A 102 11.01 -3.62 -3.08
C SER A 102 12.13 -4.48 -3.65
N PRO A 103 12.33 -5.67 -3.07
CA PRO A 103 11.52 -6.14 -1.93
C PRO A 103 11.81 -5.35 -0.66
N PHE A 104 10.75 -5.00 0.07
CA PHE A 104 10.89 -4.25 1.31
C PHE A 104 11.32 -5.17 2.46
N THR A 105 12.01 -4.59 3.43
CA THR A 105 12.49 -5.34 4.58
C THR A 105 11.85 -4.85 5.87
N ALA A 106 10.86 -5.59 6.36
CA ALA A 106 10.16 -5.22 7.58
C ALA A 106 10.80 -5.89 8.80
N LYS A 107 11.06 -5.10 9.84
CA LYS A 107 11.67 -5.62 11.06
C LYS A 107 10.61 -6.05 12.07
N ILE A 108 10.21 -7.31 12.01
CA ILE A 108 9.20 -7.84 12.91
C ILE A 108 9.85 -8.53 14.11
N THR A 109 9.26 -8.32 15.29
CA THR A 109 9.78 -8.91 16.52
C THR A 109 8.66 -9.53 17.35
N ASP A 110 9.02 -10.12 18.47
CA ASP A 110 8.04 -10.75 19.36
C ASP A 110 8.17 -10.21 20.77
N ASP A 111 7.08 -9.66 21.30
CA ASP A 111 7.07 -9.11 22.65
C ASP A 111 6.69 -10.17 23.67
N SER A 112 5.71 -11.01 23.30
CA SER A 112 5.24 -12.06 24.19
C SER A 112 6.41 -12.80 24.84
N ARG A 113 7.32 -13.30 24.00
CA ARG A 113 8.49 -14.01 24.49
C ARG A 113 9.36 -13.11 25.36
N ARG A 114 9.47 -11.85 24.97
CA ARG A 114 10.27 -10.89 25.71
C ARG A 114 9.55 -10.43 26.98
N CYS A 115 10.31 -10.03 27.98
CA CYS A 115 9.74 -9.57 29.25
C CYS A 115 8.80 -8.39 29.03
N GLY A 1 -31.34 42.68 -52.23
CA GLY A 1 -31.30 43.49 -51.04
C GLY A 1 -30.09 43.22 -50.18
N SER A 2 -30.27 43.26 -48.87
CA SER A 2 -29.18 43.03 -47.93
C SER A 2 -29.34 41.67 -47.25
N SER A 3 -28.24 41.17 -46.68
CA SER A 3 -28.26 39.88 -46.00
C SER A 3 -27.00 39.69 -45.16
N GLY A 4 -27.10 38.87 -44.12
CA GLY A 4 -25.96 38.63 -43.26
C GLY A 4 -25.40 37.22 -43.42
N SER A 5 -25.60 36.39 -42.42
CA SER A 5 -25.11 35.01 -42.44
C SER A 5 -26.04 34.08 -41.67
N SER A 6 -25.82 32.78 -41.80
CA SER A 6 -26.63 31.79 -41.12
C SER A 6 -25.78 30.63 -40.61
N GLY A 7 -25.66 30.53 -39.29
CA GLY A 7 -24.87 29.47 -38.70
C GLY A 7 -24.30 29.85 -37.35
N PRO A 8 -24.64 29.08 -36.31
CA PRO A 8 -24.17 29.32 -34.95
C PRO A 8 -22.68 29.05 -34.79
N GLU A 9 -22.08 29.64 -33.76
CA GLU A 9 -20.67 29.46 -33.49
C GLU A 9 -20.44 28.84 -32.12
N SER A 10 -20.06 27.57 -32.09
CA SER A 10 -19.82 26.86 -30.83
C SER A 10 -18.42 26.28 -30.81
N PRO A 11 -17.42 27.14 -30.51
CA PRO A 11 -16.02 26.72 -30.45
C PRO A 11 -15.73 25.82 -29.26
N LEU A 12 -14.51 25.31 -29.18
CA LEU A 12 -14.10 24.43 -28.08
C LEU A 12 -12.95 25.04 -27.31
N GLN A 13 -12.98 24.88 -25.99
CA GLN A 13 -11.92 25.40 -25.13
C GLN A 13 -11.43 24.34 -24.14
N PHE A 14 -10.57 23.45 -24.63
CA PHE A 14 -10.02 22.39 -23.79
C PHE A 14 -9.32 22.96 -22.57
N TYR A 15 -9.60 22.38 -21.40
CA TYR A 15 -9.00 22.84 -20.15
C TYR A 15 -7.49 22.63 -20.17
N VAL A 16 -6.79 23.32 -19.28
CA VAL A 16 -5.33 23.21 -19.20
C VAL A 16 -4.92 21.90 -18.52
N ASN A 17 -4.22 21.05 -19.27
CA ASN A 17 -3.77 19.77 -18.74
C ASN A 17 -2.44 19.92 -18.01
N TYR A 18 -2.04 18.87 -17.30
CA TYR A 18 -0.79 18.89 -16.54
C TYR A 18 -0.10 17.54 -16.61
N PRO A 19 1.25 17.55 -16.63
CA PRO A 19 2.06 16.34 -16.70
C PRO A 19 1.98 15.52 -15.41
N ASN A 20 2.23 14.22 -15.52
CA ASN A 20 2.19 13.33 -14.37
C ASN A 20 3.10 12.12 -14.59
N SER A 21 4.15 12.02 -13.78
CA SER A 21 5.09 10.92 -13.89
C SER A 21 4.36 9.62 -14.18
N GLY A 22 3.46 9.24 -13.29
CA GLY A 22 2.71 8.00 -13.46
C GLY A 22 3.36 6.82 -12.79
N SER A 23 3.15 6.68 -11.48
CA SER A 23 3.74 5.59 -10.72
C SER A 23 2.92 5.32 -9.46
N VAL A 24 3.21 4.18 -8.82
CA VAL A 24 2.50 3.79 -7.61
C VAL A 24 3.47 3.65 -6.43
N SER A 25 2.99 3.98 -5.24
CA SER A 25 3.81 3.90 -4.03
C SER A 25 3.09 3.12 -2.94
N ALA A 26 3.84 2.69 -1.94
CA ALA A 26 3.27 1.94 -0.82
C ALA A 26 3.93 2.33 0.50
N TYR A 27 3.11 2.62 1.50
CA TYR A 27 3.61 3.00 2.81
C TYR A 27 2.65 2.57 3.92
N GLY A 28 3.21 2.20 5.07
CA GLY A 28 2.39 1.76 6.18
C GLY A 28 3.21 1.15 7.30
N PRO A 29 2.64 1.13 8.51
CA PRO A 29 3.31 0.57 9.69
C PRO A 29 3.45 -0.95 9.62
N GLY A 30 2.83 -1.54 8.60
CA GLY A 30 2.90 -2.98 8.43
C GLY A 30 4.03 -3.41 7.51
N LEU A 31 4.60 -2.45 6.79
CA LEU A 31 5.69 -2.73 5.86
C LEU A 31 7.04 -2.47 6.52
N VAL A 32 7.13 -1.36 7.24
CA VAL A 32 8.37 -0.99 7.93
C VAL A 32 8.75 -2.03 8.97
N TYR A 33 7.79 -2.37 9.83
CA TYR A 33 8.03 -3.36 10.88
C TYR A 33 6.71 -3.80 11.52
N GLY A 34 6.77 -4.85 12.32
CA GLY A 34 5.59 -5.36 12.98
C GLY A 34 5.90 -6.15 14.23
N VAL A 35 4.91 -6.88 14.74
CA VAL A 35 5.10 -7.69 15.94
C VAL A 35 4.48 -9.07 15.78
N ALA A 36 5.19 -10.09 16.26
CA ALA A 36 4.70 -11.46 16.17
C ALA A 36 3.36 -11.62 16.88
N ASN A 37 2.42 -12.27 16.22
CA ASN A 37 1.09 -12.49 16.77
C ASN A 37 0.38 -11.17 17.01
N LYS A 38 0.66 -10.19 16.16
CA LYS A 38 0.04 -8.87 16.27
C LYS A 38 -0.39 -8.36 14.90
N THR A 39 -1.56 -7.74 14.84
CA THR A 39 -2.08 -7.20 13.60
C THR A 39 -1.07 -6.25 12.95
N ALA A 40 -1.16 -6.13 11.62
CA ALA A 40 -0.26 -5.26 10.88
C ALA A 40 -0.74 -5.08 9.44
N THR A 41 -1.16 -3.87 9.11
CA THR A 41 -1.64 -3.56 7.77
C THR A 41 -1.00 -2.30 7.23
N PHE A 42 -1.14 -2.07 5.93
CA PHE A 42 -0.58 -0.89 5.29
C PHE A 42 -1.56 -0.30 4.27
N THR A 43 -1.28 0.93 3.84
CA THR A 43 -2.13 1.61 2.87
C THR A 43 -1.40 1.83 1.55
N ILE A 44 -2.13 1.71 0.45
CA ILE A 44 -1.56 1.90 -0.87
C ILE A 44 -2.34 2.94 -1.67
N VAL A 45 -1.61 3.82 -2.36
CA VAL A 45 -2.23 4.86 -3.17
C VAL A 45 -2.31 4.46 -4.64
N THR A 46 -3.50 4.52 -5.21
CA THR A 46 -3.71 4.16 -6.60
C THR A 46 -4.39 5.29 -7.37
N GLU A 47 -3.61 6.05 -8.12
CA GLU A 47 -4.15 7.16 -8.90
C GLU A 47 -3.82 7.00 -10.37
N ASP A 48 -2.72 6.30 -10.66
CA ASP A 48 -2.30 6.07 -12.03
C ASP A 48 -2.06 4.59 -12.29
N ALA A 49 -2.31 3.77 -11.27
CA ALA A 49 -2.12 2.33 -11.37
C ALA A 49 -2.60 1.81 -12.72
N GLY A 50 -3.81 2.21 -13.11
CA GLY A 50 -4.36 1.80 -14.39
C GLY A 50 -5.03 0.44 -14.30
N GLU A 51 -5.35 -0.15 -15.45
CA GLU A 51 -6.00 -1.45 -15.49
C GLU A 51 -5.02 -2.53 -15.96
N GLY A 52 -4.41 -3.21 -15.00
CA GLY A 52 -3.46 -4.26 -15.32
C GLY A 52 -3.63 -5.50 -14.47
N GLY A 53 -2.88 -5.56 -13.38
CA GLY A 53 -2.96 -6.71 -12.49
C GLY A 53 -2.09 -6.56 -11.26
N LEU A 54 -2.70 -6.54 -10.09
CA LEU A 54 -1.98 -6.40 -8.83
C LEU A 54 -1.55 -7.77 -8.30
N ASP A 55 -0.33 -7.83 -7.78
CA ASP A 55 0.19 -9.09 -7.23
C ASP A 55 0.98 -8.82 -5.94
N LEU A 56 0.53 -9.44 -4.85
CA LEU A 56 1.19 -9.26 -3.56
C LEU A 56 1.61 -10.61 -2.98
N ALA A 57 2.89 -10.73 -2.63
CA ALA A 57 3.41 -11.96 -2.06
C ALA A 57 4.34 -11.68 -0.89
N ILE A 58 4.26 -12.50 0.14
CA ILE A 58 5.10 -12.33 1.32
C ILE A 58 5.82 -13.63 1.68
N GLU A 59 7.10 -13.53 1.97
CA GLU A 59 7.90 -14.70 2.33
C GLU A 59 8.60 -14.49 3.67
N GLY A 60 9.06 -15.60 4.27
CA GLY A 60 9.73 -15.52 5.55
C GLY A 60 9.83 -16.86 6.23
N PRO A 61 10.03 -16.84 7.56
CA PRO A 61 10.15 -18.07 8.36
C PRO A 61 8.83 -18.81 8.48
N SER A 62 7.74 -18.14 8.13
CA SER A 62 6.41 -18.74 8.20
C SER A 62 5.52 -18.21 7.08
N LYS A 63 4.36 -18.84 6.92
CA LYS A 63 3.42 -18.43 5.89
C LYS A 63 2.24 -17.67 6.49
N ALA A 64 2.24 -16.35 6.30
CA ALA A 64 1.17 -15.50 6.82
C ALA A 64 0.09 -15.26 5.77
N GLU A 65 -1.14 -15.08 6.22
CA GLU A 65 -2.26 -14.84 5.32
C GLU A 65 -2.29 -13.38 4.86
N ILE A 66 -2.94 -13.13 3.73
CA ILE A 66 -3.05 -11.79 3.19
C ILE A 66 -4.46 -11.50 2.70
N SER A 67 -5.09 -10.48 3.27
CA SER A 67 -6.45 -10.11 2.89
C SER A 67 -6.51 -8.64 2.48
N CYS A 68 -6.75 -8.40 1.20
CA CYS A 68 -6.83 -7.04 0.68
C CYS A 68 -8.27 -6.56 0.65
N ILE A 69 -8.45 -5.23 0.71
CA ILE A 69 -9.79 -4.65 0.69
C ILE A 69 -9.78 -3.30 -0.03
N ASP A 70 -10.93 -2.95 -0.61
CA ASP A 70 -11.06 -1.69 -1.33
C ASP A 70 -11.50 -0.56 -0.39
N ASN A 71 -11.07 0.65 -0.69
CA ASN A 71 -11.42 1.81 0.13
C ASN A 71 -12.33 2.75 -0.64
N LYS A 72 -12.86 3.75 0.07
CA LYS A 72 -13.76 4.73 -0.55
C LYS A 72 -12.97 5.94 -1.05
N ASP A 73 -11.66 5.88 -0.93
CA ASP A 73 -10.79 6.96 -1.37
C ASP A 73 -9.97 6.56 -2.58
N GLY A 74 -10.04 5.27 -2.93
CA GLY A 74 -9.29 4.77 -4.07
C GLY A 74 -7.98 4.13 -3.67
N THR A 75 -7.91 3.66 -2.42
CA THR A 75 -6.71 3.02 -1.91
C THR A 75 -6.92 1.53 -1.68
N CYS A 76 -5.89 0.85 -1.21
CA CYS A 76 -5.97 -0.58 -0.94
C CYS A 76 -5.39 -0.92 0.43
N THR A 77 -6.24 -1.43 1.32
CA THR A 77 -5.82 -1.79 2.67
C THR A 77 -5.60 -3.30 2.78
N VAL A 78 -4.32 -3.69 2.86
CA VAL A 78 -3.97 -5.10 2.98
C VAL A 78 -3.58 -5.45 4.41
N THR A 79 -4.47 -6.15 5.10
CA THR A 79 -4.22 -6.55 6.48
C THR A 79 -3.68 -7.97 6.55
N TYR A 80 -2.69 -8.18 7.42
CA TYR A 80 -2.09 -9.49 7.59
C TYR A 80 -1.51 -9.65 9.00
N LEU A 81 -1.58 -10.88 9.52
CA LEU A 81 -1.08 -11.17 10.85
C LEU A 81 0.04 -12.21 10.80
N PRO A 82 1.23 -11.83 11.29
CA PRO A 82 2.40 -12.71 11.31
C PRO A 82 2.25 -13.85 12.31
N THR A 83 3.07 -14.88 12.15
CA THR A 83 3.03 -16.04 13.03
C THR A 83 4.33 -16.20 13.81
N LEU A 84 5.41 -15.62 13.27
CA LEU A 84 6.71 -15.70 13.91
C LEU A 84 7.55 -14.46 13.57
N PRO A 85 8.39 -14.04 14.52
CA PRO A 85 9.27 -12.88 14.35
C PRO A 85 10.38 -13.14 13.34
N GLY A 86 10.44 -12.29 12.31
CA GLY A 86 11.46 -12.45 11.28
C GLY A 86 11.29 -11.45 10.16
N ASP A 87 12.39 -11.18 9.45
CA ASP A 87 12.36 -10.24 8.33
C ASP A 87 11.56 -10.81 7.17
N TYR A 88 10.32 -10.38 7.03
CA TYR A 88 9.45 -10.85 5.97
C TYR A 88 9.77 -10.14 4.65
N SER A 89 10.16 -10.92 3.65
CA SER A 89 10.51 -10.36 2.35
C SER A 89 9.24 -10.07 1.53
N ILE A 90 8.75 -8.84 1.64
CA ILE A 90 7.55 -8.43 0.92
C ILE A 90 7.88 -8.09 -0.54
N LEU A 91 7.16 -8.72 -1.46
CA LEU A 91 7.36 -8.49 -2.88
C LEU A 91 6.08 -8.03 -3.55
N VAL A 92 6.04 -6.75 -3.94
CA VAL A 92 4.87 -6.19 -4.60
C VAL A 92 5.16 -5.89 -6.07
N LYS A 93 4.34 -6.43 -6.95
CA LYS A 93 4.50 -6.22 -8.38
C LYS A 93 3.19 -5.76 -9.02
N TYR A 94 3.28 -4.84 -9.97
CA TYR A 94 2.11 -4.32 -10.66
C TYR A 94 2.33 -4.29 -12.16
N ASN A 95 1.61 -5.16 -12.87
CA ASN A 95 1.73 -5.24 -14.32
C ASN A 95 3.14 -5.63 -14.74
N ASP A 96 3.71 -6.62 -14.07
CA ASP A 96 5.05 -7.08 -14.37
C ASP A 96 6.07 -5.97 -14.18
N LYS A 97 5.92 -5.22 -13.10
CA LYS A 97 6.82 -4.11 -12.80
C LYS A 97 6.90 -3.85 -11.29
N HIS A 98 8.05 -4.16 -10.70
CA HIS A 98 8.24 -3.95 -9.27
C HIS A 98 8.12 -2.47 -8.91
N ILE A 99 7.48 -2.20 -7.78
CA ILE A 99 7.30 -0.83 -7.32
C ILE A 99 8.61 -0.25 -6.80
N PRO A 100 8.69 1.09 -6.79
CA PRO A 100 9.89 1.80 -6.32
C PRO A 100 10.07 1.69 -4.80
N GLY A 101 11.05 0.88 -4.39
CA GLY A 101 11.30 0.70 -2.97
C GLY A 101 11.35 -0.76 -2.58
N SER A 102 10.74 -1.61 -3.40
CA SER A 102 10.71 -3.05 -3.13
C SER A 102 11.94 -3.74 -3.71
N PRO A 103 12.23 -4.95 -3.20
CA PRO A 103 11.43 -5.59 -2.15
C PRO A 103 11.57 -4.87 -0.81
N PHE A 104 10.48 -4.84 -0.05
CA PHE A 104 10.48 -4.19 1.26
C PHE A 104 10.85 -5.19 2.35
N THR A 105 11.27 -4.66 3.50
CA THR A 105 11.65 -5.50 4.64
C THR A 105 10.98 -5.04 5.92
N ALA A 106 10.21 -5.92 6.53
CA ALA A 106 9.52 -5.60 7.77
C ALA A 106 10.23 -6.20 8.97
N LYS A 107 10.88 -5.35 9.76
CA LYS A 107 11.61 -5.80 10.94
C LYS A 107 10.65 -6.12 12.09
N ILE A 108 10.10 -7.34 12.08
CA ILE A 108 9.17 -7.76 13.11
C ILE A 108 9.91 -8.36 14.30
N THR A 109 9.39 -8.11 15.50
CA THR A 109 9.99 -8.62 16.73
C THR A 109 9.05 -9.58 17.45
N ASP A 110 9.56 -10.23 18.48
CA ASP A 110 8.77 -11.17 19.27
C ASP A 110 8.00 -10.45 20.37
N ASP A 111 6.88 -11.03 20.79
CA ASP A 111 6.06 -10.44 21.84
C ASP A 111 6.22 -11.21 23.15
N SER A 112 6.45 -12.52 23.03
CA SER A 112 6.61 -13.37 24.22
C SER A 112 8.08 -13.45 24.62
N ARG A 113 8.48 -12.58 25.55
CA ARG A 113 9.85 -12.55 26.03
C ARG A 113 10.12 -13.69 27.00
N ARG A 114 11.00 -14.61 26.60
CA ARG A 114 11.33 -15.76 27.44
C ARG A 114 12.52 -15.43 28.34
N CYS A 115 13.60 -14.93 27.74
CA CYS A 115 14.80 -14.59 28.50
C CYS A 115 14.63 -13.25 29.21
N GLY A 1 -46.02 -9.01 -11.33
CA GLY A 1 -47.38 -8.61 -11.60
C GLY A 1 -47.73 -8.67 -13.07
N SER A 2 -47.28 -9.73 -13.74
CA SER A 2 -47.54 -9.91 -15.15
C SER A 2 -47.55 -8.57 -15.88
N SER A 3 -46.59 -7.71 -15.53
CA SER A 3 -46.48 -6.39 -16.14
C SER A 3 -45.37 -6.36 -17.18
N GLY A 4 -45.38 -5.33 -18.02
CA GLY A 4 -44.36 -5.20 -19.04
C GLY A 4 -44.41 -3.86 -19.74
N SER A 5 -43.32 -3.11 -19.66
CA SER A 5 -43.24 -1.79 -20.29
C SER A 5 -41.80 -1.35 -20.47
N SER A 6 -41.48 -0.81 -21.64
CA SER A 6 -40.13 -0.36 -21.93
C SER A 6 -40.13 0.61 -23.11
N GLY A 7 -38.95 1.13 -23.44
CA GLY A 7 -38.83 2.06 -24.55
C GLY A 7 -37.44 2.09 -25.14
N PRO A 8 -37.35 2.32 -26.46
CA PRO A 8 -36.08 2.37 -27.18
C PRO A 8 -35.26 3.61 -26.80
N GLU A 9 -35.83 4.46 -25.97
CA GLU A 9 -35.15 5.68 -25.54
C GLU A 9 -34.45 5.47 -24.19
N SER A 10 -33.19 5.08 -24.25
CA SER A 10 -32.41 4.83 -23.03
C SER A 10 -31.33 5.90 -22.86
N PRO A 11 -31.73 7.06 -22.32
CA PRO A 11 -30.81 8.17 -22.09
C PRO A 11 -29.81 7.89 -20.98
N LEU A 12 -28.56 7.65 -21.35
CA LEU A 12 -27.51 7.36 -20.38
C LEU A 12 -26.42 8.43 -20.42
N GLN A 13 -26.31 9.20 -19.35
CA GLN A 13 -25.31 10.26 -19.26
C GLN A 13 -24.73 10.35 -17.85
N PHE A 14 -23.45 10.69 -17.77
CA PHE A 14 -22.78 10.81 -16.48
C PHE A 14 -21.61 11.79 -16.57
N TYR A 15 -21.33 12.46 -15.46
CA TYR A 15 -20.24 13.43 -15.41
C TYR A 15 -19.39 13.23 -14.15
N VAL A 16 -18.67 12.11 -14.10
CA VAL A 16 -17.82 11.81 -12.96
C VAL A 16 -16.35 11.97 -13.31
N ASN A 17 -15.64 12.77 -12.53
CA ASN A 17 -14.22 13.00 -12.76
C ASN A 17 -13.37 12.21 -11.76
N TYR A 18 -12.10 12.03 -12.09
CA TYR A 18 -11.18 11.29 -11.23
C TYR A 18 -9.81 11.96 -11.20
N PRO A 19 -9.13 11.87 -10.04
CA PRO A 19 -7.81 12.45 -9.85
C PRO A 19 -6.73 11.73 -10.64
N ASN A 20 -5.47 12.00 -10.32
CA ASN A 20 -4.35 11.37 -11.01
C ASN A 20 -3.09 11.42 -10.14
N SER A 21 -2.10 10.61 -10.52
CA SER A 21 -0.85 10.56 -9.78
C SER A 21 0.32 10.21 -10.70
N GLY A 22 1.53 10.22 -10.16
CA GLY A 22 2.70 9.90 -10.94
C GLY A 22 3.04 8.42 -10.92
N SER A 23 3.45 7.92 -9.76
CA SER A 23 3.80 6.52 -9.60
C SER A 23 3.14 5.93 -8.36
N VAL A 24 3.23 4.60 -8.24
CA VAL A 24 2.65 3.91 -7.10
C VAL A 24 3.55 3.99 -5.87
N SER A 25 2.95 4.12 -4.70
CA SER A 25 3.71 4.22 -3.46
C SER A 25 2.99 3.48 -2.32
N ALA A 26 3.74 2.68 -1.59
CA ALA A 26 3.18 1.92 -0.47
C ALA A 26 3.84 2.31 0.85
N TYR A 27 3.02 2.58 1.85
CA TYR A 27 3.53 2.97 3.16
C TYR A 27 2.63 2.43 4.28
N GLY A 28 3.14 2.45 5.50
CA GLY A 28 2.37 1.96 6.64
C GLY A 28 3.23 1.25 7.66
N PRO A 29 2.75 1.18 8.91
CA PRO A 29 3.46 0.53 10.00
C PRO A 29 3.53 -0.98 9.84
N GLY A 30 2.95 -1.48 8.76
CA GLY A 30 2.95 -2.91 8.50
C GLY A 30 4.15 -3.35 7.69
N LEU A 31 4.62 -2.48 6.80
CA LEU A 31 5.77 -2.78 5.96
C LEU A 31 7.07 -2.44 6.67
N VAL A 32 7.10 -1.27 7.30
CA VAL A 32 8.29 -0.82 8.02
C VAL A 32 8.72 -1.85 9.06
N TYR A 33 7.75 -2.34 9.83
CA TYR A 33 8.02 -3.33 10.87
C TYR A 33 6.72 -3.90 11.43
N GLY A 34 6.86 -4.80 12.40
CA GLY A 34 5.68 -5.41 13.01
C GLY A 34 6.02 -6.14 14.29
N VAL A 35 5.12 -7.04 14.71
CA VAL A 35 5.32 -7.80 15.93
C VAL A 35 4.68 -9.18 15.83
N ALA A 36 5.39 -10.19 16.31
CA ALA A 36 4.90 -11.57 16.27
C ALA A 36 3.57 -11.69 17.02
N ASN A 37 2.58 -12.30 16.36
CA ASN A 37 1.27 -12.47 16.96
C ASN A 37 0.61 -11.12 17.23
N LYS A 38 0.66 -10.22 16.26
CA LYS A 38 0.07 -8.90 16.38
C LYS A 38 -0.47 -8.41 15.05
N THR A 39 -1.42 -7.49 15.10
CA THR A 39 -2.03 -6.93 13.90
C THR A 39 -1.03 -6.07 13.13
N ALA A 40 -1.18 -6.05 11.81
CA ALA A 40 -0.29 -5.26 10.96
C ALA A 40 -0.94 -4.98 9.61
N THR A 41 -1.38 -3.74 9.41
CA THR A 41 -2.02 -3.34 8.17
C THR A 41 -1.35 -2.11 7.57
N PHE A 42 -1.18 -2.12 6.25
CA PHE A 42 -0.54 -1.01 5.56
C PHE A 42 -1.43 -0.50 4.43
N THR A 43 -1.20 0.75 4.02
CA THR A 43 -1.98 1.36 2.95
C THR A 43 -1.19 1.39 1.64
N ILE A 44 -1.88 1.15 0.53
CA ILE A 44 -1.24 1.14 -0.77
C ILE A 44 -1.86 2.19 -1.69
N VAL A 45 -1.06 3.14 -2.14
CA VAL A 45 -1.53 4.20 -3.02
C VAL A 45 -1.85 3.65 -4.42
N THR A 46 -3.13 3.47 -4.70
CA THR A 46 -3.57 2.95 -5.99
C THR A 46 -4.18 4.05 -6.84
N GLU A 47 -3.81 5.29 -6.55
CA GLU A 47 -4.33 6.43 -7.29
C GLU A 47 -4.00 6.31 -8.79
N ASP A 48 -2.87 5.70 -9.08
CA ASP A 48 -2.43 5.52 -10.47
C ASP A 48 -1.99 4.07 -10.70
N ALA A 49 -2.78 3.13 -10.21
CA ALA A 49 -2.47 1.71 -10.38
C ALA A 49 -3.64 0.96 -10.99
N GLY A 50 -3.78 1.08 -12.31
CA GLY A 50 -4.87 0.40 -13.00
C GLY A 50 -4.80 -1.10 -12.85
N GLU A 51 -5.73 -1.80 -13.50
CA GLU A 51 -5.78 -3.25 -13.43
C GLU A 51 -5.05 -3.87 -14.62
N GLY A 52 -3.75 -4.12 -14.46
CA GLY A 52 -2.96 -4.70 -15.54
C GLY A 52 -2.17 -5.90 -15.07
N GLY A 53 -1.45 -5.75 -13.96
CA GLY A 53 -0.65 -6.84 -13.44
C GLY A 53 -0.26 -6.62 -11.99
N LEU A 54 -1.22 -6.22 -11.17
CA LEU A 54 -0.97 -5.97 -9.76
C LEU A 54 -0.99 -7.27 -8.96
N ASP A 55 0.19 -7.75 -8.59
CA ASP A 55 0.30 -8.99 -7.83
C ASP A 55 0.74 -8.71 -6.40
N LEU A 56 0.10 -9.38 -5.44
CA LEU A 56 0.43 -9.20 -4.03
C LEU A 56 0.90 -10.51 -3.41
N ALA A 57 2.16 -10.54 -3.00
CA ALA A 57 2.74 -11.73 -2.39
C ALA A 57 3.67 -11.36 -1.24
N ILE A 58 3.60 -12.13 -0.16
CA ILE A 58 4.45 -11.88 1.00
C ILE A 58 5.22 -13.13 1.40
N GLU A 59 6.47 -12.95 1.80
CA GLU A 59 7.31 -14.06 2.22
C GLU A 59 7.96 -13.79 3.57
N GLY A 60 8.73 -14.75 4.06
CA GLY A 60 9.40 -14.60 5.34
C GLY A 60 9.70 -15.93 6.00
N PRO A 61 9.87 -15.91 7.32
CA PRO A 61 10.18 -17.11 8.11
C PRO A 61 8.99 -18.06 8.18
N SER A 62 7.82 -17.57 7.82
CA SER A 62 6.60 -18.37 7.86
C SER A 62 5.52 -17.77 6.96
N LYS A 63 4.49 -18.55 6.69
CA LYS A 63 3.39 -18.09 5.85
C LYS A 63 2.36 -17.32 6.66
N ALA A 64 1.85 -16.23 6.09
CA ALA A 64 0.85 -15.41 6.77
C ALA A 64 -0.32 -15.11 5.86
N GLU A 65 -1.51 -15.01 6.45
CA GLU A 65 -2.72 -14.72 5.68
C GLU A 65 -2.68 -13.31 5.11
N ILE A 66 -3.41 -13.09 4.01
CA ILE A 66 -3.46 -11.78 3.37
C ILE A 66 -4.88 -11.43 2.96
N SER A 67 -5.40 -10.34 3.54
CA SER A 67 -6.75 -9.90 3.25
C SER A 67 -6.74 -8.50 2.62
N CYS A 68 -6.69 -8.46 1.29
CA CYS A 68 -6.67 -7.19 0.58
C CYS A 68 -8.09 -6.68 0.32
N ILE A 69 -8.35 -5.44 0.71
CA ILE A 69 -9.66 -4.84 0.53
C ILE A 69 -9.60 -3.64 -0.42
N ASP A 70 -10.53 -3.59 -1.36
CA ASP A 70 -10.57 -2.51 -2.33
C ASP A 70 -11.74 -1.56 -2.03
N ASN A 71 -11.44 -0.27 -1.96
CA ASN A 71 -12.46 0.73 -1.68
C ASN A 71 -12.79 1.54 -2.93
N LYS A 72 -13.71 2.49 -2.79
CA LYS A 72 -14.11 3.33 -3.91
C LYS A 72 -13.60 4.76 -3.73
N ASP A 73 -12.50 4.89 -3.01
CA ASP A 73 -11.90 6.21 -2.76
C ASP A 73 -10.59 6.36 -3.54
N GLY A 74 -9.85 5.26 -3.68
CA GLY A 74 -8.60 5.30 -4.39
C GLY A 74 -7.45 4.71 -3.58
N THR A 75 -7.78 3.79 -2.68
CA THR A 75 -6.77 3.15 -1.84
C THR A 75 -7.12 1.69 -1.58
N CYS A 76 -6.20 0.98 -0.94
CA CYS A 76 -6.40 -0.43 -0.64
C CYS A 76 -5.92 -0.77 0.77
N THR A 77 -6.65 -1.63 1.46
CA THR A 77 -6.31 -2.02 2.82
C THR A 77 -6.01 -3.51 2.90
N VAL A 78 -4.74 -3.85 3.14
CA VAL A 78 -4.32 -5.24 3.23
C VAL A 78 -3.91 -5.59 4.66
N THR A 79 -4.72 -6.40 5.32
CA THR A 79 -4.44 -6.82 6.69
C THR A 79 -3.80 -8.20 6.74
N TYR A 80 -2.87 -8.39 7.66
CA TYR A 80 -2.19 -9.68 7.80
C TYR A 80 -1.65 -9.85 9.22
N LEU A 81 -1.48 -11.11 9.63
CA LEU A 81 -0.97 -11.41 10.96
C LEU A 81 0.20 -12.39 10.88
N PRO A 82 1.38 -11.96 11.36
CA PRO A 82 2.58 -12.79 11.36
C PRO A 82 2.49 -13.94 12.36
N THR A 83 3.39 -14.91 12.20
CA THR A 83 3.41 -16.07 13.09
C THR A 83 4.78 -16.23 13.76
N LEU A 84 5.80 -15.63 13.15
CA LEU A 84 7.16 -15.71 13.67
C LEU A 84 7.94 -14.43 13.37
N PRO A 85 8.76 -14.00 14.32
CA PRO A 85 9.58 -12.80 14.18
C PRO A 85 10.70 -12.97 13.14
N GLY A 86 10.70 -12.10 12.13
CA GLY A 86 11.71 -12.18 11.11
C GLY A 86 11.50 -11.16 10.00
N ASP A 87 12.49 -11.01 9.13
CA ASP A 87 12.40 -10.07 8.03
C ASP A 87 11.50 -10.60 6.92
N TYR A 88 10.21 -10.24 7.00
CA TYR A 88 9.23 -10.69 6.02
C TYR A 88 9.50 -10.04 4.66
N SER A 89 9.96 -10.85 3.72
CA SER A 89 10.26 -10.36 2.37
C SER A 89 8.98 -10.21 1.55
N ILE A 90 8.37 -9.03 1.63
CA ILE A 90 7.14 -8.76 0.89
C ILE A 90 7.43 -8.44 -0.57
N LEU A 91 6.78 -9.16 -1.47
CA LEU A 91 6.97 -8.96 -2.90
C LEU A 91 5.70 -8.40 -3.54
N VAL A 92 5.84 -7.33 -4.31
CA VAL A 92 4.71 -6.72 -4.98
C VAL A 92 5.09 -6.25 -6.38
N LYS A 93 4.37 -6.75 -7.39
CA LYS A 93 4.63 -6.39 -8.77
C LYS A 93 3.43 -5.67 -9.38
N TYR A 94 3.68 -4.90 -10.45
CA TYR A 94 2.62 -4.17 -11.11
C TYR A 94 2.90 -4.04 -12.61
N ASN A 95 2.05 -4.66 -13.42
CA ASN A 95 2.21 -4.62 -14.87
C ASN A 95 3.52 -5.30 -15.29
N ASP A 96 3.83 -6.42 -14.65
CA ASP A 96 5.05 -7.16 -14.96
C ASP A 96 6.29 -6.35 -14.59
N LYS A 97 6.20 -5.62 -13.48
CA LYS A 97 7.32 -4.80 -13.02
C LYS A 97 7.17 -4.47 -11.53
N HIS A 98 8.22 -4.75 -10.77
CA HIS A 98 8.21 -4.48 -9.34
C HIS A 98 8.26 -2.99 -9.06
N ILE A 99 7.61 -2.57 -7.99
CA ILE A 99 7.56 -1.15 -7.61
C ILE A 99 8.92 -0.69 -7.10
N PRO A 100 9.19 0.61 -7.23
CA PRO A 100 10.45 1.22 -6.78
C PRO A 100 10.56 1.25 -5.26
N GLY A 101 11.10 0.18 -4.68
CA GLY A 101 11.25 0.10 -3.24
C GLY A 101 11.11 -1.30 -2.71
N SER A 102 10.70 -2.22 -3.58
CA SER A 102 10.52 -3.61 -3.19
C SER A 102 11.74 -4.45 -3.55
N PRO A 103 11.90 -5.60 -2.88
CA PRO A 103 10.95 -6.04 -1.85
C PRO A 103 11.01 -5.18 -0.59
N PHE A 104 10.00 -5.31 0.26
CA PHE A 104 9.93 -4.55 1.50
C PHE A 104 10.42 -5.38 2.68
N THR A 105 11.06 -4.72 3.64
CA THR A 105 11.56 -5.39 4.82
C THR A 105 10.89 -4.89 6.09
N ALA A 106 10.19 -5.79 6.78
CA ALA A 106 9.50 -5.43 8.01
C ALA A 106 10.24 -5.94 9.23
N LYS A 107 10.93 -5.03 9.92
CA LYS A 107 11.69 -5.39 11.11
C LYS A 107 10.76 -5.80 12.25
N ILE A 108 10.28 -7.03 12.20
CA ILE A 108 9.38 -7.55 13.23
C ILE A 108 10.16 -8.10 14.41
N THR A 109 9.61 -7.91 15.62
CA THR A 109 10.26 -8.39 16.83
C THR A 109 9.34 -9.31 17.62
N ASP A 110 9.92 -10.10 18.52
CA ASP A 110 9.14 -11.02 19.34
C ASP A 110 8.74 -10.37 20.66
N ASP A 111 7.44 -10.26 20.89
CA ASP A 111 6.93 -9.65 22.11
C ASP A 111 6.12 -10.67 22.93
N SER A 112 6.64 -11.89 23.00
CA SER A 112 5.97 -12.95 23.74
C SER A 112 5.43 -12.43 25.07
N ARG A 113 6.34 -11.92 25.91
CA ARG A 113 5.96 -11.40 27.21
C ARG A 113 5.22 -10.06 27.07
N ARG A 114 4.16 -9.89 27.86
CA ARG A 114 3.38 -8.67 27.83
C ARG A 114 4.27 -7.44 28.00
N CYS A 115 3.68 -6.26 27.82
CA CYS A 115 4.42 -5.01 27.95
C CYS A 115 3.52 -3.90 28.47
N GLY A 1 -34.48 39.81 26.00
CA GLY A 1 -34.29 39.13 24.74
C GLY A 1 -33.12 39.69 23.95
N SER A 2 -32.78 39.02 22.85
CA SER A 2 -31.68 39.45 22.00
C SER A 2 -32.16 39.76 20.59
N SER A 3 -31.45 40.65 19.90
CA SER A 3 -31.81 41.03 18.54
C SER A 3 -31.86 39.81 17.63
N GLY A 4 -30.72 39.12 17.51
CA GLY A 4 -30.65 37.94 16.67
C GLY A 4 -30.00 38.23 15.32
N SER A 5 -29.61 37.17 14.62
CA SER A 5 -28.98 37.31 13.32
C SER A 5 -28.93 35.98 12.58
N SER A 6 -28.71 36.03 11.27
CA SER A 6 -28.64 34.83 10.46
C SER A 6 -27.98 35.12 9.12
N GLY A 7 -27.77 34.06 8.33
CA GLY A 7 -27.15 34.23 7.02
C GLY A 7 -26.98 32.91 6.29
N PRO A 8 -28.04 32.48 5.60
CA PRO A 8 -28.03 31.21 4.85
C PRO A 8 -27.13 31.28 3.61
N GLU A 9 -27.17 30.24 2.80
CA GLU A 9 -26.36 30.18 1.58
C GLU A 9 -26.73 28.98 0.73
N SER A 10 -26.30 28.99 -0.52
CA SER A 10 -26.59 27.89 -1.44
C SER A 10 -25.40 27.61 -2.35
N PRO A 11 -25.14 26.33 -2.60
CA PRO A 11 -24.03 25.90 -3.46
C PRO A 11 -24.26 26.25 -4.93
N LEU A 12 -23.23 26.03 -5.75
CA LEU A 12 -23.33 26.33 -7.17
C LEU A 12 -22.43 25.39 -7.98
N GLN A 13 -22.61 25.40 -9.30
CA GLN A 13 -21.82 24.56 -10.18
C GLN A 13 -20.35 24.94 -10.13
N PHE A 14 -19.50 23.97 -9.80
CA PHE A 14 -18.07 24.21 -9.71
C PHE A 14 -17.28 23.14 -10.46
N TYR A 15 -15.99 23.37 -10.64
CA TYR A 15 -15.13 22.43 -11.35
C TYR A 15 -13.91 22.06 -10.52
N VAL A 16 -13.53 20.79 -10.53
CA VAL A 16 -12.37 20.32 -9.79
C VAL A 16 -11.31 19.75 -10.73
N ASN A 17 -10.07 19.75 -10.25
CA ASN A 17 -8.95 19.23 -11.05
C ASN A 17 -8.02 18.38 -10.19
N TYR A 18 -7.05 17.75 -10.83
CA TYR A 18 -6.09 16.91 -10.13
C TYR A 18 -4.75 16.88 -10.86
N PRO A 19 -3.67 16.69 -10.10
CA PRO A 19 -2.31 16.65 -10.64
C PRO A 19 -2.06 15.39 -11.47
N ASN A 20 -0.97 15.39 -12.23
CA ASN A 20 -0.62 14.25 -13.07
C ASN A 20 0.05 13.16 -12.25
N SER A 21 -0.59 12.77 -11.16
CA SER A 21 -0.05 11.73 -10.28
C SER A 21 -0.32 10.34 -10.86
N GLY A 22 0.75 9.57 -11.04
CA GLY A 22 0.61 8.23 -11.58
C GLY A 22 1.76 7.33 -11.18
N SER A 23 1.73 6.85 -9.93
CA SER A 23 2.78 5.97 -9.43
C SER A 23 2.28 5.16 -8.24
N VAL A 24 2.89 4.01 -8.01
CA VAL A 24 2.52 3.14 -6.90
C VAL A 24 3.48 3.27 -5.73
N SER A 25 2.94 3.54 -4.55
CA SER A 25 3.74 3.70 -3.35
C SER A 25 3.09 3.02 -2.16
N ALA A 26 3.90 2.34 -1.35
CA ALA A 26 3.41 1.64 -0.17
C ALA A 26 4.02 2.21 1.10
N TYR A 27 3.19 2.42 2.12
CA TYR A 27 3.65 2.96 3.39
C TYR A 27 2.76 2.49 4.53
N GLY A 28 3.25 2.64 5.77
CA GLY A 28 2.49 2.23 6.93
C GLY A 28 3.34 1.53 7.96
N PRO A 29 2.82 1.46 9.21
CA PRO A 29 3.52 0.81 10.32
C PRO A 29 3.61 -0.70 10.15
N GLY A 30 3.03 -1.21 9.07
CA GLY A 30 3.05 -2.63 8.82
C GLY A 30 4.26 -3.06 8.01
N LEU A 31 4.76 -2.15 7.18
CA LEU A 31 5.93 -2.44 6.34
C LEU A 31 7.22 -2.16 7.10
N VAL A 32 7.24 -1.06 7.85
CA VAL A 32 8.41 -0.67 8.62
C VAL A 32 8.79 -1.76 9.62
N TYR A 33 7.80 -2.25 10.36
CA TYR A 33 8.04 -3.29 11.35
C TYR A 33 6.72 -3.87 11.84
N GLY A 34 6.81 -4.98 12.58
CA GLY A 34 5.63 -5.62 13.10
C GLY A 34 5.89 -6.43 14.36
N VAL A 35 4.89 -7.18 14.82
CA VAL A 35 5.03 -7.99 16.01
C VAL A 35 4.39 -9.36 15.83
N ALA A 36 5.07 -10.39 16.31
CA ALA A 36 4.56 -11.76 16.19
C ALA A 36 3.10 -11.84 16.65
N ASN A 37 2.25 -12.36 15.78
CA ASN A 37 0.83 -12.50 16.08
C ASN A 37 0.22 -11.14 16.42
N LYS A 38 0.56 -10.13 15.63
CA LYS A 38 0.05 -8.78 15.84
C LYS A 38 -0.55 -8.21 14.56
N THR A 39 -1.55 -7.36 14.71
CA THR A 39 -2.21 -6.75 13.56
C THR A 39 -1.31 -5.70 12.90
N ALA A 40 -1.12 -5.82 11.60
CA ALA A 40 -0.28 -4.88 10.86
C ALA A 40 -0.86 -4.62 9.47
N THR A 41 -1.44 -3.43 9.29
CA THR A 41 -2.03 -3.06 8.01
C THR A 41 -1.39 -1.78 7.47
N PHE A 42 -1.14 -1.76 6.17
CA PHE A 42 -0.53 -0.60 5.52
C PHE A 42 -1.41 -0.09 4.39
N THR A 43 -1.10 1.10 3.90
CA THR A 43 -1.87 1.72 2.82
C THR A 43 -1.03 1.83 1.54
N ILE A 44 -1.59 1.39 0.44
CA ILE A 44 -0.90 1.45 -0.85
C ILE A 44 -1.62 2.36 -1.83
N VAL A 45 -0.95 3.43 -2.24
CA VAL A 45 -1.53 4.38 -3.18
C VAL A 45 -1.47 3.86 -4.61
N THR A 46 -2.54 4.08 -5.36
CA THR A 46 -2.62 3.63 -6.74
C THR A 46 -3.84 4.20 -7.45
N GLU A 47 -3.60 4.96 -8.52
CA GLU A 47 -4.68 5.56 -9.28
C GLU A 47 -4.44 5.43 -10.79
N ASP A 48 -5.18 4.54 -11.42
CA ASP A 48 -5.06 4.31 -12.86
C ASP A 48 -3.62 3.93 -13.21
N ALA A 49 -3.01 3.08 -12.39
CA ALA A 49 -1.65 2.64 -12.63
C ALA A 49 -1.56 1.72 -13.83
N GLY A 50 -2.44 0.72 -13.87
CA GLY A 50 -2.44 -0.22 -14.98
C GLY A 50 -3.81 -0.82 -15.23
N GLU A 51 -3.85 -2.08 -15.63
CA GLU A 51 -5.10 -2.76 -15.91
C GLU A 51 -5.24 -4.02 -15.06
N GLY A 52 -5.79 -3.88 -13.87
CA GLY A 52 -5.96 -5.01 -12.97
C GLY A 52 -4.84 -6.02 -13.10
N GLY A 53 -3.67 -5.68 -12.57
CA GLY A 53 -2.53 -6.57 -12.64
C GLY A 53 -1.59 -6.39 -11.47
N LEU A 54 -2.15 -6.26 -10.27
CA LEU A 54 -1.34 -6.09 -9.06
C LEU A 54 -1.14 -7.41 -8.34
N ASP A 55 0.06 -7.96 -8.43
CA ASP A 55 0.38 -9.23 -7.78
C ASP A 55 0.97 -8.99 -6.40
N LEU A 56 0.43 -9.70 -5.41
CA LEU A 56 0.91 -9.57 -4.03
C LEU A 56 1.49 -10.89 -3.53
N ALA A 57 2.59 -10.80 -2.79
CA ALA A 57 3.24 -11.98 -2.25
C ALA A 57 4.14 -11.62 -1.07
N ILE A 58 4.14 -12.46 -0.04
CA ILE A 58 4.95 -12.23 1.14
C ILE A 58 5.71 -13.49 1.55
N GLU A 59 6.97 -13.33 1.91
CA GLU A 59 7.80 -14.46 2.32
C GLU A 59 8.49 -14.18 3.64
N GLY A 60 9.00 -15.23 4.28
CA GLY A 60 9.68 -15.07 5.55
C GLY A 60 9.81 -16.38 6.30
N PRO A 61 10.03 -16.29 7.63
CA PRO A 61 10.19 -17.47 8.48
C PRO A 61 8.89 -18.24 8.65
N SER A 62 7.77 -17.59 8.32
CA SER A 62 6.46 -18.21 8.44
C SER A 62 5.49 -17.64 7.42
N LYS A 63 4.45 -18.41 7.10
CA LYS A 63 3.45 -17.97 6.13
C LYS A 63 2.36 -17.14 6.81
N ALA A 64 2.11 -15.95 6.29
CA ALA A 64 1.10 -15.06 6.84
C ALA A 64 0.02 -14.75 5.81
N GLU A 65 -1.20 -15.20 6.08
CA GLU A 65 -2.32 -14.97 5.18
C GLU A 65 -2.48 -13.48 4.90
N ILE A 66 -3.22 -13.17 3.83
CA ILE A 66 -3.45 -11.78 3.45
C ILE A 66 -4.90 -11.59 2.97
N SER A 67 -5.51 -10.49 3.42
CA SER A 67 -6.89 -10.19 3.04
C SER A 67 -7.02 -8.74 2.58
N CYS A 68 -6.55 -8.45 1.37
CA CYS A 68 -6.61 -7.10 0.82
C CYS A 68 -8.05 -6.68 0.59
N ILE A 69 -8.27 -5.37 0.51
CA ILE A 69 -9.61 -4.84 0.28
C ILE A 69 -9.57 -3.56 -0.55
N ASP A 70 -10.17 -3.61 -1.73
CA ASP A 70 -10.19 -2.45 -2.62
C ASP A 70 -11.18 -1.41 -2.13
N ASN A 71 -10.82 -0.13 -2.29
CA ASN A 71 -11.68 0.97 -1.86
C ASN A 71 -12.25 1.71 -3.05
N LYS A 72 -13.32 2.47 -2.82
CA LYS A 72 -13.95 3.25 -3.87
C LYS A 72 -13.34 4.64 -3.98
N ASP A 73 -12.39 4.92 -3.10
CA ASP A 73 -11.72 6.22 -3.09
C ASP A 73 -10.48 6.20 -3.99
N GLY A 74 -9.71 5.12 -3.90
CA GLY A 74 -8.51 4.99 -4.69
C GLY A 74 -7.33 4.50 -3.88
N THR A 75 -7.59 3.66 -2.89
CA THR A 75 -6.55 3.12 -2.04
C THR A 75 -6.75 1.63 -1.79
N CYS A 76 -5.69 0.95 -1.37
CA CYS A 76 -5.76 -0.48 -1.09
C CYS A 76 -5.38 -0.77 0.34
N THR A 77 -6.19 -1.57 1.03
CA THR A 77 -5.95 -1.92 2.42
C THR A 77 -5.56 -3.39 2.54
N VAL A 78 -4.27 -3.65 2.66
CA VAL A 78 -3.77 -5.01 2.79
C VAL A 78 -3.48 -5.35 4.25
N THR A 79 -4.32 -6.22 4.82
CA THR A 79 -4.16 -6.63 6.22
C THR A 79 -3.62 -8.04 6.32
N TYR A 80 -2.69 -8.26 7.25
CA TYR A 80 -2.09 -9.57 7.44
C TYR A 80 -1.65 -9.76 8.89
N LEU A 81 -1.36 -11.00 9.26
CA LEU A 81 -0.94 -11.32 10.61
C LEU A 81 0.25 -12.28 10.60
N PRO A 82 1.39 -11.83 11.13
CA PRO A 82 2.61 -12.64 11.19
C PRO A 82 2.50 -13.79 12.18
N THR A 83 3.18 -14.90 11.89
CA THR A 83 3.15 -16.06 12.76
C THR A 83 4.43 -16.16 13.59
N LEU A 84 5.54 -15.75 13.00
CA LEU A 84 6.83 -15.79 13.68
C LEU A 84 7.64 -14.52 13.40
N PRO A 85 8.40 -14.06 14.42
CA PRO A 85 9.23 -12.86 14.29
C PRO A 85 10.43 -13.08 13.37
N GLY A 86 10.60 -12.17 12.42
CA GLY A 86 11.72 -12.28 11.49
C GLY A 86 11.55 -11.37 10.29
N ASP A 87 12.63 -11.21 9.52
CA ASP A 87 12.60 -10.36 8.34
C ASP A 87 11.64 -10.91 7.29
N TYR A 88 10.59 -10.14 7.00
CA TYR A 88 9.59 -10.56 6.02
C TYR A 88 9.83 -9.87 4.67
N SER A 89 10.22 -10.66 3.68
CA SER A 89 10.49 -10.12 2.34
C SER A 89 9.19 -9.95 1.56
N ILE A 90 8.74 -8.70 1.44
CA ILE A 90 7.51 -8.40 0.71
C ILE A 90 7.78 -8.16 -0.77
N LEU A 91 7.00 -8.81 -1.62
CA LEU A 91 7.17 -8.67 -3.07
C LEU A 91 5.86 -8.20 -3.72
N VAL A 92 5.87 -6.97 -4.22
CA VAL A 92 4.70 -6.40 -4.87
C VAL A 92 4.99 -6.06 -6.34
N LYS A 93 4.17 -6.60 -7.23
CA LYS A 93 4.33 -6.35 -8.66
C LYS A 93 3.08 -5.70 -9.25
N TYR A 94 3.27 -4.85 -10.24
CA TYR A 94 2.16 -4.16 -10.89
C TYR A 94 2.31 -4.20 -12.41
N ASN A 95 1.29 -4.73 -13.09
CA ASN A 95 1.31 -4.83 -14.54
C ASN A 95 2.65 -5.36 -15.03
N ASP A 96 3.15 -6.40 -14.37
CA ASP A 96 4.43 -7.00 -14.74
C ASP A 96 5.57 -5.99 -14.61
N LYS A 97 5.66 -5.37 -13.44
CA LYS A 97 6.70 -4.38 -13.18
C LYS A 97 6.84 -4.11 -11.68
N HIS A 98 7.94 -4.57 -11.10
CA HIS A 98 8.18 -4.37 -9.68
C HIS A 98 7.99 -2.91 -9.29
N ILE A 99 7.38 -2.69 -8.13
CA ILE A 99 7.14 -1.34 -7.64
C ILE A 99 8.41 -0.70 -7.10
N PRO A 100 8.50 0.64 -7.20
CA PRO A 100 9.66 1.38 -6.72
C PRO A 100 9.77 1.39 -5.20
N GLY A 101 10.55 0.45 -4.67
CA GLY A 101 10.72 0.36 -3.24
C GLY A 101 10.79 -1.08 -2.75
N SER A 102 10.45 -2.02 -3.62
CA SER A 102 10.48 -3.43 -3.28
C SER A 102 11.70 -4.12 -3.87
N PRO A 103 12.04 -5.29 -3.32
CA PRO A 103 11.29 -5.89 -2.20
C PRO A 103 11.47 -5.12 -0.90
N PHE A 104 10.43 -5.12 -0.08
CA PHE A 104 10.46 -4.41 1.20
C PHE A 104 10.88 -5.35 2.32
N THR A 105 11.10 -4.79 3.52
CA THR A 105 11.51 -5.56 4.67
C THR A 105 10.98 -4.96 5.96
N ALA A 106 10.32 -5.78 6.78
CA ALA A 106 9.76 -5.31 8.04
C ALA A 106 10.46 -5.98 9.22
N LYS A 107 11.02 -5.18 10.10
CA LYS A 107 11.72 -5.69 11.28
C LYS A 107 10.73 -6.07 12.37
N ILE A 108 10.27 -7.32 12.35
CA ILE A 108 9.31 -7.80 13.34
C ILE A 108 10.04 -8.39 14.56
N THR A 109 9.50 -8.11 15.74
CA THR A 109 10.10 -8.60 16.98
C THR A 109 9.21 -9.67 17.62
N ASP A 110 9.78 -10.40 18.57
CA ASP A 110 9.05 -11.46 19.25
C ASP A 110 8.22 -10.88 20.41
N ASP A 111 7.00 -11.38 20.55
CA ASP A 111 6.12 -10.92 21.61
C ASP A 111 6.10 -11.89 22.78
N SER A 112 5.94 -13.17 22.47
CA SER A 112 5.90 -14.21 23.50
C SER A 112 5.10 -13.75 24.71
N ARG A 113 3.87 -13.32 24.46
CA ARG A 113 3.00 -12.84 25.53
C ARG A 113 2.21 -14.00 26.14
N ARG A 114 2.91 -15.05 26.52
CA ARG A 114 2.28 -16.22 27.12
C ARG A 114 1.88 -15.95 28.57
N CYS A 115 0.70 -16.43 28.96
CA CYS A 115 0.21 -16.24 30.32
C CYS A 115 0.09 -17.57 31.04
N GLY A 1 -37.65 47.40 -33.77
CA GLY A 1 -36.66 46.44 -34.23
C GLY A 1 -36.64 45.17 -33.39
N SER A 2 -36.12 44.10 -33.96
CA SER A 2 -36.05 42.82 -33.27
C SER A 2 -34.66 42.22 -33.38
N SER A 3 -34.45 41.08 -32.72
CA SER A 3 -33.16 40.40 -32.75
C SER A 3 -33.35 38.88 -32.75
N GLY A 4 -32.31 38.17 -33.19
CA GLY A 4 -32.38 36.72 -33.23
C GLY A 4 -32.91 36.13 -31.95
N SER A 5 -32.26 36.46 -30.83
CA SER A 5 -32.67 35.95 -29.53
C SER A 5 -32.66 34.41 -29.51
N SER A 6 -31.62 33.84 -30.10
CA SER A 6 -31.49 32.40 -30.16
C SER A 6 -31.70 31.77 -28.79
N GLY A 7 -32.13 30.51 -28.77
CA GLY A 7 -32.37 29.81 -27.51
C GLY A 7 -31.59 28.52 -27.42
N PRO A 8 -32.09 27.48 -28.10
CA PRO A 8 -31.45 26.15 -28.10
C PRO A 8 -30.12 26.16 -28.85
N GLU A 9 -29.50 24.98 -28.94
CA GLU A 9 -28.23 24.85 -29.63
C GLU A 9 -27.84 23.38 -29.78
N SER A 10 -26.73 23.13 -30.45
CA SER A 10 -26.25 21.76 -30.66
C SER A 10 -25.43 21.28 -29.47
N PRO A 11 -25.50 19.96 -29.20
CA PRO A 11 -24.77 19.35 -28.10
C PRO A 11 -23.26 19.32 -28.32
N LEU A 12 -22.51 19.01 -27.27
CA LEU A 12 -21.05 18.96 -27.35
C LEU A 12 -20.54 17.58 -26.98
N GLN A 13 -19.31 17.28 -27.40
CA GLN A 13 -18.70 15.98 -27.12
C GLN A 13 -19.10 15.49 -25.73
N PHE A 14 -19.19 14.17 -25.58
CA PHE A 14 -19.56 13.57 -24.31
C PHE A 14 -18.50 12.58 -23.85
N TYR A 15 -18.60 12.15 -22.59
CA TYR A 15 -17.66 11.21 -22.02
C TYR A 15 -16.22 11.68 -22.25
N VAL A 16 -15.99 12.98 -22.06
CA VAL A 16 -14.67 13.55 -22.24
C VAL A 16 -13.81 13.36 -21.01
N ASN A 17 -12.52 13.67 -21.12
CA ASN A 17 -11.59 13.53 -20.01
C ASN A 17 -10.24 14.14 -20.35
N TYR A 18 -9.59 14.74 -19.35
CA TYR A 18 -8.29 15.36 -19.55
C TYR A 18 -7.17 14.46 -19.02
N PRO A 19 -5.97 14.62 -19.60
CA PRO A 19 -4.81 13.83 -19.21
C PRO A 19 -4.29 14.21 -17.83
N ASN A 20 -3.76 13.24 -17.10
CA ASN A 20 -3.23 13.48 -15.76
C ASN A 20 -2.10 12.51 -15.44
N SER A 21 -1.28 12.86 -14.45
CA SER A 21 -0.15 12.02 -14.06
C SER A 21 -0.46 11.28 -12.76
N GLY A 22 0.48 10.44 -12.33
CA GLY A 22 0.29 9.68 -11.10
C GLY A 22 1.33 8.59 -10.94
N SER A 23 1.62 8.24 -9.69
CA SER A 23 2.61 7.21 -9.40
C SER A 23 2.07 6.22 -8.36
N VAL A 24 2.85 5.19 -8.07
CA VAL A 24 2.46 4.17 -7.11
C VAL A 24 3.48 4.07 -5.98
N SER A 25 2.98 4.01 -4.75
CA SER A 25 3.85 3.91 -3.58
C SER A 25 3.14 3.20 -2.43
N ALA A 26 3.91 2.41 -1.68
CA ALA A 26 3.36 1.68 -0.54
C ALA A 26 4.02 2.08 0.76
N TYR A 27 3.21 2.48 1.74
CA TYR A 27 3.73 2.90 3.04
C TYR A 27 2.78 2.47 4.16
N GLY A 28 3.28 2.53 5.39
CA GLY A 28 2.47 2.13 6.54
C GLY A 28 3.29 1.46 7.62
N PRO A 29 2.77 1.44 8.84
CA PRO A 29 3.43 0.82 9.99
C PRO A 29 3.47 -0.70 9.89
N GLY A 30 2.91 -1.23 8.81
CA GLY A 30 2.89 -2.67 8.60
C GLY A 30 4.07 -3.15 7.79
N LEU A 31 4.61 -2.27 6.96
CA LEU A 31 5.75 -2.62 6.11
C LEU A 31 7.07 -2.32 6.82
N VAL A 32 7.09 -1.21 7.55
CA VAL A 32 8.29 -0.81 8.29
C VAL A 32 8.68 -1.87 9.32
N TYR A 33 7.70 -2.37 10.05
CA TYR A 33 7.94 -3.39 11.06
C TYR A 33 6.62 -3.99 11.56
N GLY A 34 6.72 -5.03 12.37
CA GLY A 34 5.54 -5.67 12.91
C GLY A 34 5.83 -6.46 14.18
N VAL A 35 4.79 -7.10 14.72
CA VAL A 35 4.94 -7.88 15.95
C VAL A 35 4.30 -9.26 15.80
N ALA A 36 4.95 -10.27 16.35
CA ALA A 36 4.44 -11.64 16.28
C ALA A 36 3.04 -11.73 16.89
N ASN A 37 2.10 -12.29 16.13
CA ASN A 37 0.72 -12.44 16.60
C ASN A 37 0.09 -11.08 16.86
N LYS A 38 0.26 -10.15 15.92
CA LYS A 38 -0.30 -8.82 16.04
C LYS A 38 -0.78 -8.30 14.69
N THR A 39 -1.83 -7.48 14.72
CA THR A 39 -2.39 -6.91 13.50
C THR A 39 -1.45 -5.87 12.89
N ALA A 40 -1.35 -5.88 11.57
CA ALA A 40 -0.49 -4.94 10.86
C ALA A 40 -0.90 -4.81 9.41
N THR A 41 -1.23 -3.58 8.99
CA THR A 41 -1.64 -3.33 7.62
C THR A 41 -0.98 -2.05 7.08
N PHE A 42 -1.04 -1.88 5.76
CA PHE A 42 -0.47 -0.70 5.13
C PHE A 42 -1.40 -0.14 4.05
N THR A 43 -1.06 1.03 3.53
CA THR A 43 -1.87 1.67 2.50
C THR A 43 -1.13 1.69 1.17
N ILE A 44 -1.89 1.76 0.08
CA ILE A 44 -1.32 1.79 -1.25
C ILE A 44 -1.90 2.92 -2.08
N VAL A 45 -1.04 3.85 -2.50
CA VAL A 45 -1.46 4.98 -3.30
C VAL A 45 -1.65 4.59 -4.76
N THR A 46 -2.91 4.49 -5.18
CA THR A 46 -3.22 4.12 -6.55
C THR A 46 -4.43 4.89 -7.07
N GLU A 47 -4.18 5.88 -7.92
CA GLU A 47 -5.25 6.69 -8.49
C GLU A 47 -4.96 7.02 -9.95
N ASP A 48 -6.02 7.03 -10.76
CA ASP A 48 -5.89 7.34 -12.18
C ASP A 48 -4.68 6.61 -12.78
N ALA A 49 -4.51 5.35 -12.40
CA ALA A 49 -3.40 4.55 -12.90
C ALA A 49 -3.89 3.43 -13.80
N GLY A 50 -4.88 2.68 -13.32
CA GLY A 50 -5.43 1.58 -14.09
C GLY A 50 -5.87 0.42 -13.22
N GLU A 51 -6.36 -0.64 -13.86
CA GLU A 51 -6.80 -1.82 -13.13
C GLU A 51 -6.63 -3.08 -13.98
N GLY A 52 -5.87 -4.04 -13.44
CA GLY A 52 -5.63 -5.28 -14.15
C GLY A 52 -4.19 -5.74 -14.05
N GLY A 53 -3.57 -5.49 -12.90
CA GLY A 53 -2.19 -5.89 -12.70
C GLY A 53 -1.71 -5.64 -11.29
N LEU A 54 -2.09 -6.52 -10.37
CA LEU A 54 -1.70 -6.39 -8.97
C LEU A 54 -1.32 -7.74 -8.38
N ASP A 55 -0.04 -7.90 -8.05
CA ASP A 55 0.44 -9.15 -7.47
C ASP A 55 1.03 -8.92 -6.08
N LEU A 56 0.85 -9.89 -5.20
CA LEU A 56 1.37 -9.78 -3.83
C LEU A 56 1.96 -11.11 -3.37
N ALA A 57 3.06 -11.03 -2.63
CA ALA A 57 3.72 -12.23 -2.12
C ALA A 57 4.71 -11.89 -1.01
N ILE A 58 4.45 -12.43 0.18
CA ILE A 58 5.31 -12.18 1.33
C ILE A 58 6.08 -13.44 1.73
N GLU A 59 7.37 -13.27 2.02
CA GLU A 59 8.21 -14.39 2.42
C GLU A 59 8.82 -14.15 3.80
N GLY A 60 9.37 -15.21 4.39
CA GLY A 60 9.97 -15.10 5.70
C GLY A 60 10.16 -16.45 6.37
N PRO A 61 10.21 -16.44 7.71
CA PRO A 61 10.40 -17.67 8.50
C PRO A 61 9.17 -18.57 8.45
N SER A 62 8.03 -18.00 8.09
CA SER A 62 6.78 -18.75 8.02
C SER A 62 5.86 -18.16 6.95
N LYS A 63 4.70 -18.79 6.78
CA LYS A 63 3.72 -18.33 5.80
C LYS A 63 2.65 -17.45 6.46
N ALA A 64 2.59 -16.18 6.05
CA ALA A 64 1.63 -15.26 6.60
C ALA A 64 0.48 -15.01 5.61
N GLU A 65 -0.74 -15.02 6.12
CA GLU A 65 -1.92 -14.80 5.29
C GLU A 65 -2.06 -13.33 4.93
N ILE A 66 -2.95 -13.03 3.98
CA ILE A 66 -3.18 -11.67 3.54
C ILE A 66 -4.63 -11.45 3.15
N SER A 67 -5.29 -10.51 3.82
CA SER A 67 -6.69 -10.21 3.55
C SER A 67 -6.82 -8.88 2.80
N CYS A 68 -6.75 -8.95 1.48
CA CYS A 68 -6.86 -7.76 0.64
C CYS A 68 -8.20 -7.07 0.85
N ILE A 69 -8.19 -5.75 0.89
CA ILE A 69 -9.40 -4.97 1.09
C ILE A 69 -9.55 -3.90 0.01
N ASP A 70 -10.68 -3.94 -0.70
CA ASP A 70 -10.95 -2.97 -1.75
C ASP A 70 -11.80 -1.83 -1.23
N ASN A 71 -11.27 -0.61 -1.31
CA ASN A 71 -11.99 0.57 -0.84
C ASN A 71 -12.63 1.31 -2.02
N LYS A 72 -12.09 1.11 -3.20
CA LYS A 72 -12.60 1.75 -4.41
C LYS A 72 -12.62 3.26 -4.24
N ASP A 73 -11.61 3.80 -3.57
CA ASP A 73 -11.52 5.23 -3.34
C ASP A 73 -10.14 5.76 -3.75
N GLY A 74 -9.62 5.22 -4.85
CA GLY A 74 -8.32 5.65 -5.34
C GLY A 74 -7.18 5.15 -4.46
N THR A 75 -7.48 4.16 -3.62
CA THR A 75 -6.48 3.60 -2.72
C THR A 75 -6.75 2.12 -2.46
N CYS A 76 -5.82 1.47 -1.77
CA CYS A 76 -5.96 0.06 -1.45
C CYS A 76 -5.39 -0.24 -0.07
N THR A 77 -5.96 -1.24 0.60
CA THR A 77 -5.52 -1.63 1.94
C THR A 77 -5.15 -3.11 1.98
N VAL A 78 -4.03 -3.40 2.63
CA VAL A 78 -3.57 -4.78 2.74
C VAL A 78 -3.16 -5.10 4.18
N THR A 79 -3.94 -5.94 4.85
CA THR A 79 -3.67 -6.32 6.23
C THR A 79 -3.10 -7.73 6.29
N TYR A 80 -2.19 -7.95 7.24
CA TYR A 80 -1.57 -9.26 7.41
C TYR A 80 -1.17 -9.49 8.87
N LEU A 81 -1.24 -10.74 9.31
CA LEU A 81 -0.89 -11.10 10.67
C LEU A 81 0.21 -12.16 10.70
N PRO A 82 1.40 -11.78 11.15
CA PRO A 82 2.55 -12.69 11.25
C PRO A 82 2.36 -13.75 12.33
N THR A 83 3.07 -14.87 12.18
CA THR A 83 2.99 -15.96 13.14
C THR A 83 4.30 -16.12 13.91
N LEU A 84 5.41 -15.79 13.25
CA LEU A 84 6.73 -15.90 13.86
C LEU A 84 7.56 -14.66 13.60
N PRO A 85 8.33 -14.23 14.61
CA PRO A 85 9.19 -13.04 14.51
C PRO A 85 10.37 -13.26 13.58
N GLY A 86 10.50 -12.41 12.57
CA GLY A 86 11.60 -12.53 11.63
C GLY A 86 11.43 -11.64 10.41
N ASP A 87 12.52 -11.30 9.77
CA ASP A 87 12.50 -10.44 8.58
C ASP A 87 11.60 -11.04 7.51
N TYR A 88 10.55 -10.31 7.14
CA TYR A 88 9.61 -10.78 6.12
C TYR A 88 9.87 -10.08 4.80
N SER A 89 10.21 -10.85 3.77
CA SER A 89 10.48 -10.30 2.45
C SER A 89 9.18 -10.09 1.68
N ILE A 90 8.71 -8.86 1.64
CA ILE A 90 7.48 -8.52 0.93
C ILE A 90 7.73 -8.37 -0.57
N LEU A 91 6.80 -8.87 -1.37
CA LEU A 91 6.91 -8.79 -2.82
C LEU A 91 5.61 -8.32 -3.45
N VAL A 92 5.65 -7.17 -4.10
CA VAL A 92 4.47 -6.61 -4.75
C VAL A 92 4.79 -6.14 -6.15
N LYS A 93 3.95 -6.53 -7.11
CA LYS A 93 4.14 -6.15 -8.51
C LYS A 93 2.90 -5.47 -9.05
N TYR A 94 3.09 -4.56 -10.01
CA TYR A 94 1.98 -3.84 -10.62
C TYR A 94 2.06 -3.90 -12.14
N ASN A 95 1.14 -4.61 -12.76
CA ASN A 95 1.11 -4.74 -14.21
C ASN A 95 2.40 -5.37 -14.73
N ASP A 96 2.86 -6.42 -14.05
CA ASP A 96 4.07 -7.12 -14.44
C ASP A 96 5.28 -6.19 -14.31
N LYS A 97 5.32 -5.42 -13.23
CA LYS A 97 6.42 -4.50 -12.98
C LYS A 97 6.56 -4.21 -11.49
N HIS A 98 7.71 -4.60 -10.93
CA HIS A 98 7.97 -4.38 -9.51
C HIS A 98 7.93 -2.89 -9.18
N ILE A 99 7.33 -2.57 -8.03
CA ILE A 99 7.23 -1.18 -7.59
C ILE A 99 8.56 -0.67 -7.03
N PRO A 100 8.77 0.64 -7.13
CA PRO A 100 10.00 1.29 -6.64
C PRO A 100 10.09 1.28 -5.13
N GLY A 101 10.96 0.43 -4.58
CA GLY A 101 11.12 0.34 -3.15
C GLY A 101 11.04 -1.08 -2.64
N SER A 102 10.53 -1.98 -3.47
CA SER A 102 10.40 -3.38 -3.10
C SER A 102 11.55 -4.20 -3.65
N PRO A 103 11.76 -5.39 -3.07
CA PRO A 103 10.95 -5.88 -1.96
C PRO A 103 11.18 -5.10 -0.67
N PHE A 104 10.22 -5.17 0.25
CA PHE A 104 10.32 -4.46 1.52
C PHE A 104 10.77 -5.41 2.62
N THR A 105 11.48 -4.85 3.61
CA THR A 105 11.97 -5.64 4.73
C THR A 105 11.35 -5.18 6.04
N ALA A 106 10.28 -5.87 6.46
CA ALA A 106 9.59 -5.53 7.70
C ALA A 106 10.26 -6.21 8.89
N LYS A 107 10.82 -5.41 9.79
CA LYS A 107 11.48 -5.92 10.97
C LYS A 107 10.47 -6.33 12.03
N ILE A 108 10.07 -7.59 12.01
CA ILE A 108 9.11 -8.11 12.98
C ILE A 108 9.80 -8.79 14.14
N THR A 109 9.31 -8.54 15.36
CA THR A 109 9.89 -9.12 16.55
C THR A 109 8.82 -9.75 17.43
N ASP A 110 9.23 -10.35 18.54
CA ASP A 110 8.31 -10.99 19.46
C ASP A 110 8.26 -10.25 20.80
N ASP A 111 7.06 -10.15 21.37
CA ASP A 111 6.90 -9.47 22.66
C ASP A 111 6.27 -10.40 23.69
N SER A 112 6.72 -11.66 23.69
CA SER A 112 6.21 -12.65 24.63
C SER A 112 7.30 -13.10 25.59
N ARG A 113 8.38 -13.66 25.04
CA ARG A 113 9.49 -14.14 25.85
C ARG A 113 10.67 -13.19 25.75
N ARG A 114 11.10 -12.68 26.90
CA ARG A 114 12.23 -11.75 26.96
C ARG A 114 13.42 -12.38 27.65
N CYS A 115 14.35 -12.91 26.86
CA CYS A 115 15.55 -13.55 27.41
C CYS A 115 16.67 -13.56 26.37
N GLY A 1 -29.96 51.37 28.53
CA GLY A 1 -29.76 50.62 27.31
C GLY A 1 -28.29 50.40 27.00
N SER A 2 -28.03 49.65 25.93
CA SER A 2 -26.66 49.36 25.52
C SER A 2 -26.61 48.88 24.07
N SER A 3 -25.46 49.06 23.43
CA SER A 3 -25.28 48.64 22.05
C SER A 3 -23.84 48.83 21.61
N GLY A 4 -23.50 48.25 20.46
CA GLY A 4 -22.15 48.35 19.94
C GLY A 4 -21.67 47.08 19.27
N SER A 5 -21.96 45.94 19.90
CA SER A 5 -21.55 44.66 19.35
C SER A 5 -21.60 44.66 17.83
N SER A 6 -20.44 44.57 17.19
CA SER A 6 -20.35 44.58 15.74
C SER A 6 -18.93 44.27 15.28
N GLY A 7 -18.82 43.62 14.12
CA GLY A 7 -17.52 43.28 13.59
C GLY A 7 -17.61 42.49 12.29
N PRO A 8 -17.95 43.18 11.20
CA PRO A 8 -18.08 42.56 9.88
C PRO A 8 -16.73 42.12 9.31
N GLU A 9 -16.77 41.28 8.29
CA GLU A 9 -15.55 40.79 7.65
C GLU A 9 -15.78 40.55 6.16
N SER A 10 -14.70 40.23 5.45
CA SER A 10 -14.77 39.98 4.01
C SER A 10 -13.91 38.78 3.63
N PRO A 11 -14.41 37.98 2.68
CA PRO A 11 -13.71 36.79 2.19
C PRO A 11 -12.47 37.13 1.38
N LEU A 12 -11.93 36.14 0.67
CA LEU A 12 -10.74 36.34 -0.14
C LEU A 12 -10.76 35.44 -1.37
N GLN A 13 -10.13 35.90 -2.44
CA GLN A 13 -10.08 35.13 -3.68
C GLN A 13 -8.75 34.39 -3.80
N PHE A 14 -8.81 33.15 -4.27
CA PHE A 14 -7.61 32.34 -4.44
C PHE A 14 -7.83 31.26 -5.50
N TYR A 15 -6.95 31.25 -6.50
CA TYR A 15 -7.05 30.26 -7.58
C TYR A 15 -6.31 28.98 -7.22
N VAL A 16 -6.74 27.87 -7.81
CA VAL A 16 -6.12 26.57 -7.55
C VAL A 16 -5.25 26.14 -8.71
N ASN A 17 -4.05 25.65 -8.40
CA ASN A 17 -3.12 25.21 -9.43
C ASN A 17 -2.10 24.23 -8.84
N TYR A 18 -2.11 23.00 -9.36
CA TYR A 18 -1.20 21.96 -8.90
C TYR A 18 -0.91 20.95 -10.00
N PRO A 19 0.35 20.46 -10.03
CA PRO A 19 0.78 19.49 -11.04
C PRO A 19 0.13 18.12 -10.84
N ASN A 20 -0.07 17.41 -11.93
CA ASN A 20 -0.69 16.09 -11.88
C ASN A 20 0.37 14.99 -12.00
N SER A 21 0.36 14.06 -11.06
CA SER A 21 1.31 12.96 -11.05
C SER A 21 0.61 11.63 -10.83
N GLY A 22 1.29 10.54 -11.18
CA GLY A 22 0.71 9.21 -11.01
C GLY A 22 1.77 8.15 -10.82
N SER A 23 1.90 7.66 -9.58
CA SER A 23 2.88 6.64 -9.27
C SER A 23 2.37 5.70 -8.17
N VAL A 24 2.99 4.53 -8.05
CA VAL A 24 2.59 3.56 -7.05
C VAL A 24 3.60 3.51 -5.90
N SER A 25 3.14 3.84 -4.70
CA SER A 25 4.00 3.84 -3.52
C SER A 25 3.31 3.16 -2.35
N ALA A 26 4.09 2.45 -1.54
CA ALA A 26 3.56 1.75 -0.37
C ALA A 26 4.02 2.40 0.92
N TYR A 27 3.06 2.67 1.81
CA TYR A 27 3.38 3.29 3.09
C TYR A 27 2.49 2.73 4.20
N GLY A 28 3.08 2.54 5.38
CA GLY A 28 2.33 2.01 6.50
C GLY A 28 3.22 1.38 7.55
N PRO A 29 2.73 1.33 8.80
CA PRO A 29 3.47 0.76 9.93
C PRO A 29 3.63 -0.75 9.81
N GLY A 30 2.94 -1.35 8.83
CA GLY A 30 3.00 -2.79 8.64
C GLY A 30 4.06 -3.18 7.63
N LEU A 31 4.51 -2.21 6.83
CA LEU A 31 5.52 -2.46 5.82
C LEU A 31 6.93 -2.28 6.40
N VAL A 32 7.14 -1.17 7.10
CA VAL A 32 8.43 -0.88 7.70
C VAL A 32 8.79 -1.92 8.77
N TYR A 33 7.78 -2.30 9.55
CA TYR A 33 7.99 -3.27 10.62
C TYR A 33 6.66 -3.85 11.10
N GLY A 34 6.73 -4.81 12.02
CA GLY A 34 5.51 -5.42 12.54
C GLY A 34 5.75 -6.10 13.88
N VAL A 35 4.78 -6.91 14.29
CA VAL A 35 4.87 -7.62 15.56
C VAL A 35 4.34 -9.05 15.45
N ALA A 36 5.11 -10.01 15.94
CA ALA A 36 4.71 -11.41 15.89
C ALA A 36 3.39 -11.63 16.63
N ASN A 37 2.51 -12.43 16.03
CA ASN A 37 1.21 -12.72 16.63
C ASN A 37 0.47 -11.43 16.95
N LYS A 38 0.43 -10.52 15.99
CA LYS A 38 -0.26 -9.24 16.17
C LYS A 38 -0.67 -8.65 14.83
N THR A 39 -1.86 -8.05 14.80
CA THR A 39 -2.37 -7.44 13.58
C THR A 39 -1.43 -6.36 13.07
N ALA A 40 -1.36 -6.22 11.75
CA ALA A 40 -0.51 -5.22 11.13
C ALA A 40 -0.87 -5.01 9.66
N THR A 41 -1.39 -3.82 9.35
CA THR A 41 -1.79 -3.49 7.98
C THR A 41 -1.11 -2.22 7.51
N PHE A 42 -1.22 -1.94 6.22
CA PHE A 42 -0.62 -0.75 5.63
C PHE A 42 -1.48 -0.20 4.49
N THR A 43 -1.13 0.98 4.02
CA THR A 43 -1.86 1.62 2.93
C THR A 43 -0.99 1.80 1.69
N ILE A 44 -1.57 1.58 0.52
CA ILE A 44 -0.84 1.72 -0.73
C ILE A 44 -1.59 2.61 -1.71
N VAL A 45 -0.92 3.64 -2.21
CA VAL A 45 -1.52 4.57 -3.16
C VAL A 45 -1.54 3.97 -4.57
N THR A 46 -2.63 4.21 -5.28
CA THR A 46 -2.78 3.70 -6.64
C THR A 46 -3.93 4.39 -7.36
N GLU A 47 -3.59 5.21 -8.35
CA GLU A 47 -4.60 5.93 -9.13
C GLU A 47 -4.50 5.58 -10.61
N ASP A 48 -5.29 4.61 -11.04
CA ASP A 48 -5.28 4.18 -12.44
C ASP A 48 -3.88 4.24 -13.02
N ALA A 49 -2.92 3.66 -12.31
CA ALA A 49 -1.54 3.64 -12.76
C ALA A 49 -1.23 2.38 -13.55
N GLY A 50 -2.22 1.89 -14.28
CA GLY A 50 -2.03 0.69 -15.07
C GLY A 50 -3.35 0.10 -15.56
N GLU A 51 -3.27 -1.05 -16.22
CA GLU A 51 -4.47 -1.70 -16.74
C GLU A 51 -5.07 -2.64 -15.70
N GLY A 52 -5.19 -2.15 -14.47
CA GLY A 52 -5.76 -2.94 -13.39
C GLY A 52 -5.04 -4.28 -13.23
N GLY A 53 -4.06 -4.31 -12.34
CA GLY A 53 -3.32 -5.53 -12.11
C GLY A 53 -2.36 -5.42 -10.95
N LEU A 54 -2.77 -5.94 -9.78
CA LEU A 54 -1.94 -5.89 -8.59
C LEU A 54 -1.48 -7.29 -8.19
N ASP A 55 -0.20 -7.40 -7.83
CA ASP A 55 0.37 -8.68 -7.42
C ASP A 55 1.00 -8.57 -6.04
N LEU A 56 0.44 -9.29 -5.07
CA LEU A 56 0.96 -9.27 -3.71
C LEU A 56 1.45 -10.66 -3.29
N ALA A 57 2.45 -10.69 -2.43
CA ALA A 57 3.01 -11.95 -1.95
C ALA A 57 4.04 -11.71 -0.84
N ILE A 58 3.81 -12.32 0.31
CA ILE A 58 4.72 -12.18 1.44
C ILE A 58 5.46 -13.47 1.72
N GLU A 59 6.75 -13.36 2.06
CA GLU A 59 7.57 -14.52 2.35
C GLU A 59 8.36 -14.32 3.63
N GLY A 60 8.76 -15.43 4.26
CA GLY A 60 9.52 -15.35 5.49
C GLY A 60 9.70 -16.70 6.15
N PRO A 61 10.02 -16.68 7.46
CA PRO A 61 10.22 -17.91 8.23
C PRO A 61 8.92 -18.67 8.46
N SER A 62 7.80 -17.95 8.41
CA SER A 62 6.49 -18.55 8.62
C SER A 62 5.62 -18.40 7.38
N LYS A 63 4.37 -18.82 7.49
CA LYS A 63 3.43 -18.73 6.38
C LYS A 63 2.20 -17.90 6.76
N ALA A 64 2.28 -16.60 6.48
CA ALA A 64 1.18 -15.69 6.78
C ALA A 64 0.29 -15.47 5.56
N GLU A 65 -1.00 -15.28 5.81
CA GLU A 65 -1.96 -15.06 4.73
C GLU A 65 -2.06 -13.58 4.39
N ILE A 66 -2.87 -13.28 3.37
CA ILE A 66 -3.06 -11.90 2.94
C ILE A 66 -4.52 -11.62 2.60
N SER A 67 -5.14 -10.71 3.36
CA SER A 67 -6.53 -10.36 3.14
C SER A 67 -6.66 -8.94 2.62
N CYS A 68 -6.15 -8.71 1.41
CA CYS A 68 -6.20 -7.39 0.79
C CYS A 68 -7.64 -6.93 0.63
N ILE A 69 -7.84 -5.61 0.71
CA ILE A 69 -9.18 -5.04 0.57
C ILE A 69 -9.18 -3.93 -0.47
N ASP A 70 -10.17 -3.97 -1.37
CA ASP A 70 -10.30 -2.96 -2.41
C ASP A 70 -11.33 -1.91 -2.02
N ASN A 71 -10.90 -0.66 -1.94
CA ASN A 71 -11.78 0.44 -1.58
C ASN A 71 -12.19 1.23 -2.82
N LYS A 72 -13.00 2.26 -2.61
CA LYS A 72 -13.46 3.11 -3.71
C LYS A 72 -12.81 4.49 -3.63
N ASP A 73 -11.99 4.70 -2.61
CA ASP A 73 -11.31 5.98 -2.42
C ASP A 73 -10.11 6.09 -3.36
N GLY A 74 -9.61 4.94 -3.82
CA GLY A 74 -8.48 4.94 -4.72
C GLY A 74 -7.22 4.41 -4.06
N THR A 75 -7.39 3.74 -2.93
CA THR A 75 -6.26 3.17 -2.19
C THR A 75 -6.37 1.66 -2.09
N CYS A 76 -5.28 1.03 -1.67
CA CYS A 76 -5.25 -0.43 -1.53
C CYS A 76 -4.70 -0.83 -0.17
N THR A 77 -5.56 -1.39 0.68
CA THR A 77 -5.16 -1.82 2.01
C THR A 77 -4.86 -3.31 2.04
N VAL A 78 -3.85 -3.69 2.81
CA VAL A 78 -3.46 -5.09 2.93
C VAL A 78 -3.28 -5.50 4.40
N THR A 79 -4.21 -6.29 4.90
CA THR A 79 -4.16 -6.75 6.29
C THR A 79 -3.57 -8.15 6.38
N TYR A 80 -2.64 -8.34 7.32
CA TYR A 80 -2.00 -9.63 7.51
C TYR A 80 -1.56 -9.81 8.96
N LEU A 81 -1.30 -11.06 9.33
CA LEU A 81 -0.88 -11.37 10.70
C LEU A 81 0.30 -12.33 10.69
N PRO A 82 1.44 -11.87 11.21
CA PRO A 82 2.67 -12.68 11.28
C PRO A 82 2.56 -13.82 12.29
N THR A 83 3.31 -14.88 12.05
CA THR A 83 3.29 -16.04 12.93
C THR A 83 4.55 -16.10 13.79
N LEU A 84 5.63 -15.50 13.29
CA LEU A 84 6.90 -15.49 14.01
C LEU A 84 7.71 -14.24 13.66
N PRO A 85 8.48 -13.74 14.63
CA PRO A 85 9.32 -12.55 14.44
C PRO A 85 10.49 -12.81 13.52
N GLY A 86 10.50 -12.13 12.38
CA GLY A 86 11.58 -12.29 11.42
C GLY A 86 11.44 -11.38 10.22
N ASP A 87 12.53 -11.21 9.47
CA ASP A 87 12.52 -10.36 8.29
C ASP A 87 11.61 -10.92 7.22
N TYR A 88 10.41 -10.39 7.12
CA TYR A 88 9.44 -10.84 6.13
C TYR A 88 9.70 -10.18 4.78
N SER A 89 9.96 -11.00 3.76
CA SER A 89 10.23 -10.50 2.41
C SER A 89 8.93 -10.16 1.70
N ILE A 90 8.56 -8.89 1.73
CA ILE A 90 7.33 -8.42 1.07
C ILE A 90 7.56 -8.20 -0.42
N LEU A 91 6.72 -8.80 -1.24
CA LEU A 91 6.83 -8.67 -2.69
C LEU A 91 5.53 -8.11 -3.28
N VAL A 92 5.65 -6.97 -3.96
CA VAL A 92 4.50 -6.32 -4.56
C VAL A 92 4.82 -5.84 -5.97
N LYS A 93 4.08 -6.34 -6.96
CA LYS A 93 4.30 -5.95 -8.35
C LYS A 93 3.04 -5.30 -8.93
N TYR A 94 3.25 -4.39 -9.88
CA TYR A 94 2.14 -3.70 -10.52
C TYR A 94 2.17 -3.86 -12.03
N ASN A 95 1.11 -4.43 -12.59
CA ASN A 95 1.03 -4.64 -14.03
C ASN A 95 2.28 -5.32 -14.56
N ASP A 96 2.76 -6.32 -13.83
CA ASP A 96 3.96 -7.05 -14.22
C ASP A 96 5.18 -6.15 -14.15
N LYS A 97 5.26 -5.33 -13.12
CA LYS A 97 6.38 -4.41 -12.94
C LYS A 97 6.58 -4.06 -11.47
N HIS A 98 7.66 -4.58 -10.89
CA HIS A 98 7.96 -4.32 -9.48
C HIS A 98 7.98 -2.82 -9.20
N ILE A 99 7.50 -2.45 -8.01
CA ILE A 99 7.46 -1.04 -7.60
C ILE A 99 8.82 -0.57 -7.11
N PRO A 100 9.07 0.74 -7.23
CA PRO A 100 10.34 1.35 -6.79
C PRO A 100 10.49 1.35 -5.27
N GLY A 101 11.25 0.41 -4.76
CA GLY A 101 11.47 0.31 -3.33
C GLY A 101 11.40 -1.11 -2.82
N SER A 102 10.73 -1.97 -3.57
CA SER A 102 10.58 -3.38 -3.19
C SER A 102 11.73 -4.21 -3.75
N PRO A 103 11.94 -5.40 -3.17
CA PRO A 103 11.12 -5.88 -2.05
C PRO A 103 11.38 -5.10 -0.77
N PHE A 104 10.37 -5.05 0.11
CA PHE A 104 10.49 -4.33 1.37
C PHE A 104 10.86 -5.29 2.51
N THR A 105 11.56 -4.76 3.51
CA THR A 105 11.98 -5.56 4.66
C THR A 105 11.31 -5.08 5.93
N ALA A 106 10.27 -5.79 6.36
CA ALA A 106 9.56 -5.42 7.58
C ALA A 106 10.25 -5.98 8.82
N LYS A 107 10.75 -5.08 9.66
CA LYS A 107 11.44 -5.48 10.88
C LYS A 107 10.44 -5.84 11.98
N ILE A 108 9.98 -7.09 11.98
CA ILE A 108 9.03 -7.56 12.98
C ILE A 108 9.74 -8.11 14.20
N THR A 109 9.11 -7.95 15.36
CA THR A 109 9.69 -8.43 16.62
C THR A 109 8.60 -9.00 17.53
N ASP A 110 9.03 -9.80 18.50
CA ASP A 110 8.11 -10.41 19.45
C ASP A 110 7.94 -9.55 20.70
N ASP A 111 6.70 -9.32 21.10
CA ASP A 111 6.42 -8.51 22.29
C ASP A 111 4.95 -8.60 22.66
N SER A 112 4.67 -9.26 23.77
CA SER A 112 3.30 -9.41 24.24
C SER A 112 3.03 -8.55 25.47
N ARG A 113 3.90 -8.67 26.47
CA ARG A 113 3.75 -7.90 27.70
C ARG A 113 4.09 -6.42 27.45
N ARG A 114 3.17 -5.54 27.83
CA ARG A 114 3.37 -4.11 27.65
C ARG A 114 3.42 -3.39 28.99
N CYS A 115 4.09 -2.24 29.02
CA CYS A 115 4.20 -1.45 30.25
C CYS A 115 2.84 -0.93 30.69
N GLY A 1 24.86 60.91 15.40
CA GLY A 1 24.25 60.87 14.08
C GLY A 1 23.32 59.69 13.92
N SER A 2 22.56 59.69 12.83
CA SER A 2 21.61 58.61 12.56
C SER A 2 20.98 58.77 11.18
N SER A 3 20.70 57.64 10.53
CA SER A 3 20.10 57.67 9.20
C SER A 3 19.48 56.31 8.88
N GLY A 4 18.52 56.31 7.94
CA GLY A 4 17.86 55.09 7.55
C GLY A 4 17.35 55.14 6.13
N SER A 5 17.16 53.96 5.53
CA SER A 5 16.68 53.86 4.15
C SER A 5 16.32 52.43 3.79
N SER A 6 15.04 52.19 3.55
CA SER A 6 14.56 50.85 3.20
C SER A 6 13.35 50.93 2.28
N GLY A 7 13.21 49.94 1.40
CA GLY A 7 12.10 49.91 0.48
C GLY A 7 12.19 48.77 -0.51
N PRO A 8 12.18 47.53 0.01
CA PRO A 8 12.26 46.32 -0.81
C PRO A 8 11.00 46.09 -1.63
N GLU A 9 11.10 45.25 -2.65
CA GLU A 9 9.96 44.94 -3.51
C GLU A 9 10.30 43.82 -4.50
N SER A 10 9.28 43.15 -5.01
CA SER A 10 9.48 42.07 -5.96
C SER A 10 8.43 42.11 -7.06
N PRO A 11 8.83 41.75 -8.29
CA PRO A 11 7.93 41.74 -9.45
C PRO A 11 6.88 40.64 -9.35
N LEU A 12 5.91 40.69 -10.26
CA LEU A 12 4.83 39.69 -10.28
C LEU A 12 5.40 38.28 -10.33
N GLN A 13 4.61 37.32 -9.88
CA GLN A 13 5.02 35.92 -9.87
C GLN A 13 4.53 35.19 -11.11
N PHE A 14 5.37 34.33 -11.68
CA PHE A 14 5.02 33.57 -12.85
C PHE A 14 4.52 32.18 -12.49
N TYR A 15 3.97 31.47 -13.47
CA TYR A 15 3.45 30.13 -13.24
C TYR A 15 4.58 29.09 -13.29
N VAL A 16 4.92 28.55 -12.12
CA VAL A 16 5.99 27.55 -12.04
C VAL A 16 5.64 26.31 -12.85
N ASN A 17 6.53 25.94 -13.77
CA ASN A 17 6.33 24.77 -14.61
C ASN A 17 6.93 23.52 -13.97
N TYR A 18 6.08 22.52 -13.74
CA TYR A 18 6.52 21.27 -13.12
C TYR A 18 6.11 20.08 -13.97
N PRO A 19 6.96 19.04 -13.99
CA PRO A 19 6.71 17.81 -14.75
C PRO A 19 5.57 16.99 -14.17
N ASN A 20 4.95 16.17 -15.01
CA ASN A 20 3.85 15.32 -14.56
C ASN A 20 4.29 13.86 -14.45
N SER A 21 4.15 13.30 -13.25
CA SER A 21 4.53 11.92 -13.01
C SER A 21 3.74 11.34 -11.84
N GLY A 22 4.02 10.07 -11.52
CA GLY A 22 3.33 9.41 -10.42
C GLY A 22 3.46 7.90 -10.48
N SER A 23 3.51 7.27 -9.32
CA SER A 23 3.64 5.82 -9.24
C SER A 23 3.01 5.29 -7.95
N VAL A 24 2.92 3.97 -7.85
CA VAL A 24 2.33 3.34 -6.67
C VAL A 24 3.34 3.28 -5.53
N SER A 25 2.94 3.82 -4.37
CA SER A 25 3.81 3.84 -3.20
C SER A 25 3.17 3.09 -2.04
N ALA A 26 3.97 2.26 -1.37
CA ALA A 26 3.49 1.48 -0.24
C ALA A 26 4.10 1.96 1.07
N TYR A 27 3.24 2.28 2.04
CA TYR A 27 3.71 2.75 3.34
C TYR A 27 2.74 2.35 4.44
N GLY A 28 3.19 2.48 5.69
CA GLY A 28 2.34 2.11 6.82
C GLY A 28 3.12 1.42 7.92
N PRO A 29 2.49 1.27 9.09
CA PRO A 29 3.10 0.62 10.25
C PRO A 29 3.28 -0.89 10.04
N GLY A 30 2.81 -1.39 8.90
CA GLY A 30 2.94 -2.80 8.59
C GLY A 30 4.10 -3.10 7.66
N LEU A 31 4.61 -2.06 7.01
CA LEU A 31 5.73 -2.21 6.08
C LEU A 31 7.05 -1.89 6.77
N VAL A 32 7.02 -0.92 7.67
CA VAL A 32 8.23 -0.53 8.40
C VAL A 32 8.60 -1.57 9.45
N TYR A 33 7.60 -2.10 10.13
CA TYR A 33 7.82 -3.11 11.16
C TYR A 33 6.52 -3.81 11.53
N GLY A 34 6.61 -4.79 12.42
CA GLY A 34 5.44 -5.53 12.85
C GLY A 34 5.66 -6.27 14.15
N VAL A 35 4.71 -7.13 14.50
CA VAL A 35 4.81 -7.92 15.73
C VAL A 35 4.18 -9.30 15.56
N ALA A 36 4.95 -10.33 15.90
CA ALA A 36 4.46 -11.70 15.79
C ALA A 36 3.08 -11.86 16.40
N ASN A 37 2.19 -12.55 15.69
CA ASN A 37 0.83 -12.77 16.16
C ASN A 37 0.17 -11.44 16.54
N LYS A 38 0.36 -10.43 15.70
CA LYS A 38 -0.22 -9.11 15.94
C LYS A 38 -0.78 -8.53 14.65
N THR A 39 -1.84 -7.72 14.78
CA THR A 39 -2.46 -7.09 13.63
C THR A 39 -1.56 -6.03 13.02
N ALA A 40 -1.46 -6.04 11.70
CA ALA A 40 -0.62 -5.08 10.99
C ALA A 40 -1.05 -4.94 9.53
N THR A 41 -1.38 -3.71 9.13
CA THR A 41 -1.81 -3.44 7.76
C THR A 41 -1.17 -2.18 7.23
N PHE A 42 -0.97 -2.14 5.91
CA PHE A 42 -0.36 -0.98 5.27
C PHE A 42 -1.29 -0.39 4.22
N THR A 43 -0.96 0.81 3.75
CA THR A 43 -1.78 1.50 2.74
C THR A 43 -0.96 1.81 1.50
N ILE A 44 -1.62 1.81 0.34
CA ILE A 44 -0.96 2.11 -0.92
C ILE A 44 -1.66 3.23 -1.66
N VAL A 45 -0.87 4.07 -2.33
CA VAL A 45 -1.43 5.19 -3.09
C VAL A 45 -1.73 4.78 -4.53
N THR A 46 -2.86 4.10 -4.71
CA THR A 46 -3.26 3.65 -6.04
C THR A 46 -3.97 4.76 -6.80
N GLU A 47 -3.29 5.87 -7.00
CA GLU A 47 -3.86 7.01 -7.71
C GLU A 47 -3.53 6.95 -9.19
N ASP A 48 -2.32 6.51 -9.50
CA ASP A 48 -1.87 6.40 -10.88
C ASP A 48 -1.78 4.93 -11.31
N ALA A 49 -2.73 4.13 -10.84
CA ALA A 49 -2.75 2.70 -11.17
C ALA A 49 -3.95 2.37 -12.05
N GLY A 50 -5.15 2.63 -11.53
CA GLY A 50 -6.36 2.35 -12.28
C GLY A 50 -6.77 0.89 -12.19
N GLU A 51 -7.35 0.37 -13.28
CA GLU A 51 -7.80 -1.01 -13.31
C GLU A 51 -6.92 -1.84 -14.24
N GLY A 52 -5.93 -2.52 -13.67
CA GLY A 52 -5.03 -3.33 -14.46
C GLY A 52 -4.76 -4.69 -13.82
N GLY A 53 -3.73 -4.75 -12.97
CA GLY A 53 -3.40 -5.99 -12.31
C GLY A 53 -2.54 -5.79 -11.08
N LEU A 54 -3.10 -6.08 -9.92
CA LEU A 54 -2.39 -5.91 -8.65
C LEU A 54 -2.04 -7.27 -8.04
N ASP A 55 -0.75 -7.56 -7.93
CA ASP A 55 -0.28 -8.81 -7.37
C ASP A 55 0.52 -8.57 -6.08
N LEU A 56 0.31 -9.44 -5.10
CA LEU A 56 1.01 -9.33 -3.83
C LEU A 56 1.46 -10.70 -3.33
N ALA A 57 2.67 -10.74 -2.77
CA ALA A 57 3.22 -11.99 -2.24
C ALA A 57 4.25 -11.72 -1.15
N ILE A 58 4.00 -12.27 0.03
CA ILE A 58 4.91 -12.09 1.16
C ILE A 58 5.67 -13.37 1.46
N GLU A 59 6.88 -13.22 1.99
CA GLU A 59 7.71 -14.37 2.33
C GLU A 59 8.43 -14.16 3.65
N GLY A 60 9.16 -15.18 4.11
CA GLY A 60 9.88 -15.09 5.36
C GLY A 60 10.06 -16.42 6.03
N PRO A 61 10.31 -16.40 7.35
CA PRO A 61 10.51 -17.62 8.14
C PRO A 61 9.22 -18.42 8.30
N SER A 62 8.10 -17.80 7.94
CA SER A 62 6.80 -18.47 8.05
C SER A 62 5.83 -17.92 7.01
N LYS A 63 4.85 -18.74 6.62
CA LYS A 63 3.86 -18.33 5.64
C LYS A 63 2.68 -17.63 6.31
N ALA A 64 2.39 -16.43 5.84
CA ALA A 64 1.28 -15.64 6.40
C ALA A 64 0.24 -15.34 5.33
N GLU A 65 -1.01 -15.25 5.74
CA GLU A 65 -2.11 -14.96 4.81
C GLU A 65 -2.12 -13.48 4.46
N ILE A 66 -2.89 -13.13 3.42
CA ILE A 66 -3.00 -11.76 2.97
C ILE A 66 -4.44 -11.41 2.61
N SER A 67 -4.87 -10.21 3.00
CA SER A 67 -6.23 -9.76 2.71
C SER A 67 -6.22 -8.33 2.17
N CYS A 68 -6.48 -8.20 0.87
CA CYS A 68 -6.51 -6.90 0.22
C CYS A 68 -7.95 -6.42 0.02
N ILE A 69 -8.26 -5.27 0.61
CA ILE A 69 -9.60 -4.70 0.50
C ILE A 69 -9.56 -3.36 -0.22
N ASP A 70 -10.31 -3.26 -1.31
CA ASP A 70 -10.37 -2.03 -2.10
C ASP A 70 -11.14 -0.95 -1.34
N ASN A 71 -10.82 0.31 -1.64
CA ASN A 71 -11.48 1.44 -0.98
C ASN A 71 -12.32 2.22 -1.97
N LYS A 72 -13.18 3.09 -1.46
CA LYS A 72 -14.05 3.90 -2.30
C LYS A 72 -13.40 5.25 -2.61
N ASP A 73 -12.20 5.46 -2.09
CA ASP A 73 -11.47 6.70 -2.31
C ASP A 73 -10.40 6.51 -3.38
N GLY A 74 -9.78 5.35 -3.40
CA GLY A 74 -8.74 5.07 -4.38
C GLY A 74 -7.47 4.53 -3.74
N THR A 75 -7.61 3.87 -2.59
CA THR A 75 -6.46 3.32 -1.89
C THR A 75 -6.55 1.80 -1.79
N CYS A 76 -5.58 1.19 -1.14
CA CYS A 76 -5.55 -0.25 -0.97
C CYS A 76 -5.05 -0.64 0.42
N THR A 77 -5.93 -1.23 1.21
CA THR A 77 -5.58 -1.64 2.57
C THR A 77 -5.33 -3.15 2.64
N VAL A 78 -4.08 -3.51 2.88
CA VAL A 78 -3.71 -4.92 2.97
C VAL A 78 -3.29 -5.29 4.39
N THR A 79 -4.12 -6.10 5.05
CA THR A 79 -3.85 -6.52 6.41
C THR A 79 -3.28 -7.94 6.44
N TYR A 80 -2.33 -8.17 7.35
CA TYR A 80 -1.70 -9.48 7.48
C TYR A 80 -1.34 -9.76 8.93
N LEU A 81 -1.24 -11.05 9.26
CA LEU A 81 -0.88 -11.46 10.62
C LEU A 81 0.32 -12.39 10.61
N PRO A 82 1.44 -11.91 11.19
CA PRO A 82 2.68 -12.69 11.28
C PRO A 82 2.57 -13.87 12.23
N THR A 83 3.33 -14.93 11.95
CA THR A 83 3.31 -16.12 12.79
C THR A 83 4.60 -16.23 13.61
N LEU A 84 5.68 -15.67 13.08
CA LEU A 84 6.97 -15.71 13.77
C LEU A 84 7.77 -14.44 13.50
N PRO A 85 8.51 -13.98 14.53
CA PRO A 85 9.33 -12.77 14.42
C PRO A 85 10.52 -12.96 13.50
N GLY A 86 10.58 -12.16 12.43
CA GLY A 86 11.68 -12.26 11.49
C GLY A 86 11.50 -11.35 10.29
N ASP A 87 12.59 -11.04 9.61
CA ASP A 87 12.55 -10.18 8.44
C ASP A 87 11.65 -10.76 7.35
N TYR A 88 10.52 -10.11 7.12
CA TYR A 88 9.57 -10.58 6.12
C TYR A 88 9.83 -9.92 4.77
N SER A 89 10.24 -10.72 3.79
CA SER A 89 10.53 -10.22 2.46
C SER A 89 9.25 -10.04 1.65
N ILE A 90 8.75 -8.81 1.62
CA ILE A 90 7.53 -8.50 0.88
C ILE A 90 7.82 -8.33 -0.61
N LEU A 91 7.10 -9.08 -1.43
CA LEU A 91 7.26 -9.02 -2.88
C LEU A 91 5.96 -8.64 -3.58
N VAL A 92 5.86 -7.39 -3.99
CA VAL A 92 4.66 -6.90 -4.66
C VAL A 92 4.96 -6.53 -6.12
N LYS A 93 4.05 -6.89 -7.01
CA LYS A 93 4.21 -6.59 -8.43
C LYS A 93 2.95 -5.97 -9.01
N TYR A 94 3.12 -5.14 -10.04
CA TYR A 94 1.99 -4.48 -10.68
C TYR A 94 2.06 -4.62 -12.20
N ASN A 95 1.19 -5.46 -12.74
CA ASN A 95 1.15 -5.70 -14.18
C ASN A 95 2.48 -6.22 -14.69
N ASP A 96 3.01 -7.24 -14.01
CA ASP A 96 4.28 -7.83 -14.39
C ASP A 96 5.41 -6.81 -14.28
N LYS A 97 5.30 -5.93 -13.29
CA LYS A 97 6.32 -4.91 -13.07
C LYS A 97 6.37 -4.49 -11.60
N HIS A 98 7.43 -4.88 -10.91
CA HIS A 98 7.59 -4.54 -9.50
C HIS A 98 7.49 -3.03 -9.29
N ILE A 99 7.22 -2.63 -8.05
CA ILE A 99 7.10 -1.22 -7.71
C ILE A 99 8.44 -0.64 -7.26
N PRO A 100 8.57 0.69 -7.33
CA PRO A 100 9.79 1.38 -6.92
C PRO A 100 10.00 1.35 -5.41
N GLY A 101 10.99 0.55 -4.98
CA GLY A 101 11.28 0.44 -3.56
C GLY A 101 11.37 -1.00 -3.10
N SER A 102 10.64 -1.88 -3.79
CA SER A 102 10.63 -3.30 -3.44
C SER A 102 11.97 -3.95 -3.79
N PRO A 103 12.30 -5.04 -3.08
CA PRO A 103 11.43 -5.59 -2.04
C PRO A 103 11.38 -4.69 -0.81
N PHE A 104 10.65 -5.14 0.22
CA PHE A 104 10.51 -4.38 1.46
C PHE A 104 10.87 -5.23 2.67
N THR A 105 11.46 -4.60 3.68
CA THR A 105 11.84 -5.30 4.89
C THR A 105 11.11 -4.75 6.11
N ALA A 106 10.25 -5.57 6.70
CA ALA A 106 9.48 -5.16 7.87
C ALA A 106 10.07 -5.75 9.15
N LYS A 107 10.76 -4.92 9.92
CA LYS A 107 11.37 -5.37 11.17
C LYS A 107 10.31 -5.77 12.18
N ILE A 108 10.11 -7.08 12.34
CA ILE A 108 9.13 -7.60 13.29
C ILE A 108 9.81 -8.21 14.51
N THR A 109 9.22 -7.99 15.68
CA THR A 109 9.76 -8.52 16.92
C THR A 109 8.76 -9.45 17.61
N ASP A 110 9.14 -9.95 18.78
CA ASP A 110 8.27 -10.85 19.54
C ASP A 110 7.79 -10.17 20.82
N ASP A 111 6.49 -10.23 21.06
CA ASP A 111 5.89 -9.64 22.24
C ASP A 111 5.73 -10.67 23.35
N SER A 112 6.83 -10.97 24.04
CA SER A 112 6.82 -11.94 25.12
C SER A 112 6.70 -11.26 26.47
N ARG A 113 5.46 -10.89 26.83
CA ARG A 113 5.20 -10.22 28.10
C ARG A 113 4.19 -10.99 28.93
N ARG A 114 4.18 -10.75 30.23
CA ARG A 114 3.26 -11.43 31.13
C ARG A 114 1.81 -11.16 30.73
N CYS A 115 1.53 -9.92 30.33
CA CYS A 115 0.19 -9.54 29.93
C CYS A 115 0.21 -8.80 28.59
N GLY A 1 -55.23 38.08 -5.31
CA GLY A 1 -54.13 37.91 -4.38
C GLY A 1 -53.53 36.52 -4.45
N SER A 2 -52.28 36.44 -4.93
CA SER A 2 -51.60 35.16 -5.05
C SER A 2 -50.14 35.37 -5.45
N SER A 3 -49.22 35.02 -4.55
CA SER A 3 -47.80 35.17 -4.79
C SER A 3 -46.98 34.46 -3.72
N GLY A 4 -46.11 33.55 -4.15
CA GLY A 4 -45.28 32.82 -3.21
C GLY A 4 -44.43 31.77 -3.88
N SER A 5 -43.75 32.16 -4.96
CA SER A 5 -42.89 31.24 -5.71
C SER A 5 -41.48 31.77 -5.81
N SER A 6 -40.56 31.16 -5.04
CA SER A 6 -39.17 31.58 -5.04
C SER A 6 -38.26 30.46 -5.55
N GLY A 7 -37.58 30.72 -6.66
CA GLY A 7 -36.70 29.72 -7.24
C GLY A 7 -35.24 30.15 -7.20
N PRO A 8 -34.63 30.12 -6.00
CA PRO A 8 -33.24 30.51 -5.81
C PRO A 8 -32.27 29.50 -6.44
N GLU A 9 -31.38 30.01 -7.30
CA GLU A 9 -30.40 29.16 -7.97
C GLU A 9 -29.09 29.13 -7.18
N SER A 10 -28.92 28.08 -6.38
CA SER A 10 -27.71 27.93 -5.58
C SER A 10 -26.48 27.75 -6.46
N PRO A 11 -25.33 28.22 -5.99
CA PRO A 11 -24.07 28.13 -6.72
C PRO A 11 -23.55 26.69 -6.80
N LEU A 12 -22.41 26.51 -7.44
CA LEU A 12 -21.80 25.19 -7.58
C LEU A 12 -20.46 25.11 -6.86
N GLN A 13 -20.15 23.94 -6.31
CA GLN A 13 -18.90 23.75 -5.59
C GLN A 13 -17.70 24.07 -6.49
N PHE A 14 -16.75 24.81 -5.94
CA PHE A 14 -15.56 25.20 -6.68
C PHE A 14 -14.30 24.66 -6.01
N TYR A 15 -13.84 23.50 -6.46
CA TYR A 15 -12.65 22.87 -5.90
C TYR A 15 -11.38 23.43 -6.55
N VAL A 16 -10.23 22.99 -6.07
CA VAL A 16 -8.96 23.44 -6.60
C VAL A 16 -8.32 22.37 -7.49
N ASN A 17 -7.45 22.82 -8.40
CA ASN A 17 -6.79 21.90 -9.32
C ASN A 17 -5.27 22.11 -9.29
N TYR A 18 -4.55 21.04 -9.00
CA TYR A 18 -3.09 21.10 -8.93
C TYR A 18 -2.46 19.93 -9.68
N PRO A 19 -1.20 20.11 -10.11
CA PRO A 19 -0.45 19.08 -10.84
C PRO A 19 -0.09 17.89 -9.95
N ASN A 20 -0.94 16.88 -9.94
CA ASN A 20 -0.71 15.69 -9.14
C ASN A 20 0.33 14.79 -9.79
N SER A 21 0.84 13.83 -9.03
CA SER A 21 1.85 12.90 -9.53
C SER A 21 1.20 11.63 -10.07
N GLY A 22 2.01 10.78 -10.70
CA GLY A 22 1.49 9.53 -11.25
C GLY A 22 2.43 8.37 -11.03
N SER A 23 2.38 7.80 -9.83
CA SER A 23 3.24 6.66 -9.49
C SER A 23 2.67 5.89 -8.31
N VAL A 24 3.22 4.70 -8.08
CA VAL A 24 2.75 3.84 -6.98
C VAL A 24 3.79 3.80 -5.85
N SER A 25 3.30 3.90 -4.62
CA SER A 25 4.18 3.87 -3.46
C SER A 25 3.52 3.12 -2.30
N ALA A 26 4.33 2.37 -1.56
CA ALA A 26 3.83 1.61 -0.42
C ALA A 26 4.22 2.25 0.90
N TYR A 27 3.23 2.47 1.75
CA TYR A 27 3.46 3.10 3.05
C TYR A 27 2.54 2.51 4.12
N GLY A 28 3.10 2.25 5.30
CA GLY A 28 2.31 1.69 6.37
C GLY A 28 3.17 1.03 7.44
N PRO A 29 2.66 0.99 8.68
CA PRO A 29 3.37 0.39 9.80
C PRO A 29 3.46 -1.13 9.69
N GLY A 30 2.82 -1.68 8.67
CA GLY A 30 2.84 -3.12 8.45
C GLY A 30 4.03 -3.58 7.64
N LEU A 31 4.52 -2.70 6.78
CA LEU A 31 5.67 -3.01 5.93
C LEU A 31 6.98 -2.67 6.64
N VAL A 32 7.07 -1.45 7.15
CA VAL A 32 8.27 -1.01 7.86
C VAL A 32 8.65 -1.99 8.96
N TYR A 33 7.64 -2.45 9.70
CA TYR A 33 7.88 -3.39 10.80
C TYR A 33 6.57 -4.01 11.26
N GLY A 34 6.66 -4.83 12.31
CA GLY A 34 5.47 -5.49 12.83
C GLY A 34 5.73 -6.20 14.15
N VAL A 35 4.71 -6.88 14.67
CA VAL A 35 4.84 -7.60 15.92
C VAL A 35 4.27 -9.01 15.81
N ALA A 36 5.03 -9.98 16.29
CA ALA A 36 4.59 -11.38 16.25
C ALA A 36 3.14 -11.52 16.68
N ASN A 37 2.35 -12.22 15.87
CA ASN A 37 0.94 -12.42 16.17
C ASN A 37 0.25 -11.10 16.49
N LYS A 38 0.54 -10.08 15.68
CA LYS A 38 -0.05 -8.76 15.88
C LYS A 38 -0.63 -8.22 14.58
N THR A 39 -1.71 -7.46 14.68
CA THR A 39 -2.36 -6.89 13.51
C THR A 39 -1.48 -5.83 12.86
N ALA A 40 -1.27 -5.97 11.55
CA ALA A 40 -0.45 -5.02 10.81
C ALA A 40 -0.95 -4.85 9.38
N THR A 41 -1.31 -3.62 9.03
CA THR A 41 -1.81 -3.33 7.69
C THR A 41 -1.13 -2.10 7.10
N PHE A 42 -1.10 -2.02 5.77
CA PHE A 42 -0.48 -0.89 5.09
C PHE A 42 -1.36 -0.40 3.95
N THR A 43 -1.07 0.81 3.46
CA THR A 43 -1.84 1.40 2.37
C THR A 43 -0.96 1.59 1.13
N ILE A 44 -1.56 1.40 -0.03
CA ILE A 44 -0.84 1.55 -1.29
C ILE A 44 -1.53 2.55 -2.21
N VAL A 45 -0.85 3.64 -2.53
CA VAL A 45 -1.40 4.67 -3.40
C VAL A 45 -1.49 4.18 -4.84
N THR A 46 -2.69 4.25 -5.41
CA THR A 46 -2.91 3.81 -6.78
C THR A 46 -3.70 4.86 -7.56
N GLU A 47 -3.00 5.88 -8.04
CA GLU A 47 -3.65 6.94 -8.81
C GLU A 47 -3.80 6.54 -10.28
N ASP A 48 -4.86 5.82 -10.58
CA ASP A 48 -5.13 5.37 -11.94
C ASP A 48 -3.85 4.83 -12.58
N ALA A 49 -3.11 4.02 -11.83
CA ALA A 49 -1.87 3.43 -12.33
C ALA A 49 -2.09 1.99 -12.75
N GLY A 50 -3.19 1.74 -13.45
CA GLY A 50 -3.49 0.39 -13.90
C GLY A 50 -3.75 -0.56 -12.75
N GLU A 51 -5.02 -0.84 -12.48
CA GLU A 51 -5.39 -1.75 -11.41
C GLU A 51 -5.73 -3.13 -11.95
N GLY A 52 -5.26 -3.42 -13.16
CA GLY A 52 -5.53 -4.70 -13.78
C GLY A 52 -4.33 -5.64 -13.71
N GLY A 53 -3.77 -5.80 -12.52
CA GLY A 53 -2.62 -6.68 -12.35
C GLY A 53 -1.99 -6.56 -10.98
N LEU A 54 -2.82 -6.69 -9.95
CA LEU A 54 -2.33 -6.60 -8.58
C LEU A 54 -1.90 -7.96 -8.05
N ASP A 55 -0.66 -8.04 -7.56
CA ASP A 55 -0.13 -9.29 -7.02
C ASP A 55 0.59 -9.05 -5.70
N LEU A 56 0.12 -9.71 -4.65
CA LEU A 56 0.71 -9.58 -3.33
C LEU A 56 1.29 -10.90 -2.85
N ALA A 57 2.52 -10.85 -2.33
CA ALA A 57 3.19 -12.05 -1.83
C ALA A 57 4.10 -11.71 -0.65
N ILE A 58 4.25 -12.68 0.27
CA ILE A 58 5.10 -12.49 1.43
C ILE A 58 5.85 -13.77 1.78
N GLU A 59 7.13 -13.63 2.11
CA GLU A 59 7.96 -14.77 2.46
C GLU A 59 8.71 -14.52 3.77
N GLY A 60 9.30 -15.58 4.32
CA GLY A 60 10.03 -15.45 5.57
C GLY A 60 10.15 -16.77 6.30
N PRO A 61 10.39 -16.71 7.62
CA PRO A 61 10.54 -17.90 8.46
C PRO A 61 9.23 -18.66 8.63
N SER A 62 8.13 -18.03 8.22
CA SER A 62 6.81 -18.65 8.33
C SER A 62 5.87 -18.09 7.27
N LYS A 63 4.90 -18.91 6.86
CA LYS A 63 3.92 -18.50 5.85
C LYS A 63 2.83 -17.64 6.48
N ALA A 64 2.42 -16.60 5.75
CA ALA A 64 1.38 -15.70 6.23
C ALA A 64 0.33 -15.45 5.16
N GLU A 65 -0.87 -15.05 5.58
CA GLU A 65 -1.95 -14.78 4.66
C GLU A 65 -2.02 -13.30 4.32
N ILE A 66 -2.78 -12.97 3.27
CA ILE A 66 -2.93 -11.58 2.84
C ILE A 66 -4.36 -11.30 2.38
N SER A 67 -4.92 -10.20 2.86
CA SER A 67 -6.28 -9.82 2.49
C SER A 67 -6.30 -8.46 1.80
N CYS A 68 -6.59 -8.47 0.50
CA CYS A 68 -6.64 -7.24 -0.29
C CYS A 68 -8.07 -6.73 -0.41
N ILE A 69 -8.27 -5.46 -0.08
CA ILE A 69 -9.59 -4.86 -0.16
C ILE A 69 -9.51 -3.42 -0.68
N ASP A 70 -10.36 -3.11 -1.65
CA ASP A 70 -10.39 -1.77 -2.24
C ASP A 70 -11.05 -0.78 -1.29
N ASN A 71 -10.74 0.50 -1.45
CA ASN A 71 -11.31 1.55 -0.62
C ASN A 71 -12.24 2.44 -1.42
N LYS A 72 -12.86 3.41 -0.75
CA LYS A 72 -13.77 4.33 -1.40
C LYS A 72 -13.01 5.49 -2.04
N ASP A 73 -11.86 5.83 -1.46
CA ASP A 73 -11.04 6.92 -1.98
C ASP A 73 -10.25 6.47 -3.21
N GLY A 74 -9.97 5.17 -3.28
CA GLY A 74 -9.22 4.64 -4.41
C GLY A 74 -7.94 3.95 -3.99
N THR A 75 -7.82 3.70 -2.69
CA THR A 75 -6.63 3.04 -2.16
C THR A 75 -6.90 1.57 -1.83
N CYS A 76 -5.85 0.83 -1.52
CA CYS A 76 -5.98 -0.58 -1.19
C CYS A 76 -5.52 -0.86 0.24
N THR A 77 -6.33 -1.58 0.99
CA THR A 77 -6.00 -1.91 2.38
C THR A 77 -5.65 -3.38 2.53
N VAL A 78 -4.34 -3.66 2.57
CA VAL A 78 -3.86 -5.03 2.71
C VAL A 78 -3.60 -5.37 4.17
N THR A 79 -4.42 -6.27 4.72
CA THR A 79 -4.27 -6.68 6.11
C THR A 79 -3.64 -8.06 6.21
N TYR A 80 -2.76 -8.24 7.18
CA TYR A 80 -2.08 -9.52 7.39
C TYR A 80 -1.68 -9.70 8.85
N LEU A 81 -1.21 -10.89 9.19
CA LEU A 81 -0.79 -11.19 10.55
C LEU A 81 0.41 -12.14 10.55
N PRO A 82 1.53 -11.67 11.14
CA PRO A 82 2.76 -12.46 11.22
C PRO A 82 2.63 -13.63 12.18
N THR A 83 3.34 -14.71 11.90
CA THR A 83 3.30 -15.90 12.74
C THR A 83 4.55 -15.99 13.61
N LEU A 84 5.67 -15.51 13.10
CA LEU A 84 6.93 -15.53 13.84
C LEU A 84 7.74 -14.27 13.57
N PRO A 85 8.46 -13.79 14.60
CA PRO A 85 9.30 -12.60 14.49
C PRO A 85 10.52 -12.82 13.61
N GLY A 86 10.59 -12.11 12.49
CA GLY A 86 11.72 -12.25 11.58
C GLY A 86 11.55 -11.42 10.33
N ASP A 87 12.66 -11.12 9.67
CA ASP A 87 12.64 -10.32 8.45
C ASP A 87 11.71 -10.94 7.42
N TYR A 88 10.70 -10.18 7.01
CA TYR A 88 9.73 -10.65 6.03
C TYR A 88 9.97 -10.01 4.67
N SER A 89 10.18 -10.84 3.65
CA SER A 89 10.43 -10.35 2.30
C SER A 89 9.11 -10.15 1.54
N ILE A 90 8.62 -8.92 1.56
CA ILE A 90 7.37 -8.60 0.87
C ILE A 90 7.60 -8.38 -0.62
N LEU A 91 6.81 -9.06 -1.44
CA LEU A 91 6.93 -8.93 -2.89
C LEU A 91 5.59 -8.52 -3.51
N VAL A 92 5.50 -7.25 -3.90
CA VAL A 92 4.27 -6.74 -4.51
C VAL A 92 4.55 -6.18 -5.90
N LYS A 93 3.66 -6.48 -6.84
CA LYS A 93 3.80 -6.01 -8.21
C LYS A 93 2.53 -5.30 -8.68
N TYR A 94 2.70 -4.38 -9.63
CA TYR A 94 1.56 -3.63 -10.16
C TYR A 94 1.63 -3.56 -11.68
N ASN A 95 0.90 -4.46 -12.33
CA ASN A 95 0.87 -4.51 -13.80
C ASN A 95 2.22 -4.96 -14.35
N ASP A 96 2.76 -6.03 -13.78
CA ASP A 96 4.04 -6.56 -14.22
C ASP A 96 5.17 -5.57 -13.96
N LYS A 97 5.00 -4.76 -12.92
CA LYS A 97 6.00 -3.76 -12.57
C LYS A 97 6.26 -3.75 -11.07
N HIS A 98 7.51 -3.92 -10.69
CA HIS A 98 7.89 -3.92 -9.27
C HIS A 98 8.05 -2.51 -8.75
N ILE A 99 7.17 -2.13 -7.82
CA ILE A 99 7.21 -0.79 -7.24
C ILE A 99 8.58 -0.48 -6.67
N PRO A 100 8.92 0.81 -6.59
CA PRO A 100 10.21 1.27 -6.06
C PRO A 100 10.33 1.06 -4.56
N GLY A 101 11.02 -0.01 -4.17
CA GLY A 101 11.21 -0.30 -2.76
C GLY A 101 10.98 -1.76 -2.43
N SER A 102 10.71 -2.56 -3.47
CA SER A 102 10.46 -3.99 -3.29
C SER A 102 11.69 -4.80 -3.69
N PRO A 103 11.96 -5.88 -2.95
CA PRO A 103 11.12 -6.27 -1.81
C PRO A 103 11.24 -5.32 -0.63
N PHE A 104 10.52 -5.60 0.44
CA PHE A 104 10.55 -4.76 1.63
C PHE A 104 11.01 -5.56 2.85
N THR A 105 11.76 -4.91 3.72
CA THR A 105 12.27 -5.56 4.93
C THR A 105 11.50 -5.09 6.17
N ALA A 106 10.54 -5.90 6.59
CA ALA A 106 9.74 -5.58 7.76
C ALA A 106 10.40 -6.08 9.04
N LYS A 107 10.97 -5.15 9.80
CA LYS A 107 11.65 -5.49 11.05
C LYS A 107 10.63 -5.79 12.15
N ILE A 108 10.29 -7.07 12.32
CA ILE A 108 9.33 -7.48 13.33
C ILE A 108 10.04 -7.96 14.59
N THR A 109 9.47 -7.62 15.75
CA THR A 109 10.05 -8.01 17.02
C THR A 109 9.10 -8.90 17.81
N ASP A 110 9.58 -9.44 18.92
CA ASP A 110 8.77 -10.32 19.76
C ASP A 110 8.61 -9.73 21.17
N ASP A 111 7.38 -9.36 21.51
CA ASP A 111 7.10 -8.79 22.82
C ASP A 111 6.18 -9.71 23.62
N SER A 112 4.96 -9.92 23.12
CA SER A 112 3.99 -10.77 23.80
C SER A 112 4.34 -12.24 23.60
N ARG A 113 5.58 -12.60 23.92
CA ARG A 113 6.03 -13.98 23.78
C ARG A 113 5.81 -14.77 25.06
N ARG A 114 5.93 -16.08 24.98
CA ARG A 114 5.73 -16.95 26.14
C ARG A 114 6.54 -18.23 25.99
N CYS A 115 7.39 -18.51 26.98
CA CYS A 115 8.21 -19.71 26.96
C CYS A 115 7.98 -20.56 28.21
N GLY A 1 5.65 69.06 -13.74
CA GLY A 1 4.58 68.12 -13.46
C GLY A 1 5.01 66.68 -13.62
N SER A 2 4.30 65.93 -14.46
CA SER A 2 4.61 64.53 -14.69
C SER A 2 4.82 63.79 -13.36
N SER A 3 3.95 64.07 -12.40
CA SER A 3 4.04 63.44 -11.09
C SER A 3 3.05 62.29 -10.97
N GLY A 4 3.44 61.26 -10.22
CA GLY A 4 2.58 60.11 -10.04
C GLY A 4 3.12 58.87 -10.72
N SER A 5 3.35 57.82 -9.93
CA SER A 5 3.88 56.56 -10.46
C SER A 5 2.83 55.84 -11.29
N SER A 6 3.14 55.61 -12.56
CA SER A 6 2.22 54.92 -13.45
C SER A 6 1.60 53.70 -12.78
N GLY A 7 2.44 52.87 -12.19
CA GLY A 7 1.96 51.68 -11.51
C GLY A 7 2.79 50.46 -11.82
N PRO A 8 3.90 50.29 -11.08
CA PRO A 8 4.81 49.15 -11.27
C PRO A 8 4.19 47.83 -10.82
N GLU A 9 4.16 46.86 -11.73
CA GLU A 9 3.58 45.56 -11.42
C GLU A 9 4.06 44.51 -12.42
N SER A 10 4.11 43.25 -11.98
CA SER A 10 4.54 42.15 -12.84
C SER A 10 3.52 41.02 -12.84
N PRO A 11 3.25 40.46 -14.03
CA PRO A 11 2.30 39.36 -14.18
C PRO A 11 2.81 38.06 -13.57
N LEU A 12 1.95 37.38 -12.83
CA LEU A 12 2.31 36.11 -12.20
C LEU A 12 1.36 35.00 -12.63
N GLN A 13 1.83 33.76 -12.49
CA GLN A 13 1.02 32.60 -12.85
C GLN A 13 1.31 31.41 -11.94
N PHE A 14 0.67 30.28 -12.22
CA PHE A 14 0.88 29.07 -11.44
C PHE A 14 1.84 28.13 -12.13
N TYR A 15 3.09 28.11 -11.66
CA TYR A 15 4.12 27.25 -12.24
C TYR A 15 3.99 25.82 -11.72
N VAL A 16 3.93 24.86 -12.64
CA VAL A 16 3.81 23.46 -12.27
C VAL A 16 4.76 22.59 -13.09
N ASN A 17 5.42 21.66 -12.42
CA ASN A 17 6.37 20.77 -13.09
C ASN A 17 6.61 19.51 -12.25
N TYR A 18 6.78 18.39 -12.94
CA TYR A 18 7.01 17.11 -12.26
C TYR A 18 8.00 16.25 -13.04
N PRO A 19 8.95 15.64 -12.33
CA PRO A 19 9.97 14.78 -12.93
C PRO A 19 9.39 13.47 -13.46
N ASN A 20 8.26 13.06 -12.88
CA ASN A 20 7.61 11.82 -13.29
C ASN A 20 6.09 12.00 -13.33
N SER A 21 5.38 10.92 -13.64
CA SER A 21 3.92 10.96 -13.72
C SER A 21 3.30 10.45 -12.43
N GLY A 22 3.69 9.24 -12.02
CA GLY A 22 3.15 8.65 -10.81
C GLY A 22 3.15 7.14 -10.85
N SER A 23 3.25 6.51 -9.69
CA SER A 23 3.26 5.06 -9.59
C SER A 23 2.71 4.59 -8.24
N VAL A 24 2.61 3.28 -8.08
CA VAL A 24 2.10 2.71 -6.83
C VAL A 24 3.17 2.67 -5.76
N SER A 25 2.87 3.24 -4.60
CA SER A 25 3.81 3.28 -3.49
C SER A 25 3.28 2.50 -2.30
N ALA A 26 4.19 2.09 -1.41
CA ALA A 26 3.81 1.33 -0.23
C ALA A 26 4.35 1.99 1.03
N TYR A 27 3.46 2.25 1.99
CA TYR A 27 3.84 2.88 3.25
C TYR A 27 2.87 2.52 4.35
N GLY A 28 3.33 2.58 5.60
CA GLY A 28 2.49 2.26 6.73
C GLY A 28 3.26 1.59 7.86
N PRO A 29 2.65 1.52 9.04
CA PRO A 29 3.26 0.91 10.23
C PRO A 29 3.37 -0.61 10.09
N GLY A 30 2.84 -1.14 9.00
CA GLY A 30 2.89 -2.58 8.78
C GLY A 30 4.03 -2.98 7.85
N LEU A 31 4.62 -1.99 7.19
CA LEU A 31 5.73 -2.25 6.27
C LEU A 31 7.07 -2.05 6.96
N VAL A 32 7.23 -0.90 7.61
CA VAL A 32 8.47 -0.57 8.31
C VAL A 32 8.77 -1.62 9.38
N TYR A 33 7.73 -2.03 10.11
CA TYR A 33 7.89 -3.02 11.16
C TYR A 33 6.55 -3.62 11.56
N GLY A 34 6.58 -4.66 12.40
CA GLY A 34 5.37 -5.30 12.84
C GLY A 34 5.55 -6.10 14.11
N VAL A 35 4.59 -6.97 14.42
CA VAL A 35 4.66 -7.79 15.61
C VAL A 35 4.14 -9.20 15.34
N ALA A 36 4.87 -10.19 15.82
CA ALA A 36 4.49 -11.59 15.62
C ALA A 36 3.12 -11.86 16.23
N ASN A 37 2.30 -12.62 15.50
CA ASN A 37 0.96 -12.96 15.97
C ASN A 37 0.15 -11.71 16.27
N LYS A 38 0.33 -10.68 15.43
CA LYS A 38 -0.39 -9.42 15.60
C LYS A 38 -0.77 -8.83 14.26
N THR A 39 -2.05 -8.49 14.10
CA THR A 39 -2.54 -7.92 12.86
C THR A 39 -1.78 -6.65 12.50
N ALA A 40 -1.18 -6.64 11.31
CA ALA A 40 -0.42 -5.48 10.85
C ALA A 40 -0.95 -4.99 9.51
N THR A 41 -1.66 -3.86 9.55
CA THR A 41 -2.22 -3.28 8.33
C THR A 41 -1.36 -2.12 7.84
N PHE A 42 -1.43 -1.85 6.53
CA PHE A 42 -0.67 -0.78 5.93
C PHE A 42 -1.43 -0.15 4.76
N THR A 43 -0.93 0.98 4.28
CA THR A 43 -1.57 1.68 3.16
C THR A 43 -0.71 1.61 1.91
N ILE A 44 -1.35 1.49 0.76
CA ILE A 44 -0.64 1.40 -0.51
C ILE A 44 -1.25 2.35 -1.55
N VAL A 45 -0.62 3.51 -1.73
CA VAL A 45 -1.10 4.49 -2.69
C VAL A 45 -0.95 3.99 -4.12
N THR A 46 -2.01 4.12 -4.90
CA THR A 46 -2.00 3.68 -6.29
C THR A 46 -2.05 4.86 -7.24
N GLU A 47 -2.44 6.02 -6.73
CA GLU A 47 -2.52 7.24 -7.53
C GLU A 47 -3.27 6.97 -8.83
N ASP A 48 -4.49 6.43 -8.70
CA ASP A 48 -5.32 6.14 -9.86
C ASP A 48 -4.49 5.49 -10.96
N ALA A 49 -3.53 4.67 -10.56
CA ALA A 49 -2.67 3.97 -11.51
C ALA A 49 -3.49 3.15 -12.49
N GLY A 50 -4.61 2.61 -12.01
CA GLY A 50 -5.46 1.79 -12.86
C GLY A 50 -5.75 0.43 -12.25
N GLU A 51 -6.08 -0.54 -13.10
CA GLU A 51 -6.38 -1.89 -12.65
C GLU A 51 -6.12 -2.91 -13.75
N GLY A 52 -5.16 -3.79 -13.53
CA GLY A 52 -4.83 -4.81 -14.51
C GLY A 52 -4.40 -6.11 -13.88
N GLY A 53 -3.18 -6.13 -13.34
CA GLY A 53 -2.67 -7.34 -12.72
C GLY A 53 -1.86 -7.03 -11.47
N LEU A 54 -2.55 -6.92 -10.34
CA LEU A 54 -1.89 -6.64 -9.07
C LEU A 54 -1.55 -7.93 -8.33
N ASP A 55 -0.27 -8.32 -8.39
CA ASP A 55 0.19 -9.53 -7.73
C ASP A 55 0.89 -9.20 -6.43
N LEU A 56 0.39 -9.75 -5.33
CA LEU A 56 0.96 -9.51 -4.01
C LEU A 56 1.39 -10.82 -3.36
N ALA A 57 2.67 -10.93 -3.04
CA ALA A 57 3.20 -12.13 -2.41
C ALA A 57 4.19 -11.78 -1.31
N ILE A 58 4.00 -12.37 -0.13
CA ILE A 58 4.88 -12.12 1.01
C ILE A 58 5.67 -13.37 1.38
N GLU A 59 6.94 -13.18 1.74
CA GLU A 59 7.80 -14.30 2.12
C GLU A 59 8.45 -14.04 3.47
N GLY A 60 9.11 -15.06 4.01
CA GLY A 60 9.77 -14.92 5.29
C GLY A 60 9.99 -16.26 5.97
N PRO A 61 10.30 -16.21 7.28
CA PRO A 61 10.54 -17.42 8.08
C PRO A 61 9.28 -18.23 8.30
N SER A 62 8.13 -17.65 7.92
CA SER A 62 6.85 -18.33 8.09
C SER A 62 5.79 -17.70 7.18
N LYS A 63 4.85 -18.52 6.73
CA LYS A 63 3.79 -18.05 5.85
C LYS A 63 2.79 -17.19 6.62
N ALA A 64 2.24 -16.18 5.95
CA ALA A 64 1.27 -15.30 6.57
C ALA A 64 0.14 -14.94 5.60
N GLU A 65 -1.10 -15.12 6.05
CA GLU A 65 -2.27 -14.82 5.22
C GLU A 65 -2.23 -13.38 4.74
N ILE A 66 -3.06 -13.07 3.75
CA ILE A 66 -3.12 -11.73 3.20
C ILE A 66 -4.54 -11.37 2.79
N SER A 67 -4.99 -10.18 3.20
CA SER A 67 -6.34 -9.72 2.88
C SER A 67 -6.30 -8.32 2.27
N CYS A 68 -6.24 -8.27 0.94
CA CYS A 68 -6.20 -7.00 0.22
C CYS A 68 -7.60 -6.43 0.03
N ILE A 69 -7.77 -5.16 0.35
CA ILE A 69 -9.07 -4.50 0.22
C ILE A 69 -8.92 -3.09 -0.35
N ASP A 70 -9.80 -2.74 -1.28
CA ASP A 70 -9.76 -1.42 -1.90
C ASP A 70 -10.70 -0.46 -1.18
N ASN A 71 -10.33 0.82 -1.16
CA ASN A 71 -11.14 1.85 -0.51
C ASN A 71 -11.60 2.90 -1.52
N LYS A 72 -12.44 3.81 -1.04
CA LYS A 72 -12.96 4.89 -1.90
C LYS A 72 -11.92 6.00 -2.07
N ASP A 73 -11.03 6.11 -1.10
CA ASP A 73 -9.98 7.13 -1.14
C ASP A 73 -8.79 6.66 -1.98
N GLY A 74 -9.08 6.03 -3.11
CA GLY A 74 -8.03 5.54 -3.97
C GLY A 74 -6.88 4.94 -3.21
N THR A 75 -7.17 4.37 -2.04
CA THR A 75 -6.15 3.76 -1.20
C THR A 75 -6.45 2.28 -0.94
N CYS A 76 -5.43 1.45 -1.00
CA CYS A 76 -5.59 0.02 -0.77
C CYS A 76 -5.17 -0.35 0.65
N THR A 77 -6.07 -0.99 1.38
CA THR A 77 -5.79 -1.41 2.75
C THR A 77 -5.59 -2.91 2.84
N VAL A 78 -4.33 -3.34 2.94
CA VAL A 78 -4.01 -4.75 3.03
C VAL A 78 -3.78 -5.17 4.49
N THR A 79 -4.09 -6.43 4.79
CA THR A 79 -3.92 -6.95 6.14
C THR A 79 -3.22 -8.31 6.11
N TYR A 80 -2.36 -8.53 7.11
CA TYR A 80 -1.62 -9.78 7.20
C TYR A 80 -1.22 -10.08 8.65
N LEU A 81 -1.22 -11.35 9.01
CA LEU A 81 -0.86 -11.76 10.36
C LEU A 81 0.36 -12.69 10.34
N PRO A 82 1.47 -12.22 10.93
CA PRO A 82 2.71 -12.99 11.01
C PRO A 82 2.59 -14.19 11.94
N THR A 83 3.48 -15.16 11.76
CA THR A 83 3.49 -16.36 12.59
C THR A 83 4.77 -16.48 13.40
N LEU A 84 5.77 -15.70 13.00
CA LEU A 84 7.07 -15.71 13.69
C LEU A 84 7.78 -14.37 13.53
N PRO A 85 8.45 -13.93 14.60
CA PRO A 85 9.19 -12.67 14.60
C PRO A 85 10.44 -12.72 13.72
N GLY A 86 10.44 -11.93 12.65
CA GLY A 86 11.56 -11.90 11.74
C GLY A 86 11.36 -10.94 10.58
N ASP A 87 12.40 -10.76 9.77
CA ASP A 87 12.32 -9.87 8.62
C ASP A 87 11.56 -10.51 7.47
N TYR A 88 10.33 -10.06 7.27
CA TYR A 88 9.48 -10.60 6.21
C TYR A 88 9.79 -9.92 4.87
N SER A 89 9.94 -10.74 3.83
CA SER A 89 10.25 -10.22 2.50
C SER A 89 8.96 -9.99 1.70
N ILE A 90 8.47 -8.76 1.74
CA ILE A 90 7.25 -8.41 1.01
C ILE A 90 7.54 -8.16 -0.46
N LEU A 91 6.76 -8.81 -1.33
CA LEU A 91 6.94 -8.66 -2.77
C LEU A 91 5.61 -8.27 -3.43
N VAL A 92 5.59 -7.08 -4.02
CA VAL A 92 4.39 -6.58 -4.70
C VAL A 92 4.68 -6.24 -6.15
N LYS A 93 3.76 -6.59 -7.04
CA LYS A 93 3.91 -6.30 -8.45
C LYS A 93 2.69 -5.57 -9.01
N TYR A 94 2.91 -4.77 -10.04
CA TYR A 94 1.83 -4.01 -10.65
C TYR A 94 1.86 -4.14 -12.17
N ASN A 95 1.10 -5.12 -12.69
CA ASN A 95 1.05 -5.36 -14.12
C ASN A 95 2.37 -5.93 -14.64
N ASP A 96 2.84 -6.98 -13.98
CA ASP A 96 4.10 -7.62 -14.36
C ASP A 96 5.26 -6.65 -14.24
N LYS A 97 5.16 -5.71 -13.30
CA LYS A 97 6.20 -4.72 -13.08
C LYS A 97 6.26 -4.33 -11.61
N HIS A 98 7.31 -4.79 -10.92
CA HIS A 98 7.50 -4.49 -9.51
C HIS A 98 7.46 -2.98 -9.27
N ILE A 99 7.20 -2.60 -8.02
CA ILE A 99 7.13 -1.19 -7.66
C ILE A 99 8.50 -0.66 -7.25
N PRO A 100 8.67 0.67 -7.33
CA PRO A 100 9.92 1.33 -6.97
C PRO A 100 10.18 1.29 -5.47
N GLY A 101 11.12 0.44 -5.06
CA GLY A 101 11.45 0.33 -3.64
C GLY A 101 11.48 -1.11 -3.18
N SER A 102 10.71 -1.97 -3.85
CA SER A 102 10.66 -3.38 -3.49
C SER A 102 11.96 -4.09 -3.85
N PRO A 103 12.26 -5.17 -3.12
CA PRO A 103 11.40 -5.68 -2.04
C PRO A 103 11.39 -4.76 -0.84
N PHE A 104 10.59 -5.11 0.17
CA PHE A 104 10.49 -4.32 1.39
C PHE A 104 10.85 -5.15 2.62
N THR A 105 11.54 -4.53 3.57
CA THR A 105 11.94 -5.22 4.79
C THR A 105 11.20 -4.67 6.00
N ALA A 106 10.42 -5.53 6.66
CA ALA A 106 9.66 -5.13 7.84
C ALA A 106 10.22 -5.77 9.10
N LYS A 107 10.84 -4.96 9.94
CA LYS A 107 11.43 -5.45 11.19
C LYS A 107 10.34 -5.75 12.21
N ILE A 108 9.95 -7.02 12.30
CA ILE A 108 8.92 -7.44 13.25
C ILE A 108 9.53 -7.98 14.53
N THR A 109 8.96 -7.59 15.67
CA THR A 109 9.46 -8.03 16.97
C THR A 109 8.52 -9.07 17.59
N ASP A 110 8.91 -9.59 18.74
CA ASP A 110 8.09 -10.58 19.45
C ASP A 110 7.85 -10.16 20.89
N ASP A 111 6.62 -9.76 21.19
CA ASP A 111 6.26 -9.34 22.54
C ASP A 111 5.88 -10.55 23.39
N SER A 112 6.68 -11.60 23.32
CA SER A 112 6.43 -12.81 24.09
C SER A 112 6.71 -12.59 25.57
N ARG A 113 7.75 -11.81 25.85
CA ARG A 113 8.14 -11.52 27.23
C ARG A 113 7.41 -10.28 27.74
N ARG A 114 7.41 -9.22 26.92
CA ARG A 114 6.75 -7.97 27.29
C ARG A 114 7.28 -7.46 28.63
N CYS A 115 8.59 -7.56 28.83
CA CYS A 115 9.21 -7.11 30.06
C CYS A 115 10.42 -6.23 29.78
N GLY A 1 18.73 2.94 -38.36
CA GLY A 1 18.86 3.57 -37.06
C GLY A 1 17.79 3.11 -36.10
N SER A 2 17.47 3.95 -35.12
CA SER A 2 16.46 3.61 -34.12
C SER A 2 16.06 4.85 -33.31
N SER A 3 14.84 4.85 -32.80
CA SER A 3 14.33 5.96 -32.02
C SER A 3 13.15 5.54 -31.16
N GLY A 4 12.73 6.42 -30.26
CA GLY A 4 11.61 6.11 -29.38
C GLY A 4 10.62 7.26 -29.30
N SER A 5 10.04 7.45 -28.12
CA SER A 5 9.06 8.52 -27.91
C SER A 5 9.01 8.92 -26.44
N SER A 6 8.59 10.15 -26.19
CA SER A 6 8.50 10.67 -24.83
C SER A 6 7.81 12.03 -24.81
N GLY A 7 7.53 12.53 -23.61
CA GLY A 7 6.87 13.81 -23.47
C GLY A 7 7.31 14.56 -22.23
N PRO A 8 7.06 15.88 -22.20
CA PRO A 8 7.43 16.74 -21.07
C PRO A 8 6.58 16.46 -19.84
N GLU A 9 7.24 16.30 -18.70
CA GLU A 9 6.54 16.03 -17.45
C GLU A 9 6.62 17.24 -16.51
N SER A 10 5.58 18.07 -16.55
CA SER A 10 5.53 19.26 -15.71
C SER A 10 4.15 19.42 -15.09
N PRO A 11 4.12 19.93 -13.85
CA PRO A 11 2.87 20.15 -13.11
C PRO A 11 2.04 21.28 -13.70
N LEU A 12 0.97 20.92 -14.39
CA LEU A 12 0.08 21.91 -15.01
C LEU A 12 -1.38 21.55 -14.77
N GLN A 13 -2.19 22.57 -14.51
CA GLN A 13 -3.62 22.37 -14.27
C GLN A 13 -4.44 22.69 -15.52
N PHE A 14 -4.94 21.66 -16.18
CA PHE A 14 -5.74 21.84 -17.39
C PHE A 14 -6.67 20.64 -17.61
N TYR A 15 -7.50 20.74 -18.64
CA TYR A 15 -8.44 19.67 -18.96
C TYR A 15 -7.77 18.61 -19.83
N VAL A 16 -7.37 17.51 -19.22
CA VAL A 16 -6.73 16.42 -19.94
C VAL A 16 -7.50 15.12 -19.75
N ASN A 17 -7.84 14.47 -20.87
CA ASN A 17 -8.58 13.21 -20.84
C ASN A 17 -7.64 12.03 -21.04
N TYR A 18 -6.38 12.22 -20.69
CA TYR A 18 -5.37 11.17 -20.82
C TYR A 18 -5.19 10.42 -19.51
N PRO A 19 -4.97 9.09 -19.61
CA PRO A 19 -4.77 8.24 -18.44
C PRO A 19 -3.45 8.49 -17.75
N ASN A 20 -3.50 8.99 -16.51
CA ASN A 20 -2.30 9.28 -15.75
C ASN A 20 -1.67 8.00 -15.21
N SER A 21 -0.48 7.68 -15.71
CA SER A 21 0.22 6.48 -15.28
C SER A 21 1.56 6.83 -14.65
N GLY A 22 1.52 7.27 -13.39
CA GLY A 22 2.74 7.63 -12.70
C GLY A 22 3.39 6.44 -12.01
N SER A 23 3.52 6.52 -10.69
CA SER A 23 4.14 5.45 -9.92
C SER A 23 3.37 5.19 -8.63
N VAL A 24 3.41 3.96 -8.15
CA VAL A 24 2.72 3.58 -6.92
C VAL A 24 3.71 3.31 -5.79
N SER A 25 3.40 3.84 -4.61
CA SER A 25 4.26 3.66 -3.45
C SER A 25 3.53 2.91 -2.34
N ALA A 26 4.27 2.52 -1.31
CA ALA A 26 3.70 1.79 -0.18
C ALA A 26 4.21 2.33 1.14
N TYR A 27 3.29 2.61 2.06
CA TYR A 27 3.64 3.14 3.36
C TYR A 27 2.65 2.67 4.43
N GLY A 28 3.17 2.39 5.62
CA GLY A 28 2.32 1.93 6.70
C GLY A 28 3.11 1.30 7.84
N PRO A 29 2.51 1.25 9.03
CA PRO A 29 3.15 0.67 10.21
C PRO A 29 3.28 -0.85 10.11
N GLY A 30 2.75 -1.41 9.03
CA GLY A 30 2.83 -2.85 8.84
C GLY A 30 4.00 -3.25 7.95
N LEU A 31 4.57 -2.28 7.26
CA LEU A 31 5.70 -2.54 6.37
C LEU A 31 7.02 -2.23 7.07
N VAL A 32 7.11 -1.04 7.66
CA VAL A 32 8.32 -0.63 8.37
C VAL A 32 8.71 -1.65 9.43
N TYR A 33 7.71 -2.16 10.16
CA TYR A 33 7.95 -3.14 11.21
C TYR A 33 6.66 -3.82 11.63
N GLY A 34 6.76 -4.73 12.59
CA GLY A 34 5.59 -5.44 13.06
C GLY A 34 5.86 -6.26 14.30
N VAL A 35 4.88 -7.04 14.73
CA VAL A 35 5.02 -7.88 15.92
C VAL A 35 4.52 -9.29 15.66
N ALA A 36 5.12 -10.26 16.34
CA ALA A 36 4.73 -11.66 16.18
C ALA A 36 3.31 -11.88 16.67
N ASN A 37 2.51 -12.60 15.87
CA ASN A 37 1.13 -12.88 16.23
C ASN A 37 0.37 -11.59 16.58
N LYS A 38 0.54 -10.58 15.72
CA LYS A 38 -0.13 -9.30 15.94
C LYS A 38 -0.60 -8.72 14.61
N THR A 39 -1.89 -8.36 14.56
CA THR A 39 -2.47 -7.79 13.35
C THR A 39 -1.66 -6.60 12.86
N ALA A 40 -1.39 -6.57 11.56
CA ALA A 40 -0.62 -5.48 10.97
C ALA A 40 -1.09 -5.19 9.55
N THR A 41 -1.59 -3.99 9.33
CA THR A 41 -2.07 -3.59 8.01
C THR A 41 -1.41 -2.29 7.55
N PHE A 42 -1.40 -2.06 6.23
CA PHE A 42 -0.80 -0.87 5.66
C PHE A 42 -1.68 -0.29 4.56
N THR A 43 -1.34 0.92 4.11
CA THR A 43 -2.10 1.58 3.06
C THR A 43 -1.26 1.74 1.80
N ILE A 44 -1.87 1.45 0.65
CA ILE A 44 -1.19 1.57 -0.62
C ILE A 44 -1.83 2.63 -1.50
N VAL A 45 -1.02 3.27 -2.35
CA VAL A 45 -1.52 4.31 -3.25
C VAL A 45 -1.85 3.73 -4.62
N THR A 46 -3.13 3.38 -4.81
CA THR A 46 -3.58 2.82 -6.08
C THR A 46 -3.83 3.92 -7.11
N GLU A 47 -2.75 4.41 -7.71
CA GLU A 47 -2.85 5.46 -8.72
C GLU A 47 -3.55 4.94 -9.98
N ASP A 48 -4.85 5.15 -10.06
CA ASP A 48 -5.63 4.71 -11.21
C ASP A 48 -5.23 3.30 -11.62
N ALA A 49 -4.78 2.50 -10.66
CA ALA A 49 -4.37 1.13 -10.92
C ALA A 49 -5.58 0.21 -11.04
N GLY A 50 -6.51 0.34 -10.11
CA GLY A 50 -7.70 -0.50 -10.12
C GLY A 50 -7.37 -1.97 -10.16
N GLU A 51 -8.40 -2.81 -10.24
CA GLU A 51 -8.21 -4.26 -10.27
C GLU A 51 -8.08 -4.74 -11.71
N GLY A 52 -6.85 -4.84 -12.19
CA GLY A 52 -6.60 -5.30 -13.54
C GLY A 52 -5.70 -6.51 -13.59
N GLY A 53 -4.46 -6.34 -13.14
CA GLY A 53 -3.51 -7.46 -13.14
C GLY A 53 -2.39 -7.25 -12.14
N LEU A 54 -2.75 -6.87 -10.93
CA LEU A 54 -1.76 -6.64 -9.88
C LEU A 54 -1.53 -7.92 -9.07
N ASP A 55 -0.29 -8.11 -8.63
CA ASP A 55 0.06 -9.29 -7.84
C ASP A 55 0.45 -8.89 -6.43
N LEU A 56 0.00 -9.67 -5.44
CA LEU A 56 0.30 -9.39 -4.05
C LEU A 56 0.73 -10.67 -3.32
N ALA A 57 1.95 -10.68 -2.81
CA ALA A 57 2.47 -11.83 -2.09
C ALA A 57 3.40 -11.41 -0.96
N ILE A 58 3.68 -12.33 -0.06
CA ILE A 58 4.56 -12.04 1.08
C ILE A 58 5.38 -13.27 1.46
N GLU A 59 6.62 -13.04 1.87
CA GLU A 59 7.50 -14.13 2.27
C GLU A 59 8.19 -13.83 3.60
N GLY A 60 8.98 -14.78 4.09
CA GLY A 60 9.68 -14.59 5.35
C GLY A 60 10.00 -15.90 6.03
N PRO A 61 10.26 -15.83 7.35
CA PRO A 61 10.59 -17.02 8.15
C PRO A 61 9.40 -17.94 8.33
N SER A 62 8.21 -17.45 8.00
CA SER A 62 6.99 -18.23 8.14
C SER A 62 5.93 -17.76 7.14
N LYS A 63 4.75 -18.38 7.20
CA LYS A 63 3.66 -18.03 6.30
C LYS A 63 2.64 -17.13 7.01
N ALA A 64 2.03 -16.24 6.26
CA ALA A 64 1.03 -15.32 6.82
C ALA A 64 -0.02 -14.95 5.78
N GLU A 65 -1.27 -15.33 6.04
CA GLU A 65 -2.36 -15.04 5.13
C GLU A 65 -2.35 -13.58 4.72
N ILE A 66 -3.10 -13.25 3.66
CA ILE A 66 -3.18 -11.89 3.16
C ILE A 66 -4.59 -11.54 2.69
N SER A 67 -5.05 -10.35 3.02
CA SER A 67 -6.37 -9.91 2.63
C SER A 67 -6.32 -8.55 1.94
N CYS A 68 -6.32 -8.56 0.61
CA CYS A 68 -6.26 -7.33 -0.16
C CYS A 68 -7.66 -6.83 -0.48
N ILE A 69 -7.96 -5.60 -0.06
CA ILE A 69 -9.28 -5.01 -0.30
C ILE A 69 -9.13 -3.59 -0.84
N ASP A 70 -10.02 -3.23 -1.77
CA ASP A 70 -10.00 -1.90 -2.36
C ASP A 70 -10.69 -0.88 -1.45
N ASN A 71 -10.34 0.39 -1.62
CA ASN A 71 -10.93 1.45 -0.81
C ASN A 71 -11.91 2.28 -1.63
N LYS A 72 -12.45 3.32 -1.02
CA LYS A 72 -13.40 4.20 -1.69
C LYS A 72 -12.76 5.55 -2.02
N ASP A 73 -11.57 5.77 -1.48
CA ASP A 73 -10.85 7.02 -1.72
C ASP A 73 -9.85 6.86 -2.87
N GLY A 74 -9.36 5.64 -3.05
CA GLY A 74 -8.40 5.38 -4.11
C GLY A 74 -7.15 4.68 -3.61
N THR A 75 -7.27 4.03 -2.47
CA THR A 75 -6.14 3.31 -1.87
C THR A 75 -6.48 1.85 -1.64
N CYS A 76 -5.51 1.10 -1.13
CA CYS A 76 -5.70 -0.32 -0.86
C CYS A 76 -5.32 -0.66 0.59
N THR A 77 -6.10 -1.52 1.22
CA THR A 77 -5.85 -1.92 2.59
C THR A 77 -5.51 -3.40 2.68
N VAL A 78 -4.23 -3.71 2.84
CA VAL A 78 -3.77 -5.09 2.95
C VAL A 78 -3.55 -5.48 4.40
N THR A 79 -4.41 -6.34 4.92
CA THR A 79 -4.31 -6.81 6.29
C THR A 79 -3.71 -8.21 6.36
N TYR A 80 -2.85 -8.44 7.34
CA TYR A 80 -2.21 -9.73 7.52
C TYR A 80 -1.77 -9.93 8.96
N LEU A 81 -1.47 -11.18 9.32
CA LEU A 81 -1.03 -11.50 10.68
C LEU A 81 0.20 -12.41 10.64
N PRO A 82 1.30 -11.91 11.21
CA PRO A 82 2.57 -12.66 11.26
C PRO A 82 2.50 -13.85 12.21
N THR A 83 3.32 -14.86 11.94
CA THR A 83 3.34 -16.06 12.78
C THR A 83 4.61 -16.12 13.62
N LEU A 84 5.69 -15.57 13.08
CA LEU A 84 6.97 -15.55 13.80
C LEU A 84 7.74 -14.27 13.51
N PRO A 85 8.51 -13.81 14.50
CA PRO A 85 9.31 -12.58 14.38
C PRO A 85 10.48 -12.75 13.42
N GLY A 86 10.60 -11.81 12.48
CA GLY A 86 11.68 -11.87 11.51
C GLY A 86 11.47 -10.93 10.35
N ASP A 87 12.49 -10.79 9.51
CA ASP A 87 12.41 -9.92 8.34
C ASP A 87 11.53 -10.54 7.26
N TYR A 88 10.34 -9.98 7.08
CA TYR A 88 9.41 -10.48 6.07
C TYR A 88 9.68 -9.84 4.72
N SER A 89 9.94 -10.68 3.71
CA SER A 89 10.22 -10.20 2.37
C SER A 89 8.93 -10.00 1.58
N ILE A 90 8.40 -8.78 1.63
CA ILE A 90 7.17 -8.46 0.92
C ILE A 90 7.43 -8.22 -0.57
N LEU A 91 6.67 -8.89 -1.42
CA LEU A 91 6.82 -8.75 -2.86
C LEU A 91 5.53 -8.25 -3.50
N VAL A 92 5.53 -6.99 -3.92
CA VAL A 92 4.35 -6.39 -4.54
C VAL A 92 4.63 -6.03 -6.01
N LYS A 93 3.65 -6.29 -6.87
CA LYS A 93 3.79 -6.00 -8.29
C LYS A 93 2.53 -5.31 -8.83
N TYR A 94 2.72 -4.40 -9.78
CA TYR A 94 1.60 -3.68 -10.37
C TYR A 94 1.63 -3.79 -11.90
N ASN A 95 0.81 -4.68 -12.44
CA ASN A 95 0.74 -4.87 -13.88
C ASN A 95 2.00 -5.58 -14.39
N ASP A 96 2.45 -6.58 -13.64
CA ASP A 96 3.64 -7.33 -14.02
C ASP A 96 4.89 -6.45 -13.95
N LYS A 97 4.98 -5.65 -12.90
CA LYS A 97 6.13 -4.76 -12.71
C LYS A 97 6.36 -4.46 -11.24
N HIS A 98 7.61 -4.52 -10.81
CA HIS A 98 7.96 -4.25 -9.43
C HIS A 98 8.09 -2.76 -9.17
N ILE A 99 7.65 -2.32 -7.99
CA ILE A 99 7.71 -0.90 -7.63
C ILE A 99 9.13 -0.52 -7.22
N PRO A 100 9.42 0.80 -7.29
CA PRO A 100 10.73 1.34 -6.94
C PRO A 100 11.00 1.25 -5.43
N GLY A 101 11.75 0.24 -5.02
CA GLY A 101 12.07 0.07 -3.61
C GLY A 101 11.94 -1.36 -3.16
N SER A 102 11.15 -2.14 -3.89
CA SER A 102 10.94 -3.54 -3.56
C SER A 102 12.17 -4.38 -3.90
N PRO A 103 12.34 -5.51 -3.19
CA PRO A 103 11.41 -5.94 -2.15
C PRO A 103 11.48 -5.04 -0.92
N PHE A 104 10.71 -5.39 0.11
CA PHE A 104 10.68 -4.62 1.34
C PHE A 104 11.21 -5.45 2.51
N THR A 105 11.77 -4.76 3.51
CA THR A 105 12.31 -5.44 4.68
C THR A 105 11.71 -4.87 5.97
N ALA A 106 10.77 -5.60 6.55
CA ALA A 106 10.13 -5.17 7.78
C ALA A 106 10.84 -5.74 9.01
N LYS A 107 11.02 -4.91 10.02
CA LYS A 107 11.68 -5.33 11.25
C LYS A 107 10.66 -5.74 12.31
N ILE A 108 10.25 -7.01 12.26
CA ILE A 108 9.29 -7.53 13.22
C ILE A 108 9.98 -8.22 14.39
N THR A 109 9.39 -8.10 15.57
CA THR A 109 9.95 -8.70 16.77
C THR A 109 8.87 -9.38 17.60
N ASP A 110 9.29 -10.10 18.64
CA ASP A 110 8.36 -10.79 19.52
C ASP A 110 8.38 -10.21 20.93
N ASP A 111 7.21 -9.86 21.44
CA ASP A 111 7.10 -9.29 22.78
C ASP A 111 6.41 -10.26 23.73
N SER A 112 6.78 -11.53 23.64
CA SER A 112 6.20 -12.56 24.50
C SER A 112 6.79 -12.52 25.90
N ARG A 113 6.87 -11.31 26.45
CA ARG A 113 7.42 -11.13 27.79
C ARG A 113 6.49 -11.72 28.85
N ARG A 114 6.79 -12.95 29.28
CA ARG A 114 5.98 -13.62 30.29
C ARG A 114 6.70 -14.87 30.81
N CYS A 115 7.14 -14.81 32.05
CA CYS A 115 7.84 -15.92 32.68
C CYS A 115 7.25 -17.25 32.23
#